data_8WLA
#
_entry.id   8WLA
#
_cell.length_a   1.00
_cell.length_b   1.00
_cell.length_c   1.00
_cell.angle_alpha   90.00
_cell.angle_beta   90.00
_cell.angle_gamma   90.00
#
_symmetry.space_group_name_H-M   'P 1'
#
loop_
_entity.id
_entity.type
_entity.pdbx_description
1 polymer 'GTP-binding protein RHO1'
2 polymer '1,3-beta-glucan synthase component FKS1'
#
loop_
_entity_poly.entity_id
_entity_poly.type
_entity_poly.pdbx_seq_one_letter_code
_entity_poly.pdbx_strand_id
1 'polypeptide(L)'
;MSQQVGNSIRRKLVIVGDGACGKTCLLIVFSKGQFPEVYVPTVFENYVADVEVDGRRVELALWDTAGHEDYDRLRPLSYP
DSNVVLICFSIDLPDSLENVQEKWIAEVLHFCQGVPIILVGCKVDLRNDPQTIEQLRQEGQQPVTSQEGQSVADQIGATG
YYECSAKTGYGVREVFEAATRASLMGKSKTNGKAKKNTTEKKKKKCVLL
;
A
2 'polypeptide(L)'
;MNTDQQPYQGQTDYTQGPGNGQSQEQDYDQYGQPLYPSQADGYYDPNVAAGTEADMYGQQPPNESYDQDYTNGEYYGQPP
NMAAQDGENFSDFSSYGPPGTPGYDSYGGQYTASQMSYGEPNSSGTSTPIYGNYDPNAIAMALPNEPYPAWTADSQSPVS
IEQIEDIFIDLTNRLGFQRDSMRNMFDHFMVLLDSRSSRMSPDQALLSLHADYIGGDTANYKKWYFAAQLDMDDEIGFRN
MSLGKLSRKARKAKKKNKKAMEEANPEDTEETLNKIEGDNSLEAADFRWKAKMNQLSPLERVRHIALYLLCWGEANQVRF
TAECLCFIYKCALDYLDSPLCQQRQEPMPEGDFLNRVITPIYHFIRNQVYEIVDGRFVKRERDHNKIVGYDDLNQLFWYP
EGIAKIVLEDGTKLIELPLEERYLRLGDVVWDDVFFKTYKETRTWLHLVTNFNRIWVMHISIFWMYFAYNSPTFYTHNYQ
QLVDNQPLAAYKWASCALGGTVASLIQIVATLCEWSFVPRKWAGAQHLSRRFWFLCIIFGINLGPIIFVFAYDKDTVYST
AAHVVAAVMFFVAVATIIFFSIMPLGGLFTSYMKKSTRRYVASQTFTAAFAPLHGLDRWMSYLVWVTVFAAKYSESYYFL
VLSLRDPIRILSTTAMRCTGEYWWGAVLCKVQPKIVLGLVIATDFILFFLDTYLWYIIVNTIFSVGKSFYLGISILTPWR
NIFTRLPKRIYSKILATTDMEIKYKPKVLISQVWNAIIISMYREHLLAIDHVQKLLYHQVPSEIEGKRTLRAPTFFVSQD
DNNFETEFFPRDSEAERRISFFAQSLSTPIPEPLPVDNMPTFTVLTPHYAERILLSLREIIREDDQFSRVTLLEYLKQLH
PVEWECFVKDTKILAEETAAYEGNENEAEKEDALKSQIDDLPFYCIGFKSAAPEYTLRTRIWASLRSQTLYRTISGFMNY
SRAIKLLYRVENPEIVQMFGGNAEGLERELEKMARRKFKFLVSMQRLAKFKPHELENAEFLLRAYPDLQIAYLDEEPPLT
EGEEPRIYSALIDGHCEILDNGRRRPKFRVQLSGNPILGDGKSDNQNHALIFYRGEYIQLIDANQDNYLEECLKIRSVLA
EFEELNVEQVNPYAPGLRYEEQTTNHPVAIVGAREYIFSENSGVLGDVAAGKEQTFGTLFARTLSQIGGKLHYGHPDFIN
ATFMTTRGGVSKAQKGLHLNEDIYAGMNAMLRGGRIKHCEYYQCGKGRDLGFGTILNFTTKIGAGMGEQMLSREYYYLGT
QLPVDRFLTFYYAHPGFHLNNLFIQLSLQMFMLTLVNLSSLAHESIMCIYDRNKPKTDVLVPIGCYNFQPAVDWVRRYTL
SIFIVFWIAFVPIVVQELIERGLWKATQRFFCHLLSLSPMFEVFAGQIYSSALLSDLAIGGARYISTGRGFATSRIPFSI
LYSRFAGSAIYMGARSMLMLLFGTVAHWQAPLLWFWASLSSLIFAPFVFNPHQFAWEDFFLDYRDYIRWLSRGNNQYHRN
SWIGYVRMSRARITGFKRKLVGDESEKAAGDASRAHRTNLIMAEIIPCAIYAAGCFIAFTFINAQTGVKTTDDDRVNSVL
RIIICTLAPIAVNLGVLFFCMGMSCCSGPLFGMCCKKTGSVMAGIAHGVAVIVHIAFFIVMWVLESFNFVRMLIGVVTCI
QCQRLIFHCMTALMLTREFKNDHANTAFWTGKWYGKGMGYMAWTQPSRELTAKVIELSEFAADFVLGHVILICQLPLIII
PKIDKFHSIMLFWLKPSRQIRPPIYSLKQTRLRKRMVKKYCSLYFLVLAIFAGCIIGPAVASAKIHKHIGDSLDGVVHNL
FQPINTTNNDTGSQMSTYQSHYYTHTPSLKTWSTIK
;
B
#
# COMPACT_ATOMS: atom_id res chain seq x y z
N ILE A 9 -4.16 -41.61 20.04
CA ILE A 9 -3.58 -40.26 19.72
C ILE A 9 -4.71 -39.33 19.24
N ARG A 10 -4.43 -38.04 19.12
CA ARG A 10 -5.44 -37.08 18.61
C ARG A 10 -5.36 -37.02 17.07
N ARG A 11 -5.99 -37.98 16.39
CA ARG A 11 -5.93 -38.04 14.91
C ARG A 11 -7.01 -37.11 14.33
N LYS A 12 -6.63 -36.30 13.33
CA LYS A 12 -7.57 -35.40 12.70
C LYS A 12 -7.78 -35.79 11.24
N LEU A 13 -9.01 -35.67 10.77
CA LEU A 13 -9.37 -35.95 9.39
C LEU A 13 -9.63 -34.63 8.67
N VAL A 14 -8.94 -34.43 7.53
CA VAL A 14 -8.98 -33.19 6.79
C VAL A 14 -9.41 -33.47 5.36
N ILE A 15 -10.39 -32.71 4.87
CA ILE A 15 -10.86 -32.80 3.50
C ILE A 15 -10.63 -31.44 2.84
N VAL A 16 -9.94 -31.45 1.70
CA VAL A 16 -9.61 -30.23 0.98
C VAL A 16 -9.91 -30.43 -0.49
N GLY A 17 -10.13 -29.32 -1.18
CA GLY A 17 -10.41 -29.36 -2.60
C GLY A 17 -11.03 -28.08 -3.08
N ASP A 18 -10.93 -27.87 -4.40
CA ASP A 18 -11.52 -26.69 -5.01
C ASP A 18 -13.04 -26.80 -4.99
N GLY A 19 -13.70 -25.69 -5.35
CA GLY A 19 -15.14 -25.65 -5.28
C GLY A 19 -15.81 -26.50 -6.34
N ALA A 20 -17.00 -27.00 -6.00
CA ALA A 20 -17.83 -27.76 -6.92
C ALA A 20 -17.06 -28.93 -7.53
N CYS A 21 -16.28 -29.60 -6.70
CA CYS A 21 -15.54 -30.80 -7.11
C CYS A 21 -16.07 -32.07 -6.44
N GLY A 22 -17.24 -32.00 -5.83
CA GLY A 22 -17.86 -33.15 -5.20
C GLY A 22 -17.64 -33.27 -3.71
N LYS A 23 -16.98 -32.29 -3.08
CA LYS A 23 -16.76 -32.35 -1.64
C LYS A 23 -18.07 -32.27 -0.87
N THR A 24 -18.90 -31.28 -1.18
CA THR A 24 -20.11 -31.08 -0.40
C THR A 24 -21.04 -32.30 -0.49
N CYS A 25 -21.15 -32.88 -1.68
CA CYS A 25 -22.06 -34.01 -1.86
C CYS A 25 -21.67 -35.18 -0.97
N LEU A 26 -20.44 -35.66 -1.12
CA LEU A 26 -19.99 -36.82 -0.35
C LEU A 26 -19.94 -36.49 1.14
N LEU A 27 -19.53 -35.27 1.48
CA LEU A 27 -19.45 -34.87 2.89
C LEU A 27 -20.83 -34.92 3.54
N ILE A 28 -21.86 -34.39 2.88
CA ILE A 28 -23.18 -34.40 3.48
C ILE A 28 -23.76 -35.81 3.50
N VAL A 29 -23.45 -36.64 2.49
CA VAL A 29 -23.93 -38.02 2.51
C VAL A 29 -23.34 -38.78 3.69
N PHE A 30 -22.02 -38.63 3.91
CA PHE A 30 -21.37 -39.37 4.99
C PHE A 30 -21.76 -38.80 6.36
N SER A 31 -21.77 -37.48 6.49
CA SER A 31 -21.97 -36.86 7.81
C SER A 31 -23.41 -37.07 8.28
N LYS A 32 -24.38 -36.80 7.42
CA LYS A 32 -25.79 -36.85 7.81
C LYS A 32 -26.59 -37.87 7.01
N GLY A 33 -26.36 -37.99 5.71
CA GLY A 33 -27.04 -38.99 4.92
C GLY A 33 -27.91 -38.43 3.81
N GLN A 34 -27.51 -37.29 3.25
CA GLN A 34 -28.25 -36.66 2.16
C GLN A 34 -27.29 -36.28 1.06
N PHE A 35 -27.79 -36.34 -0.19
CA PHE A 35 -27.00 -36.00 -1.35
C PHE A 35 -27.45 -34.64 -1.88
N PRO A 36 -26.75 -33.55 -1.56
CA PRO A 36 -27.17 -32.23 -2.07
C PRO A 36 -26.77 -32.05 -3.53
N GLU A 37 -27.74 -31.66 -4.36
CA GLU A 37 -27.43 -31.37 -5.76
C GLU A 37 -26.66 -30.06 -5.92
N VAL A 38 -26.67 -29.20 -4.91
CA VAL A 38 -25.98 -27.92 -4.95
C VAL A 38 -24.62 -28.06 -4.28
N TYR A 39 -23.60 -27.46 -4.88
CA TYR A 39 -22.26 -27.43 -4.32
C TYR A 39 -22.11 -26.16 -3.50
N VAL A 40 -22.03 -26.31 -2.18
CA VAL A 40 -21.91 -25.18 -1.26
C VAL A 40 -20.45 -25.08 -0.82
N PRO A 41 -19.72 -24.04 -1.20
CA PRO A 41 -18.30 -23.94 -0.79
C PRO A 41 -18.16 -23.90 0.72
N THR A 42 -17.39 -24.84 1.26
CA THR A 42 -17.10 -24.87 2.69
C THR A 42 -15.84 -24.05 2.97
N VAL A 43 -15.94 -23.13 3.92
CA VAL A 43 -14.82 -22.24 4.24
C VAL A 43 -13.91 -22.92 5.25
N PHE A 44 -14.44 -23.20 6.44
CA PHE A 44 -13.65 -23.83 7.49
C PHE A 44 -14.60 -24.26 8.60
N GLU A 45 -14.69 -25.58 8.84
CA GLU A 45 -15.58 -26.11 9.86
C GLU A 45 -15.17 -27.56 10.13
N ASN A 46 -15.94 -28.23 10.98
CA ASN A 46 -15.63 -29.60 11.38
C ASN A 46 -16.92 -30.35 11.69
N TYR A 47 -17.01 -31.58 11.22
CA TYR A 47 -18.14 -32.46 11.48
C TYR A 47 -17.67 -33.66 12.31
N VAL A 48 -18.65 -34.34 12.91
CA VAL A 48 -18.41 -35.52 13.73
C VAL A 48 -19.17 -36.68 13.13
N ALA A 49 -18.46 -37.80 12.92
CA ALA A 49 -19.06 -39.02 12.39
C ALA A 49 -18.75 -40.19 13.32
N ASP A 50 -19.76 -41.03 13.56
CA ASP A 50 -19.62 -42.19 14.42
C ASP A 50 -19.28 -43.40 13.56
N VAL A 51 -18.07 -43.91 13.70
CA VAL A 51 -17.61 -45.08 12.96
C VAL A 51 -17.09 -46.10 13.96
N GLU A 52 -17.45 -47.37 13.74
CA GLU A 52 -17.05 -48.46 14.63
C GLU A 52 -15.70 -48.98 14.17
N VAL A 53 -14.69 -48.85 15.02
CA VAL A 53 -13.33 -49.27 14.72
C VAL A 53 -12.87 -50.21 15.83
N ASP A 54 -12.47 -51.43 15.44
CA ASP A 54 -12.00 -52.43 16.39
C ASP A 54 -13.04 -52.70 17.48
N GLY A 55 -14.32 -52.63 17.12
CA GLY A 55 -15.38 -52.79 18.09
C GLY A 55 -15.46 -51.66 19.10
N ARG A 56 -15.00 -50.47 18.73
CA ARG A 56 -15.01 -49.30 19.59
C ARG A 56 -15.71 -48.16 18.87
N ARG A 57 -16.41 -47.33 19.65
CA ARG A 57 -17.11 -46.17 19.10
C ARG A 57 -16.09 -45.05 18.92
N VAL A 58 -15.84 -44.66 17.66
CA VAL A 58 -14.87 -43.63 17.32
C VAL A 58 -15.61 -42.48 16.66
N GLU A 59 -15.37 -41.27 17.15
CA GLU A 59 -15.89 -40.06 16.55
C GLU A 59 -14.81 -39.42 15.70
N LEU A 60 -15.17 -39.04 14.47
CA LEU A 60 -14.21 -38.56 13.48
C LEU A 60 -14.23 -37.04 13.45
N ALA A 61 -13.04 -36.43 13.57
CA ALA A 61 -12.90 -34.98 13.50
C ALA A 61 -12.82 -34.58 12.03
N LEU A 62 -13.99 -34.52 11.41
CA LEU A 62 -14.09 -34.26 9.97
C LEU A 62 -13.91 -32.77 9.70
N TRP A 63 -12.65 -32.33 9.77
CA TRP A 63 -12.32 -30.96 9.40
C TRP A 63 -12.58 -30.76 7.91
N ASP A 64 -13.15 -29.60 7.57
CA ASP A 64 -13.46 -29.26 6.20
C ASP A 64 -13.02 -27.83 5.91
N THR A 65 -12.52 -27.61 4.70
CA THR A 65 -12.13 -26.27 4.26
C THR A 65 -11.89 -26.29 2.76
N ALA A 66 -12.37 -25.26 2.08
CA ALA A 66 -12.16 -25.15 0.64
C ALA A 66 -10.68 -24.95 0.34
N GLY A 67 -10.25 -25.49 -0.79
CA GLY A 67 -8.86 -25.46 -1.20
C GLY A 67 -8.43 -24.22 -1.95
N HIS A 68 -9.29 -23.21 -2.04
CA HIS A 68 -8.94 -22.00 -2.76
C HIS A 68 -7.87 -21.21 -2.01
N GLU A 69 -7.05 -20.47 -2.78
CA GLU A 69 -5.98 -19.68 -2.18
C GLU A 69 -6.52 -18.53 -1.33
N ASP A 70 -7.78 -18.15 -1.52
CA ASP A 70 -8.34 -17.06 -0.72
C ASP A 70 -8.43 -17.42 0.75
N TYR A 71 -8.48 -18.71 1.07
CA TYR A 71 -8.66 -19.19 2.44
C TYR A 71 -7.36 -19.66 3.08
N ASP A 72 -6.23 -19.05 2.72
CA ASP A 72 -4.94 -19.49 3.23
C ASP A 72 -4.71 -19.12 4.69
N ARG A 73 -5.62 -18.40 5.33
CA ARG A 73 -5.45 -17.99 6.72
C ARG A 73 -6.02 -18.99 7.71
N LEU A 74 -7.14 -19.64 7.36
CA LEU A 74 -7.82 -20.55 8.27
C LEU A 74 -7.53 -22.02 8.00
N ARG A 75 -7.31 -22.39 6.74
CA ARG A 75 -7.14 -23.80 6.39
C ARG A 75 -5.87 -24.41 6.98
N PRO A 76 -4.77 -23.67 7.16
CA PRO A 76 -3.57 -24.32 7.73
C PRO A 76 -3.65 -24.61 9.21
N LEU A 77 -4.66 -24.07 9.91
CA LEU A 77 -4.70 -24.18 11.36
C LEU A 77 -4.85 -25.63 11.82
N SER A 78 -5.71 -26.40 11.15
CA SER A 78 -6.03 -27.76 11.58
C SER A 78 -5.27 -28.83 10.80
N TYR A 79 -4.43 -28.44 9.85
CA TYR A 79 -3.64 -29.43 9.12
C TYR A 79 -2.72 -30.24 10.03
N PRO A 80 -2.05 -29.65 11.02
CA PRO A 80 -1.14 -30.45 11.86
C PRO A 80 -1.86 -31.60 12.54
N ASP A 81 -1.13 -32.70 12.72
CA ASP A 81 -1.64 -33.88 13.42
C ASP A 81 -2.87 -34.46 12.73
N SER A 82 -2.74 -34.68 11.42
CA SER A 82 -3.79 -35.29 10.61
C SER A 82 -3.26 -36.58 10.00
N ASN A 83 -4.07 -37.64 10.10
CA ASN A 83 -3.66 -38.94 9.57
C ASN A 83 -3.95 -39.04 8.07
N VAL A 84 -5.22 -38.89 7.70
CA VAL A 84 -5.65 -39.01 6.31
C VAL A 84 -6.16 -37.65 5.84
N VAL A 85 -5.62 -37.17 4.73
CA VAL A 85 -6.05 -35.94 4.10
C VAL A 85 -6.77 -36.32 2.82
N LEU A 86 -8.03 -35.90 2.70
CA LEU A 86 -8.85 -36.24 1.54
C LEU A 86 -8.74 -35.11 0.52
N ILE A 87 -7.62 -35.09 -0.19
CA ILE A 87 -7.40 -34.12 -1.25
C ILE A 87 -8.36 -34.46 -2.39
N CYS A 88 -9.34 -33.59 -2.63
CA CYS A 88 -10.40 -33.85 -3.60
C CYS A 88 -9.96 -33.30 -4.96
N PHE A 89 -9.59 -34.21 -5.86
CA PHE A 89 -9.25 -33.86 -7.23
C PHE A 89 -10.06 -34.73 -8.17
N SER A 90 -10.42 -34.15 -9.32
CA SER A 90 -11.19 -34.88 -10.31
C SER A 90 -10.30 -35.89 -11.02
N ILE A 91 -10.78 -37.14 -11.10
CA ILE A 91 -10.03 -38.18 -11.80
C ILE A 91 -9.86 -37.81 -13.27
N ASP A 92 -10.92 -37.31 -13.90
CA ASP A 92 -10.89 -36.98 -15.31
C ASP A 92 -10.03 -35.75 -15.61
N LEU A 93 -9.60 -35.01 -14.61
CA LEU A 93 -8.81 -33.79 -14.81
C LEU A 93 -7.42 -34.00 -14.21
N PRO A 94 -6.43 -34.43 -15.00
CA PRO A 94 -5.07 -34.58 -14.45
C PRO A 94 -4.44 -33.26 -14.05
N ASP A 95 -4.95 -32.12 -14.50
CA ASP A 95 -4.41 -30.84 -14.05
C ASP A 95 -4.59 -30.68 -12.55
N SER A 96 -5.76 -31.09 -12.02
CA SER A 96 -5.96 -31.03 -10.58
C SER A 96 -4.98 -31.94 -9.84
N LEU A 97 -4.73 -33.15 -10.38
CA LEU A 97 -3.76 -34.03 -9.76
C LEU A 97 -2.35 -33.44 -9.80
N GLU A 98 -2.00 -32.80 -10.91
CA GLU A 98 -0.71 -32.12 -10.99
C GLU A 98 -0.62 -31.01 -9.95
N ASN A 99 -1.71 -30.27 -9.76
CA ASN A 99 -1.73 -29.27 -8.69
C ASN A 99 -1.60 -29.91 -7.32
N VAL A 100 -2.18 -31.10 -7.13
CA VAL A 100 -2.02 -31.81 -5.85
C VAL A 100 -0.54 -32.08 -5.60
N GLN A 101 0.14 -32.69 -6.57
CA GLN A 101 1.57 -32.96 -6.43
C GLN A 101 2.36 -31.67 -6.26
N GLU A 102 1.91 -30.60 -6.93
CA GLU A 102 2.67 -29.35 -6.97
C GLU A 102 2.61 -28.62 -5.63
N LYS A 103 1.42 -28.52 -5.04
CA LYS A 103 1.22 -27.71 -3.85
C LYS A 103 0.72 -28.52 -2.66
N TRP A 104 -0.29 -29.37 -2.85
CA TRP A 104 -0.94 -29.98 -1.69
C TRP A 104 -0.04 -30.97 -0.99
N ILE A 105 0.73 -31.77 -1.75
CA ILE A 105 1.63 -32.72 -1.12
C ILE A 105 2.68 -31.99 -0.30
N ALA A 106 3.21 -30.89 -0.84
CA ALA A 106 4.19 -30.11 -0.10
C ALA A 106 3.60 -29.57 1.19
N GLU A 107 2.37 -29.05 1.12
CA GLU A 107 1.73 -28.52 2.34
C GLU A 107 1.46 -29.63 3.35
N VAL A 108 1.00 -30.79 2.90
CA VAL A 108 0.73 -31.89 3.82
C VAL A 108 2.02 -32.33 4.51
N LEU A 109 3.11 -32.47 3.75
CA LEU A 109 4.39 -32.78 4.37
C LEU A 109 4.82 -31.67 5.32
N HIS A 110 4.52 -30.41 4.96
CA HIS A 110 4.92 -29.29 5.79
C HIS A 110 4.23 -29.32 7.15
N PHE A 111 2.93 -29.64 7.17
CA PHE A 111 2.18 -29.62 8.42
C PHE A 111 2.13 -30.99 9.09
N CYS A 112 1.77 -32.04 8.34
CA CYS A 112 1.67 -33.37 8.92
C CYS A 112 3.05 -33.91 9.24
N GLN A 113 3.50 -33.74 10.48
CA GLN A 113 4.82 -34.19 10.92
C GLN A 113 4.66 -35.27 11.99
N GLY A 114 5.32 -36.40 11.79
CA GLY A 114 5.26 -37.48 12.75
C GLY A 114 3.95 -38.23 12.75
N VAL A 115 3.14 -38.10 11.70
CA VAL A 115 1.85 -38.77 11.62
C VAL A 115 1.73 -39.45 10.26
N PRO A 116 1.14 -40.65 10.18
CA PRO A 116 0.96 -41.29 8.87
C PRO A 116 0.11 -40.42 7.95
N ILE A 117 0.41 -40.50 6.66
CA ILE A 117 -0.25 -39.70 5.63
C ILE A 117 -0.88 -40.63 4.62
N ILE A 118 -2.17 -40.42 4.34
CA ILE A 118 -2.93 -41.22 3.38
C ILE A 118 -3.45 -40.30 2.30
N LEU A 119 -3.27 -40.70 1.04
CA LEU A 119 -3.76 -39.96 -0.10
C LEU A 119 -5.05 -40.59 -0.59
N VAL A 120 -6.04 -39.75 -0.88
CA VAL A 120 -7.38 -40.20 -1.25
C VAL A 120 -7.76 -39.60 -2.60
N GLY A 121 -8.29 -40.43 -3.49
CA GLY A 121 -8.81 -39.98 -4.78
C GLY A 121 -10.32 -40.07 -4.79
N CYS A 122 -10.96 -38.97 -5.18
CA CYS A 122 -12.41 -38.86 -5.19
C CYS A 122 -12.97 -39.17 -6.57
N LYS A 123 -14.30 -39.19 -6.65
CA LYS A 123 -15.01 -39.38 -7.91
C LYS A 123 -14.61 -40.70 -8.57
N VAL A 124 -14.69 -41.78 -7.80
CA VAL A 124 -14.40 -43.10 -8.36
C VAL A 124 -15.47 -43.51 -9.37
N ASP A 125 -16.70 -43.01 -9.20
CA ASP A 125 -17.78 -43.36 -10.13
C ASP A 125 -17.55 -42.75 -11.50
N LEU A 126 -16.89 -41.59 -11.57
CA LEU A 126 -16.62 -40.92 -12.84
C LEU A 126 -15.16 -41.10 -13.27
N ARG A 127 -14.60 -42.29 -13.02
CA ARG A 127 -13.19 -42.52 -13.32
C ARG A 127 -12.90 -42.46 -14.81
N ASN A 128 -13.82 -42.94 -15.65
CA ASN A 128 -13.57 -43.12 -17.07
C ASN A 128 -14.72 -42.57 -17.91
N ASP A 129 -15.16 -41.35 -17.61
CA ASP A 129 -16.22 -40.72 -18.38
C ASP A 129 -15.63 -40.21 -19.71
N PRO A 130 -16.03 -40.80 -20.85
CA PRO A 130 -15.37 -40.42 -22.11
C PRO A 130 -15.57 -38.97 -22.51
N GLN A 131 -16.76 -38.39 -22.30
CA GLN A 131 -16.99 -37.03 -22.77
C GLN A 131 -16.09 -36.03 -22.04
N THR A 132 -16.06 -36.11 -20.71
CA THR A 132 -15.22 -35.20 -19.94
C THR A 132 -13.74 -35.46 -20.21
N ILE A 133 -13.35 -36.73 -20.34
CA ILE A 133 -11.96 -37.05 -20.63
C ILE A 133 -11.55 -36.44 -21.96
N GLU A 134 -12.40 -36.57 -22.98
CA GLU A 134 -12.09 -36.01 -24.28
C GLU A 134 -12.01 -34.49 -24.22
N GLN A 135 -12.93 -33.86 -23.50
CA GLN A 135 -12.92 -32.40 -23.41
C GLN A 135 -11.81 -31.85 -22.53
N LEU A 136 -11.16 -32.70 -21.72
CA LEU A 136 -10.04 -32.27 -20.89
C LEU A 136 -8.69 -32.74 -21.40
N ARG A 137 -8.65 -33.67 -22.35
CA ARG A 137 -7.41 -34.11 -22.98
C ARG A 137 -7.13 -33.37 -24.28
N GLN A 138 -7.99 -32.43 -24.67
CA GLN A 138 -7.73 -31.63 -25.87
C GLN A 138 -6.42 -30.88 -25.75
N GLU A 139 -5.95 -30.61 -24.53
CA GLU A 139 -4.69 -29.93 -24.29
C GLU A 139 -3.54 -30.92 -24.09
N GLY A 140 -3.75 -32.19 -24.40
CA GLY A 140 -2.70 -33.19 -24.30
C GLY A 140 -2.50 -33.72 -22.89
N GLN A 141 -3.54 -34.33 -22.34
CA GLN A 141 -3.48 -34.94 -21.01
C GLN A 141 -3.67 -36.45 -21.15
N GLN A 142 -3.61 -37.14 -20.01
CA GLN A 142 -3.72 -38.60 -19.98
C GLN A 142 -4.78 -39.02 -18.97
N PRO A 143 -5.39 -40.17 -19.18
CA PRO A 143 -6.37 -40.68 -18.19
C PRO A 143 -5.70 -41.02 -16.87
N VAL A 144 -6.46 -40.86 -15.79
CA VAL A 144 -6.01 -41.17 -14.44
C VAL A 144 -6.78 -42.39 -13.96
N THR A 145 -6.06 -43.39 -13.48
CA THR A 145 -6.64 -44.63 -12.99
C THR A 145 -6.24 -44.83 -11.52
N SER A 146 -6.77 -45.90 -10.92
CA SER A 146 -6.38 -46.22 -9.56
C SER A 146 -4.88 -46.51 -9.47
N GLN A 147 -4.33 -47.16 -10.49
CA GLN A 147 -2.89 -47.40 -10.49
C GLN A 147 -2.12 -46.09 -10.63
N GLU A 148 -2.65 -45.13 -11.38
CA GLU A 148 -1.99 -43.83 -11.47
C GLU A 148 -1.96 -43.14 -10.10
N GLY A 149 -3.08 -43.17 -9.39
CA GLY A 149 -3.10 -42.60 -8.05
C GLY A 149 -2.16 -43.32 -7.11
N GLN A 150 -2.09 -44.64 -7.21
CA GLN A 150 -1.15 -45.41 -6.40
C GLN A 150 0.29 -45.06 -6.75
N SER A 151 0.57 -44.81 -8.02
CA SER A 151 1.90 -44.37 -8.43
C SER A 151 2.23 -43.01 -7.81
N VAL A 152 1.26 -42.09 -7.81
CA VAL A 152 1.49 -40.79 -7.18
C VAL A 152 1.77 -40.98 -5.70
N ALA A 153 1.00 -41.84 -5.04
CA ALA A 153 1.20 -42.09 -3.62
C ALA A 153 2.58 -42.69 -3.36
N ASP A 154 3.01 -43.61 -4.22
CA ASP A 154 4.33 -44.22 -4.07
C ASP A 154 5.43 -43.18 -4.24
N GLN A 155 5.29 -42.28 -5.22
CA GLN A 155 6.31 -41.26 -5.44
C GLN A 155 6.44 -40.33 -4.23
N ILE A 156 5.31 -39.95 -3.64
CA ILE A 156 5.31 -39.04 -2.49
C ILE A 156 5.58 -39.74 -1.17
N GLY A 157 5.75 -41.06 -1.18
CA GLY A 157 5.97 -41.79 0.06
C GLY A 157 4.79 -41.79 1.00
N ALA A 158 3.57 -41.82 0.46
CA ALA A 158 2.38 -41.89 1.29
C ALA A 158 2.23 -43.30 1.88
N THR A 159 1.60 -43.37 3.05
CA THR A 159 1.40 -44.65 3.72
C THR A 159 0.33 -45.50 3.03
N GLY A 160 -0.40 -44.95 2.06
CA GLY A 160 -1.40 -45.71 1.34
C GLY A 160 -2.29 -44.85 0.48
N TYR A 161 -2.80 -45.41 -0.61
CA TYR A 161 -3.73 -44.70 -1.50
C TYR A 161 -5.08 -45.43 -1.43
N TYR A 162 -5.98 -44.90 -0.62
CA TYR A 162 -7.32 -45.44 -0.46
C TYR A 162 -8.33 -44.51 -1.13
N GLU A 163 -9.16 -45.07 -2.01
CA GLU A 163 -10.19 -44.31 -2.70
C GLU A 163 -11.54 -44.57 -2.06
N CYS A 164 -12.22 -43.49 -1.68
CA CYS A 164 -13.54 -43.57 -1.07
C CYS A 164 -14.47 -42.57 -1.74
N SER A 165 -15.74 -42.93 -1.85
CA SER A 165 -16.76 -42.06 -2.43
C SER A 165 -18.04 -42.23 -1.63
N ALA A 166 -18.36 -41.23 -0.80
CA ALA A 166 -19.56 -41.29 0.01
C ALA A 166 -20.84 -41.22 -0.81
N LYS A 167 -20.74 -40.81 -2.07
CA LYS A 167 -21.94 -40.72 -2.90
C LYS A 167 -22.64 -42.07 -3.03
N THR A 168 -21.87 -43.12 -3.25
CA THR A 168 -22.39 -44.48 -3.31
C THR A 168 -21.91 -45.33 -2.15
N GLY A 169 -21.19 -44.76 -1.19
CA GLY A 169 -20.68 -45.50 -0.06
C GLY A 169 -19.45 -46.31 -0.34
N TYR A 170 -18.84 -46.18 -1.52
CA TYR A 170 -17.67 -46.96 -1.84
C TYR A 170 -16.49 -46.57 -0.96
N GLY A 171 -15.91 -47.56 -0.30
CA GLY A 171 -14.65 -47.34 0.41
C GLY A 171 -14.78 -46.69 1.77
N VAL A 172 -15.72 -45.74 1.90
CA VAL A 172 -15.72 -44.86 3.07
C VAL A 172 -15.66 -45.66 4.36
N ARG A 173 -16.48 -46.71 4.47
CA ARG A 173 -16.49 -47.51 5.70
C ARG A 173 -15.10 -48.07 5.99
N GLU A 174 -14.61 -48.93 5.09
CA GLU A 174 -13.33 -49.60 5.32
C GLU A 174 -12.17 -48.61 5.29
N VAL A 175 -12.21 -47.65 4.36
CA VAL A 175 -11.11 -46.69 4.24
C VAL A 175 -10.97 -45.88 5.53
N PHE A 176 -12.09 -45.41 6.07
CA PHE A 176 -12.03 -44.59 7.28
C PHE A 176 -11.68 -45.43 8.51
N GLU A 177 -12.18 -46.67 8.57
CA GLU A 177 -11.77 -47.55 9.67
C GLU A 177 -10.27 -47.81 9.63
N ALA A 178 -9.72 -48.04 8.43
CA ALA A 178 -8.29 -48.23 8.30
C ALA A 178 -7.54 -46.94 8.67
N ALA A 179 -8.08 -45.79 8.27
CA ALA A 179 -7.44 -44.53 8.63
C ALA A 179 -7.34 -44.39 10.14
N THR A 180 -8.39 -44.75 10.86
CA THR A 180 -8.31 -44.77 12.33
C THR A 180 -7.27 -45.77 12.79
N ARG A 181 -7.21 -46.94 12.14
CA ARG A 181 -6.24 -47.96 12.51
C ARG A 181 -4.83 -47.66 12.02
N ALA A 182 -4.68 -46.78 11.03
CA ALA A 182 -3.35 -46.44 10.54
C ALA A 182 -2.51 -45.73 11.59
N SER A 183 -3.15 -45.17 12.63
CA SER A 183 -2.39 -44.56 13.71
C SER A 183 -1.53 -45.59 14.44
N LEU A 184 -1.95 -46.85 14.44
CA LEU A 184 -1.17 -47.93 15.03
C LEU A 184 -0.35 -48.70 14.01
N MET A 185 -0.87 -48.89 12.79
CA MET A 185 -0.10 -49.56 11.76
C MET A 185 1.11 -48.73 11.34
N GLY A 186 0.94 -47.42 11.23
CA GLY A 186 2.03 -46.53 10.85
C GLY A 186 2.21 -46.42 9.35
N PRO B 144 -31.11 10.55 38.29
CA PRO B 144 -31.28 10.32 36.86
C PRO B 144 -32.19 9.11 36.56
N ASN B 145 -31.61 7.92 36.48
CA ASN B 145 -32.38 6.70 36.20
C ASN B 145 -33.15 6.81 34.88
N GLU B 146 -32.53 7.43 33.88
CA GLU B 146 -33.10 7.53 32.54
C GLU B 146 -32.10 7.04 31.52
N PRO B 147 -32.56 6.49 30.40
CA PRO B 147 -31.61 6.07 29.36
C PRO B 147 -30.79 7.22 28.81
N TYR B 148 -31.37 8.42 28.74
CA TYR B 148 -30.71 9.60 28.18
C TYR B 148 -30.87 10.75 29.17
N PRO B 149 -30.13 10.72 30.28
CA PRO B 149 -30.42 11.67 31.37
C PRO B 149 -30.36 13.13 30.97
N ALA B 150 -29.41 13.52 30.12
CA ALA B 150 -29.20 14.94 29.86
C ALA B 150 -30.44 15.59 29.26
N TRP B 151 -30.98 15.00 28.19
CA TRP B 151 -32.16 15.59 27.55
C TRP B 151 -33.41 15.37 28.39
N THR B 152 -33.55 14.18 28.99
CA THR B 152 -34.78 13.87 29.73
C THR B 152 -34.93 14.74 30.97
N ALA B 153 -33.85 14.95 31.72
CA ALA B 153 -33.95 15.63 33.00
C ALA B 153 -34.28 17.11 32.83
N ASP B 154 -33.64 17.78 31.87
CA ASP B 154 -33.81 19.22 31.73
C ASP B 154 -35.23 19.56 31.34
N SER B 155 -35.89 20.37 32.16
CA SER B 155 -37.26 20.80 31.86
C SER B 155 -37.31 21.79 30.70
N GLN B 156 -36.17 22.37 30.33
CA GLN B 156 -36.11 23.29 29.20
C GLN B 156 -36.11 22.59 27.85
N SER B 157 -36.01 21.26 27.84
CA SER B 157 -35.99 20.53 26.58
C SER B 157 -37.25 20.82 25.77
N PRO B 158 -37.13 21.27 24.52
CA PRO B 158 -38.34 21.66 23.78
C PRO B 158 -39.23 20.50 23.38
N VAL B 159 -38.66 19.31 23.16
CA VAL B 159 -39.41 18.15 22.69
C VAL B 159 -39.21 17.01 23.67
N SER B 160 -40.31 16.43 24.13
CA SER B 160 -40.27 15.30 25.04
C SER B 160 -39.89 14.03 24.28
N ILE B 161 -39.36 13.05 25.02
CA ILE B 161 -38.96 11.79 24.40
C ILE B 161 -40.15 11.12 23.74
N GLU B 162 -41.33 11.21 24.35
CA GLU B 162 -42.52 10.60 23.76
C GLU B 162 -42.81 11.20 22.39
N GLN B 163 -42.63 12.52 22.26
CA GLN B 163 -42.84 13.16 20.97
C GLN B 163 -41.84 12.68 19.92
N ILE B 164 -40.58 12.49 20.32
CA ILE B 164 -39.58 11.98 19.38
C ILE B 164 -39.95 10.56 18.94
N GLU B 165 -40.35 9.72 19.90
CA GLU B 165 -40.80 8.38 19.55
C GLU B 165 -41.97 8.43 18.59
N ASP B 166 -42.93 9.32 18.85
CA ASP B 166 -44.10 9.45 18.00
C ASP B 166 -43.73 9.86 16.58
N ILE B 167 -42.83 10.84 16.44
CA ILE B 167 -42.47 11.30 15.11
C ILE B 167 -41.68 10.22 14.36
N PHE B 168 -40.80 9.50 15.05
CA PHE B 168 -40.12 8.39 14.40
C PHE B 168 -41.12 7.35 13.92
N ILE B 169 -42.11 7.01 14.74
CA ILE B 169 -43.10 6.02 14.35
C ILE B 169 -43.91 6.53 13.17
N ASP B 170 -44.25 7.82 13.16
CA ASP B 170 -45.00 8.38 12.04
C ASP B 170 -44.21 8.28 10.74
N LEU B 171 -42.93 8.62 10.78
CA LEU B 171 -42.09 8.50 9.59
C LEU B 171 -42.03 7.05 9.13
N THR B 172 -41.85 6.11 10.05
CA THR B 172 -41.81 4.71 9.67
C THR B 172 -43.12 4.28 9.01
N ASN B 173 -44.26 4.73 9.56
CA ASN B 173 -45.54 4.37 8.98
C ASN B 173 -45.66 4.93 7.57
N ARG B 174 -45.23 6.17 7.35
CA ARG B 174 -45.44 6.80 6.06
C ARG B 174 -44.47 6.32 4.99
N LEU B 175 -43.25 5.92 5.36
CA LEU B 175 -42.28 5.46 4.38
C LEU B 175 -41.89 4.00 4.55
N GLY B 176 -42.41 3.31 5.56
CA GLY B 176 -42.17 1.89 5.68
C GLY B 176 -40.73 1.50 5.94
N PHE B 177 -40.05 2.23 6.82
CA PHE B 177 -38.76 1.77 7.30
C PHE B 177 -38.95 0.56 8.21
N GLN B 178 -37.92 -0.28 8.27
CA GLN B 178 -37.98 -1.45 9.14
C GLN B 178 -38.18 -1.00 10.58
N ARG B 179 -39.10 -1.67 11.28
CA ARG B 179 -39.38 -1.28 12.66
C ARG B 179 -38.12 -1.36 13.52
N ASP B 180 -37.34 -2.42 13.34
CA ASP B 180 -36.12 -2.55 14.14
C ASP B 180 -35.08 -1.51 13.75
N SER B 181 -34.99 -1.20 12.46
CA SER B 181 -34.13 -0.09 12.04
C SER B 181 -34.61 1.23 12.64
N MET B 182 -35.93 1.43 12.69
CA MET B 182 -36.45 2.63 13.33
C MET B 182 -36.05 2.70 14.79
N ARG B 183 -36.17 1.58 15.50
CA ARG B 183 -35.76 1.57 16.90
C ARG B 183 -34.29 1.88 17.05
N ASN B 184 -33.44 1.28 16.21
CA ASN B 184 -32.02 1.55 16.30
C ASN B 184 -31.70 3.01 16.05
N MET B 185 -32.33 3.61 15.03
CA MET B 185 -32.04 5.00 14.73
C MET B 185 -32.64 5.95 15.76
N PHE B 186 -33.76 5.56 16.38
CA PHE B 186 -34.29 6.35 17.50
C PHE B 186 -33.30 6.35 18.65
N ASP B 187 -32.73 5.18 18.97
CA ASP B 187 -31.70 5.14 19.99
C ASP B 187 -30.50 5.99 19.59
N HIS B 188 -30.10 5.92 18.32
CA HIS B 188 -28.96 6.70 17.85
C HIS B 188 -29.22 8.20 18.00
N PHE B 189 -30.40 8.65 17.60
CA PHE B 189 -30.73 10.07 17.70
C PHE B 189 -30.80 10.53 19.15
N MET B 190 -31.40 9.70 20.02
CA MET B 190 -31.46 10.09 21.43
C MET B 190 -30.06 10.17 22.04
N VAL B 191 -29.17 9.26 21.65
CA VAL B 191 -27.80 9.33 22.16
C VAL B 191 -27.11 10.59 21.65
N LEU B 192 -27.33 10.93 20.38
CA LEU B 192 -26.75 12.17 19.87
C LEU B 192 -27.26 13.37 20.66
N LEU B 193 -28.56 13.41 20.94
CA LEU B 193 -29.10 14.53 21.71
C LEU B 193 -28.54 14.57 23.13
N ASP B 194 -28.38 13.40 23.75
CA ASP B 194 -27.81 13.36 25.09
C ASP B 194 -26.38 13.88 25.09
N SER B 195 -25.55 13.39 24.17
CA SER B 195 -24.16 13.83 24.11
C SER B 195 -24.06 15.32 23.79
N ARG B 196 -24.84 15.77 22.82
CA ARG B 196 -24.76 17.18 22.40
C ARG B 196 -25.31 18.10 23.47
N SER B 197 -26.39 17.70 24.15
CA SER B 197 -26.98 18.51 25.20
C SER B 197 -26.19 18.47 26.51
N SER B 198 -25.32 17.48 26.69
CA SER B 198 -24.55 17.41 27.94
C SER B 198 -23.67 18.62 28.12
N ARG B 199 -23.24 19.26 27.03
CA ARG B 199 -22.34 20.40 27.10
C ARG B 199 -22.96 21.70 26.61
N MET B 200 -24.28 21.77 26.51
CA MET B 200 -24.96 23.00 26.12
C MET B 200 -26.44 22.86 26.44
N SER B 201 -27.20 23.91 26.13
CA SER B 201 -28.63 23.89 26.41
C SER B 201 -29.33 22.93 25.44
N PRO B 202 -30.46 22.35 25.86
CA PRO B 202 -31.13 21.38 24.98
C PRO B 202 -31.50 21.94 23.62
N ASP B 203 -32.22 23.07 23.58
CA ASP B 203 -32.62 23.63 22.30
C ASP B 203 -31.42 24.00 21.45
N GLN B 204 -30.36 24.51 22.08
CA GLN B 204 -29.13 24.78 21.34
C GLN B 204 -28.56 23.49 20.76
N ALA B 205 -28.62 22.40 21.53
CA ALA B 205 -28.11 21.12 21.03
C ALA B 205 -28.90 20.64 19.82
N LEU B 206 -30.22 20.72 19.89
CA LEU B 206 -31.04 20.32 18.75
C LEU B 206 -30.78 21.20 17.55
N LEU B 207 -30.65 22.51 17.76
CA LEU B 207 -30.34 23.42 16.66
C LEU B 207 -29.00 23.09 16.03
N SER B 208 -27.99 22.79 16.86
CA SER B 208 -26.68 22.45 16.32
C SER B 208 -26.73 21.15 15.54
N LEU B 209 -27.50 20.17 16.02
CA LEU B 209 -27.64 18.92 15.29
C LEU B 209 -28.29 19.16 13.93
N HIS B 210 -29.36 19.95 13.91
CA HIS B 210 -29.99 20.28 12.64
C HIS B 210 -29.01 20.97 11.70
N ALA B 211 -28.24 21.92 12.23
CA ALA B 211 -27.29 22.64 11.40
C ALA B 211 -26.22 21.71 10.86
N ASP B 212 -25.71 20.81 11.70
CA ASP B 212 -24.66 19.90 11.27
C ASP B 212 -25.16 18.92 10.21
N TYR B 213 -26.41 18.49 10.31
CA TYR B 213 -26.88 17.45 9.41
C TYR B 213 -27.47 17.99 8.12
N ILE B 214 -28.36 18.98 8.16
CA ILE B 214 -28.99 19.46 6.93
C ILE B 214 -28.82 20.96 6.74
N GLY B 215 -29.05 21.76 7.76
CA GLY B 215 -29.22 23.19 7.59
C GLY B 215 -27.97 24.03 7.55
N GLY B 216 -26.94 23.65 8.31
CA GLY B 216 -25.79 24.49 8.46
C GLY B 216 -24.87 24.45 7.24
N ASP B 217 -24.00 25.47 7.17
CA ASP B 217 -23.02 25.52 6.09
C ASP B 217 -22.04 24.34 6.16
N THR B 218 -21.97 23.67 7.30
CA THR B 218 -21.17 22.46 7.43
C THR B 218 -21.97 21.20 7.12
N ALA B 219 -23.22 21.33 6.66
CA ALA B 219 -24.07 20.19 6.35
C ALA B 219 -23.88 19.78 4.91
N ASN B 220 -23.63 18.48 4.69
CA ASN B 220 -23.46 17.99 3.33
C ASN B 220 -24.75 18.16 2.51
N TYR B 221 -25.91 18.06 3.16
CA TYR B 221 -27.15 18.22 2.42
C TYR B 221 -27.28 19.62 1.85
N LYS B 222 -26.88 20.64 2.60
CA LYS B 222 -26.92 21.99 2.05
C LYS B 222 -26.00 22.12 0.84
N LYS B 223 -24.78 21.58 0.94
CA LYS B 223 -23.86 21.65 -0.18
C LYS B 223 -24.46 20.98 -1.41
N TRP B 224 -25.05 19.79 -1.23
CA TRP B 224 -25.65 19.13 -2.38
C TRP B 224 -26.84 19.92 -2.92
N TYR B 225 -27.67 20.47 -2.03
CA TYR B 225 -28.83 21.21 -2.50
C TYR B 225 -28.40 22.39 -3.36
N PHE B 226 -27.39 23.13 -2.91
CA PHE B 226 -26.90 24.26 -3.70
C PHE B 226 -26.20 23.80 -4.98
N ALA B 227 -25.54 22.64 -4.95
CA ALA B 227 -24.82 22.18 -6.13
C ALA B 227 -25.78 21.67 -7.21
N ALA B 228 -26.86 21.02 -6.81
CA ALA B 228 -27.77 20.38 -7.77
C ALA B 228 -29.07 21.13 -7.98
N GLN B 229 -29.85 21.37 -6.91
CA GLN B 229 -31.14 22.01 -7.09
C GLN B 229 -31.00 23.47 -7.48
N LEU B 230 -30.08 24.19 -6.84
CA LEU B 230 -29.88 25.60 -7.15
C LEU B 230 -28.80 25.84 -8.20
N ASP B 231 -28.00 24.84 -8.52
CA ASP B 231 -27.00 24.94 -9.59
C ASP B 231 -26.07 26.12 -9.34
N MET B 232 -25.38 26.09 -8.20
CA MET B 232 -24.54 27.19 -7.75
C MET B 232 -23.07 26.80 -7.61
N ASP B 233 -22.63 25.76 -8.32
CA ASP B 233 -21.26 25.29 -8.15
C ASP B 233 -20.25 26.34 -8.63
N ASP B 234 -20.50 26.95 -9.78
CA ASP B 234 -19.59 27.96 -10.30
C ASP B 234 -19.54 29.18 -9.38
N GLU B 235 -20.68 29.59 -8.83
CA GLU B 235 -20.68 30.69 -7.88
C GLU B 235 -19.88 30.35 -6.64
N ILE B 236 -19.95 29.09 -6.19
CA ILE B 236 -19.17 28.68 -5.02
C ILE B 236 -17.69 28.68 -5.34
N GLY B 237 -17.32 28.28 -6.56
CA GLY B 237 -15.94 28.40 -6.98
C GLY B 237 -15.48 29.86 -7.01
N PHE B 238 -16.36 30.75 -7.49
CA PHE B 238 -16.10 32.18 -7.45
C PHE B 238 -15.80 32.62 -6.01
N ARG B 239 -16.67 32.23 -5.08
CA ARG B 239 -16.50 32.63 -3.69
C ARG B 239 -15.20 32.08 -3.11
N ASN B 240 -14.90 30.80 -3.38
CA ASN B 240 -13.66 30.22 -2.86
C ASN B 240 -12.45 30.96 -3.40
N MET B 241 -12.46 31.28 -4.69
CA MET B 241 -11.35 32.05 -5.27
C MET B 241 -11.23 33.41 -4.59
N SER B 242 -12.36 34.06 -4.32
CA SER B 242 -12.32 35.37 -3.66
C SER B 242 -11.73 35.26 -2.25
N LEU B 243 -12.09 34.21 -1.51
CA LEU B 243 -11.62 34.08 -0.13
C LEU B 243 -10.11 33.88 -0.07
N GLY B 244 -9.54 33.19 -1.05
CA GLY B 244 -8.12 32.87 -1.03
C GLY B 244 -7.23 34.09 -1.13
N ASN B 280 -31.42 34.22 -7.79
CA ASN B 280 -30.79 35.36 -8.46
C ASN B 280 -29.28 35.30 -8.32
N SER B 281 -28.80 35.37 -7.08
CA SER B 281 -27.39 35.33 -6.77
C SER B 281 -27.16 34.41 -5.57
N LEU B 282 -25.90 34.01 -5.39
CA LEU B 282 -25.56 33.10 -4.32
C LEU B 282 -25.93 33.69 -2.95
N GLU B 283 -25.65 34.97 -2.75
CA GLU B 283 -25.98 35.58 -1.46
C GLU B 283 -27.48 35.56 -1.22
N ALA B 284 -28.27 35.88 -2.24
CA ALA B 284 -29.72 35.91 -2.08
C ALA B 284 -30.27 34.53 -1.76
N ALA B 285 -29.81 33.51 -2.50
CA ALA B 285 -30.27 32.15 -2.25
C ALA B 285 -29.87 31.69 -0.84
N ASP B 286 -28.65 32.02 -0.42
CA ASP B 286 -28.23 31.66 0.93
C ASP B 286 -29.10 32.34 1.98
N PHE B 287 -29.44 33.61 1.76
CA PHE B 287 -30.30 34.30 2.71
C PHE B 287 -31.68 33.66 2.76
N ARG B 288 -32.24 33.32 1.61
CA ARG B 288 -33.54 32.66 1.59
C ARG B 288 -33.48 31.32 2.34
N TRP B 289 -32.42 30.54 2.10
CA TRP B 289 -32.27 29.27 2.78
C TRP B 289 -32.17 29.44 4.28
N LYS B 290 -31.37 30.42 4.73
CA LYS B 290 -31.23 30.66 6.16
C LYS B 290 -32.56 31.06 6.78
N ALA B 291 -33.31 31.95 6.13
CA ALA B 291 -34.60 32.34 6.66
C ALA B 291 -35.54 31.14 6.75
N LYS B 292 -35.59 30.33 5.69
CA LYS B 292 -36.43 29.15 5.70
C LYS B 292 -36.08 28.24 6.86
N MET B 293 -34.79 28.02 7.11
CA MET B 293 -34.39 27.20 8.24
C MET B 293 -34.80 27.83 9.55
N ASN B 294 -34.68 29.15 9.68
CA ASN B 294 -35.02 29.80 10.95
C ASN B 294 -36.50 29.64 11.26
N GLN B 295 -37.36 29.70 10.25
CA GLN B 295 -38.79 29.61 10.52
C GLN B 295 -39.21 28.27 11.13
N LEU B 296 -38.37 27.24 11.03
CA LEU B 296 -38.77 25.91 11.48
C LEU B 296 -38.98 25.85 12.98
N SER B 297 -40.02 25.14 13.40
CA SER B 297 -40.25 24.86 14.80
C SER B 297 -39.45 23.65 15.24
N PRO B 298 -39.24 23.46 16.55
CA PRO B 298 -38.40 22.35 17.01
C PRO B 298 -38.87 20.99 16.52
N LEU B 299 -40.18 20.76 16.51
CA LEU B 299 -40.69 19.46 16.06
C LEU B 299 -40.31 19.21 14.61
N GLU B 300 -40.37 20.24 13.77
CA GLU B 300 -39.98 20.09 12.38
C GLU B 300 -38.50 19.75 12.25
N ARG B 301 -37.65 20.36 13.07
CA ARG B 301 -36.23 20.04 13.03
C ARG B 301 -35.99 18.59 13.43
N VAL B 302 -36.68 18.12 14.47
CA VAL B 302 -36.56 16.72 14.86
C VAL B 302 -37.02 15.83 13.71
N ARG B 303 -38.12 16.19 13.04
CA ARG B 303 -38.60 15.38 11.94
C ARG B 303 -37.58 15.28 10.82
N HIS B 304 -36.97 16.42 10.46
CA HIS B 304 -35.96 16.40 9.40
C HIS B 304 -34.80 15.48 9.78
N ILE B 305 -34.25 15.67 10.99
CA ILE B 305 -33.09 14.87 11.39
C ILE B 305 -33.45 13.39 11.43
N ALA B 306 -34.63 13.06 11.97
CA ALA B 306 -35.04 11.67 12.06
C ALA B 306 -35.21 11.05 10.68
N LEU B 307 -35.81 11.79 9.75
CA LEU B 307 -35.94 11.26 8.40
C LEU B 307 -34.58 10.97 7.79
N TYR B 308 -33.62 11.90 7.96
CA TYR B 308 -32.31 11.64 7.41
C TYR B 308 -31.67 10.42 8.06
N LEU B 309 -31.76 10.30 9.38
CA LEU B 309 -31.12 9.19 10.07
C LEU B 309 -31.72 7.86 9.64
N LEU B 310 -33.04 7.79 9.50
CA LEU B 310 -33.66 6.55 9.04
C LEU B 310 -33.20 6.19 7.63
N CYS B 311 -33.18 7.17 6.72
CA CYS B 311 -32.70 6.90 5.37
C CYS B 311 -31.26 6.40 5.40
N TRP B 312 -30.41 7.03 6.23
CA TRP B 312 -29.02 6.64 6.32
C TRP B 312 -28.87 5.22 6.87
N GLY B 313 -29.65 4.88 7.88
CA GLY B 313 -29.59 3.53 8.43
C GLY B 313 -30.01 2.49 7.42
N GLU B 314 -31.02 2.80 6.61
CA GLU B 314 -31.49 1.86 5.59
C GLU B 314 -30.66 1.86 4.31
N ALA B 315 -29.76 2.84 4.13
CA ALA B 315 -29.05 2.97 2.87
C ALA B 315 -28.21 1.73 2.55
N ASN B 316 -27.55 1.16 3.55
CA ASN B 316 -26.72 -0.02 3.38
C ASN B 316 -25.57 0.31 2.44
N GLN B 317 -25.45 -0.31 1.26
CA GLN B 317 -24.31 -0.05 0.39
C GLN B 317 -24.33 1.38 -0.15
N VAL B 318 -25.52 1.97 -0.32
CA VAL B 318 -25.63 3.33 -0.82
C VAL B 318 -25.01 4.35 0.11
N ARG B 319 -24.71 3.96 1.36
CA ARG B 319 -24.07 4.90 2.29
C ARG B 319 -22.76 5.43 1.73
N PHE B 320 -22.04 4.65 0.94
CA PHE B 320 -20.80 5.13 0.35
C PHE B 320 -21.05 6.23 -0.67
N THR B 321 -22.18 6.17 -1.37
CA THR B 321 -22.55 7.19 -2.36
C THR B 321 -23.47 8.18 -1.67
N ALA B 322 -22.86 9.08 -0.89
CA ALA B 322 -23.63 9.94 0.00
C ALA B 322 -24.60 10.83 -0.77
N GLU B 323 -24.19 11.38 -1.92
CA GLU B 323 -25.09 12.28 -2.63
C GLU B 323 -26.31 11.56 -3.17
N CYS B 324 -26.20 10.28 -3.52
CA CYS B 324 -27.39 9.51 -3.85
C CYS B 324 -28.34 9.45 -2.67
N LEU B 325 -27.79 9.26 -1.47
CA LEU B 325 -28.61 9.26 -0.27
C LEU B 325 -29.28 10.62 -0.06
N CYS B 326 -28.55 11.70 -0.36
CA CYS B 326 -29.13 13.03 -0.23
C CYS B 326 -30.27 13.24 -1.21
N PHE B 327 -30.11 12.75 -2.44
CA PHE B 327 -31.20 12.86 -3.41
C PHE B 327 -32.42 12.07 -2.97
N ILE B 328 -32.21 10.86 -2.47
CA ILE B 328 -33.32 10.06 -1.97
C ILE B 328 -34.01 10.77 -0.81
N TYR B 329 -33.21 11.41 0.05
CA TYR B 329 -33.78 12.16 1.17
C TYR B 329 -34.61 13.35 0.69
N LYS B 330 -34.13 14.05 -0.34
CA LYS B 330 -34.90 15.15 -0.90
C LYS B 330 -36.24 14.65 -1.44
N CYS B 331 -36.21 13.53 -2.18
CA CYS B 331 -37.45 12.96 -2.68
C CYS B 331 -38.38 12.56 -1.54
N ALA B 332 -37.84 11.98 -0.47
CA ALA B 332 -38.65 11.59 0.66
C ALA B 332 -39.30 12.79 1.33
N LEU B 333 -38.54 13.87 1.51
CA LEU B 333 -39.13 15.07 2.10
C LEU B 333 -40.25 15.62 1.24
N ASP B 334 -40.01 15.71 -0.08
CA ASP B 334 -41.05 16.19 -0.96
C ASP B 334 -42.30 15.33 -0.87
N TYR B 335 -42.12 14.01 -0.82
CA TYR B 335 -43.27 13.12 -0.69
C TYR B 335 -44.02 13.37 0.60
N LEU B 336 -43.30 13.44 1.71
CA LEU B 336 -43.95 13.59 3.01
C LEU B 336 -44.74 14.89 3.10
N ASP B 337 -44.15 16.00 2.66
CA ASP B 337 -44.83 17.28 2.77
C ASP B 337 -46.01 17.41 1.81
N SER B 338 -46.12 16.54 0.82
CA SER B 338 -47.18 16.66 -0.16
C SER B 338 -48.53 16.28 0.45
N PRO B 339 -49.63 16.89 -0.03
CA PRO B 339 -50.96 16.46 0.43
C PRO B 339 -51.25 15.00 0.11
N LEU B 340 -50.69 14.45 -0.97
CA LEU B 340 -51.00 13.07 -1.34
C LEU B 340 -50.59 12.10 -0.25
N CYS B 341 -49.39 12.27 0.32
CA CYS B 341 -48.97 11.39 1.40
C CYS B 341 -49.91 11.50 2.61
N GLN B 342 -50.33 12.73 2.93
CA GLN B 342 -51.19 12.93 4.08
C GLN B 342 -52.57 12.30 3.87
N GLN B 343 -53.07 12.33 2.63
CA GLN B 343 -54.40 11.79 2.36
C GLN B 343 -54.46 10.29 2.66
N ARG B 344 -53.41 9.54 2.32
CA ARG B 344 -53.46 8.10 2.44
C ARG B 344 -53.68 7.68 3.89
N GLN B 345 -54.59 6.73 4.09
CA GLN B 345 -54.89 6.18 5.40
C GLN B 345 -54.32 4.79 5.60
N GLU B 346 -53.64 4.23 4.59
CA GLU B 346 -53.08 2.89 4.67
C GLU B 346 -51.57 2.97 4.81
N PRO B 347 -50.99 2.45 5.89
CA PRO B 347 -49.54 2.56 6.07
C PRO B 347 -48.77 1.82 4.99
N MET B 348 -47.61 2.35 4.64
CA MET B 348 -46.75 1.69 3.67
C MET B 348 -46.26 0.36 4.25
N PRO B 349 -46.23 -0.71 3.45
CA PRO B 349 -45.76 -1.99 3.99
C PRO B 349 -44.34 -1.88 4.53
N GLU B 350 -44.10 -2.58 5.64
CA GLU B 350 -42.79 -2.57 6.26
C GLU B 350 -41.74 -3.10 5.29
N GLY B 351 -40.59 -2.44 5.26
CA GLY B 351 -39.53 -2.83 4.34
C GLY B 351 -39.70 -2.31 2.93
N ASP B 352 -40.68 -1.44 2.69
CA ASP B 352 -40.86 -0.91 1.34
C ASP B 352 -39.64 -0.10 0.90
N PHE B 353 -39.08 0.71 1.81
CA PHE B 353 -37.94 1.54 1.45
C PHE B 353 -36.79 0.68 0.92
N LEU B 354 -36.37 -0.29 1.72
CA LEU B 354 -35.22 -1.11 1.34
C LEU B 354 -35.50 -1.89 0.05
N ASN B 355 -36.68 -2.50 -0.04
CA ASN B 355 -36.95 -3.39 -1.17
C ASN B 355 -37.22 -2.64 -2.46
N ARG B 356 -37.61 -1.37 -2.39
CA ARG B 356 -37.96 -0.61 -3.58
C ARG B 356 -36.86 0.34 -4.03
N VAL B 357 -36.29 1.13 -3.12
CA VAL B 357 -35.37 2.18 -3.52
C VAL B 357 -33.92 1.69 -3.46
N ILE B 358 -33.49 1.22 -2.29
CA ILE B 358 -32.09 0.83 -2.11
C ILE B 358 -31.78 -0.43 -2.91
N THR B 359 -32.68 -1.40 -2.90
CA THR B 359 -32.38 -2.69 -3.51
C THR B 359 -31.99 -2.58 -4.98
N PRO B 360 -32.70 -1.82 -5.82
CA PRO B 360 -32.25 -1.71 -7.22
C PRO B 360 -30.84 -1.19 -7.36
N ILE B 361 -30.45 -0.20 -6.54
CA ILE B 361 -29.11 0.36 -6.65
C ILE B 361 -28.08 -0.65 -6.18
N TYR B 362 -28.38 -1.39 -5.12
CA TYR B 362 -27.47 -2.44 -4.69
C TYR B 362 -27.30 -3.49 -5.78
N HIS B 363 -28.41 -3.86 -6.44
CA HIS B 363 -28.32 -4.82 -7.53
C HIS B 363 -27.46 -4.28 -8.66
N PHE B 364 -27.61 -2.99 -8.98
CA PHE B 364 -26.76 -2.39 -10.00
C PHE B 364 -25.29 -2.50 -9.62
N ILE B 365 -24.94 -2.11 -8.39
CA ILE B 365 -23.54 -2.14 -7.98
C ILE B 365 -23.01 -3.56 -8.03
N ARG B 366 -23.79 -4.53 -7.55
CA ARG B 366 -23.35 -5.91 -7.51
C ARG B 366 -23.14 -6.45 -8.92
N ASN B 367 -24.09 -6.19 -9.83
CA ASN B 367 -23.97 -6.71 -11.18
C ASN B 367 -22.75 -6.18 -11.91
N GLN B 368 -22.34 -4.94 -11.58
CA GLN B 368 -21.18 -4.34 -12.24
C GLN B 368 -19.88 -5.05 -11.89
N VAL B 369 -19.89 -5.95 -10.90
CA VAL B 369 -18.69 -6.65 -10.46
C VAL B 369 -18.81 -8.16 -10.64
N TYR B 370 -19.96 -8.73 -10.35
CA TYR B 370 -20.14 -10.18 -10.27
C TYR B 370 -21.10 -10.67 -11.34
N GLU B 371 -21.28 -11.99 -11.37
CA GLU B 371 -22.15 -12.67 -12.32
C GLU B 371 -22.57 -14.00 -11.70
N ILE B 372 -23.59 -14.62 -12.30
CA ILE B 372 -24.15 -15.87 -11.80
C ILE B 372 -23.94 -16.95 -12.85
N VAL B 373 -23.50 -18.13 -12.40
CA VAL B 373 -23.33 -19.30 -13.27
C VAL B 373 -23.83 -20.53 -12.52
N ASP B 374 -24.69 -21.30 -13.19
CA ASP B 374 -25.17 -22.58 -12.65
C ASP B 374 -25.76 -22.41 -11.25
N GLY B 375 -26.46 -21.31 -11.04
CA GLY B 375 -27.03 -21.01 -9.75
C GLY B 375 -26.02 -20.64 -8.68
N ARG B 376 -24.76 -20.45 -9.05
CA ARG B 376 -23.71 -20.07 -8.13
C ARG B 376 -23.15 -18.71 -8.52
N PHE B 377 -22.89 -17.88 -7.52
CA PHE B 377 -22.46 -16.51 -7.75
C PHE B 377 -20.95 -16.45 -7.95
N VAL B 378 -20.53 -15.97 -9.12
CA VAL B 378 -19.13 -15.98 -9.51
C VAL B 378 -18.62 -14.56 -9.63
N LYS B 379 -17.30 -14.42 -9.56
CA LYS B 379 -16.65 -13.13 -9.68
C LYS B 379 -16.30 -12.87 -11.14
N ARG B 380 -16.46 -11.62 -11.57
CA ARG B 380 -16.17 -11.21 -12.93
C ARG B 380 -15.18 -10.05 -12.90
N GLU B 381 -14.16 -10.13 -13.76
CA GLU B 381 -13.08 -9.16 -13.75
C GLU B 381 -13.05 -8.40 -15.08
N ARG B 382 -12.91 -7.08 -14.96
CA ARG B 382 -12.78 -6.21 -16.12
C ARG B 382 -11.86 -5.05 -15.75
N ASP B 383 -11.35 -4.38 -16.77
CA ASP B 383 -10.52 -3.21 -16.55
C ASP B 383 -11.31 -2.18 -15.75
N HIS B 384 -10.64 -1.56 -14.76
CA HIS B 384 -11.33 -0.58 -13.95
C HIS B 384 -11.92 0.54 -14.79
N ASN B 385 -11.34 0.81 -15.96
CA ASN B 385 -11.93 1.78 -16.87
C ASN B 385 -13.34 1.36 -17.29
N LYS B 386 -13.59 0.05 -17.37
CA LYS B 386 -14.89 -0.46 -17.80
C LYS B 386 -15.87 -0.59 -16.65
N ILE B 387 -15.41 -0.48 -15.41
CA ILE B 387 -16.25 -0.63 -14.22
C ILE B 387 -16.87 0.71 -13.87
N VAL B 388 -18.07 0.66 -13.31
CA VAL B 388 -18.74 1.85 -12.78
C VAL B 388 -18.81 1.71 -11.26
N GLY B 389 -17.82 2.27 -10.57
CA GLY B 389 -17.69 2.09 -9.14
C GLY B 389 -18.60 3.00 -8.35
N TYR B 390 -18.37 3.02 -7.04
CA TYR B 390 -19.20 3.82 -6.14
C TYR B 390 -19.13 5.29 -6.48
N ASP B 391 -17.92 5.81 -6.72
CA ASP B 391 -17.77 7.23 -7.01
C ASP B 391 -18.48 7.63 -8.30
N ASP B 392 -18.35 6.80 -9.34
CA ASP B 392 -19.00 7.12 -10.60
C ASP B 392 -20.52 7.14 -10.45
N LEU B 393 -21.05 6.23 -9.63
CA LEU B 393 -22.46 6.28 -9.26
C LEU B 393 -22.77 7.57 -8.50
N ASN B 394 -21.88 7.96 -7.59
CA ASN B 394 -22.08 9.14 -6.77
C ASN B 394 -22.09 10.41 -7.62
N GLN B 395 -21.13 10.54 -8.53
CA GLN B 395 -20.94 11.79 -9.24
C GLN B 395 -22.16 12.19 -10.04
N LEU B 396 -22.97 11.23 -10.47
CA LEU B 396 -24.12 11.57 -11.31
C LEU B 396 -25.04 12.56 -10.62
N PHE B 397 -25.07 12.57 -9.29
CA PHE B 397 -25.97 13.42 -8.53
C PHE B 397 -25.40 14.79 -8.23
N TRP B 398 -24.11 15.04 -8.48
CA TRP B 398 -23.53 16.34 -8.19
C TRP B 398 -24.14 17.43 -9.07
N TYR B 399 -24.18 17.20 -10.38
CA TYR B 399 -24.58 18.25 -11.31
C TYR B 399 -26.04 18.11 -11.68
N PRO B 400 -26.75 19.22 -11.91
CA PRO B 400 -28.16 19.11 -12.33
C PRO B 400 -28.34 18.32 -13.61
N GLU B 401 -27.40 18.44 -14.55
CA GLU B 401 -27.50 17.67 -15.79
C GLU B 401 -27.44 16.18 -15.50
N GLY B 402 -26.56 15.77 -14.58
CA GLY B 402 -26.53 14.37 -14.18
C GLY B 402 -27.85 13.90 -13.59
N ILE B 403 -28.49 14.76 -12.81
CA ILE B 403 -29.82 14.43 -12.29
C ILE B 403 -30.81 14.27 -13.44
N ALA B 404 -30.68 15.10 -14.48
CA ALA B 404 -31.61 15.05 -15.59
C ALA B 404 -31.49 13.76 -16.40
N LYS B 405 -30.35 13.08 -16.34
CA LYS B 405 -30.17 11.87 -17.14
C LYS B 405 -31.05 10.71 -16.67
N ILE B 406 -31.63 10.82 -15.47
CA ILE B 406 -32.40 9.71 -14.92
C ILE B 406 -33.71 9.55 -15.68
N VAL B 407 -34.00 8.33 -16.11
CA VAL B 407 -35.18 8.03 -16.90
C VAL B 407 -35.85 6.78 -16.34
N LEU B 408 -37.18 6.79 -16.30
CA LEU B 408 -37.93 5.63 -15.87
C LEU B 408 -37.86 4.52 -16.91
N GLU B 409 -38.43 3.37 -16.56
CA GLU B 409 -38.45 2.24 -17.48
C GLU B 409 -39.26 2.56 -18.73
N ASP B 410 -40.45 3.13 -18.56
CA ASP B 410 -41.29 3.41 -19.72
C ASP B 410 -40.64 4.42 -20.66
N GLY B 411 -39.69 5.21 -20.16
CA GLY B 411 -38.94 6.16 -20.98
C GLY B 411 -39.03 7.60 -20.50
N THR B 412 -40.07 7.96 -19.77
CA THR B 412 -40.23 9.35 -19.35
C THR B 412 -39.11 9.76 -18.39
N LYS B 413 -38.61 10.97 -18.58
CA LYS B 413 -37.57 11.50 -17.71
C LYS B 413 -38.10 11.73 -16.30
N LEU B 414 -37.30 11.37 -15.31
CA LEU B 414 -37.72 11.52 -13.93
C LEU B 414 -38.01 12.97 -13.57
N ILE B 415 -37.40 13.93 -14.28
CA ILE B 415 -37.59 15.34 -13.96
C ILE B 415 -39.01 15.79 -14.28
N GLU B 416 -39.61 15.23 -15.34
CA GLU B 416 -40.94 15.69 -15.75
C GLU B 416 -41.97 15.50 -14.65
N LEU B 417 -41.78 14.53 -13.77
CA LEU B 417 -42.76 14.27 -12.73
C LEU B 417 -42.73 15.37 -11.67
N PRO B 418 -43.89 15.72 -11.10
CA PRO B 418 -43.88 16.66 -9.98
C PRO B 418 -43.11 16.11 -8.79
N LEU B 419 -42.62 17.03 -7.95
CA LEU B 419 -41.76 16.61 -6.84
C LEU B 419 -42.45 15.60 -5.93
N GLU B 420 -43.75 15.74 -5.73
CA GLU B 420 -44.45 14.85 -4.81
C GLU B 420 -44.52 13.42 -5.35
N GLU B 421 -44.52 13.24 -6.66
CA GLU B 421 -44.63 11.91 -7.25
C GLU B 421 -43.30 11.18 -7.33
N ARG B 422 -42.18 11.89 -7.20
CA ARG B 422 -40.90 11.29 -7.55
C ARG B 422 -40.52 10.14 -6.63
N TYR B 423 -40.81 10.25 -5.33
CA TYR B 423 -40.39 9.19 -4.42
C TYR B 423 -41.04 7.87 -4.78
N LEU B 424 -42.33 7.88 -5.10
CA LEU B 424 -43.00 6.65 -5.49
C LEU B 424 -42.40 6.07 -6.77
N ARG B 425 -42.15 6.92 -7.77
CA ARG B 425 -41.62 6.43 -9.04
C ARG B 425 -40.16 6.00 -8.96
N LEU B 426 -39.46 6.30 -7.85
CA LEU B 426 -38.04 5.97 -7.77
C LEU B 426 -37.81 4.49 -8.01
N GLY B 427 -38.64 3.63 -7.41
CA GLY B 427 -38.48 2.20 -7.63
C GLY B 427 -38.65 1.81 -9.10
N ASP B 428 -39.51 2.53 -9.82
CA ASP B 428 -39.79 2.20 -11.20
C ASP B 428 -38.63 2.53 -12.13
N VAL B 429 -37.58 3.19 -11.63
CA VAL B 429 -36.48 3.60 -12.49
C VAL B 429 -35.58 2.42 -12.80
N VAL B 430 -34.86 2.50 -13.91
CA VAL B 430 -33.86 1.52 -14.31
C VAL B 430 -32.50 2.22 -14.29
N TRP B 431 -31.54 1.63 -13.56
CA TRP B 431 -30.27 2.30 -13.31
C TRP B 431 -29.19 1.94 -14.31
N ASP B 432 -29.24 0.75 -14.92
CA ASP B 432 -28.11 0.27 -15.70
C ASP B 432 -27.72 1.26 -16.79
N ASP B 433 -28.71 1.76 -17.54
CA ASP B 433 -28.44 2.69 -18.62
C ASP B 433 -28.36 4.14 -18.17
N VAL B 434 -28.73 4.44 -16.92
CA VAL B 434 -28.68 5.82 -16.44
C VAL B 434 -27.26 6.19 -16.03
N PHE B 435 -26.67 5.41 -15.13
CA PHE B 435 -25.32 5.72 -14.66
C PHE B 435 -24.34 5.60 -15.82
N PHE B 436 -23.08 5.94 -15.53
CA PHE B 436 -22.01 5.85 -16.52
C PHE B 436 -20.69 6.12 -15.80
N LYS B 437 -19.60 6.03 -16.56
CA LYS B 437 -18.26 6.22 -16.04
C LYS B 437 -17.84 7.67 -16.25
N THR B 438 -17.49 8.35 -15.17
CA THR B 438 -17.14 9.76 -15.23
C THR B 438 -15.64 9.98 -15.40
N TYR B 439 -14.81 9.19 -14.74
CA TYR B 439 -13.36 9.35 -14.77
C TYR B 439 -12.75 8.12 -15.42
N LYS B 440 -12.13 8.31 -16.57
CA LYS B 440 -11.52 7.23 -17.34
C LYS B 440 -10.01 7.25 -17.14
N GLU B 441 -9.43 6.07 -16.98
CA GLU B 441 -8.02 5.92 -16.62
C GLU B 441 -7.25 5.28 -17.77
N THR B 442 -6.01 5.73 -17.95
CA THR B 442 -5.14 5.25 -19.02
C THR B 442 -3.72 5.18 -18.48
N ARG B 443 -2.75 5.05 -19.39
CA ARG B 443 -1.35 4.82 -19.02
C ARG B 443 -0.90 5.80 -17.94
N THR B 444 0.03 5.32 -17.11
CA THR B 444 0.43 6.07 -15.92
C THR B 444 1.07 7.40 -16.27
N TRP B 445 1.95 7.43 -17.27
CA TRP B 445 2.69 8.66 -17.56
C TRP B 445 1.75 9.80 -17.99
N LEU B 446 0.62 9.47 -18.60
CA LEU B 446 -0.37 10.51 -18.90
C LEU B 446 -0.91 11.13 -17.62
N HIS B 447 -1.22 10.29 -16.63
CA HIS B 447 -1.67 10.82 -15.34
C HIS B 447 -0.59 11.70 -14.71
N LEU B 448 0.65 11.23 -14.73
CA LEU B 448 1.74 12.00 -14.13
C LEU B 448 1.91 13.34 -14.83
N VAL B 449 1.80 13.36 -16.15
CA VAL B 449 1.90 14.63 -16.89
C VAL B 449 0.76 15.55 -16.52
N THR B 450 -0.46 15.01 -16.40
CA THR B 450 -1.62 15.88 -16.16
C THR B 450 -1.61 16.45 -14.75
N ASN B 451 -1.64 15.58 -13.74
CA ASN B 451 -1.95 16.05 -12.39
C ASN B 451 -0.78 16.82 -11.78
N PHE B 452 0.46 16.41 -12.04
CA PHE B 452 1.63 17.07 -11.49
C PHE B 452 2.28 18.06 -12.46
N ASN B 453 1.46 18.74 -13.28
CA ASN B 453 2.02 19.54 -14.36
C ASN B 453 2.93 20.66 -13.84
N ARG B 454 2.59 21.26 -12.70
CA ARG B 454 3.35 22.40 -12.23
C ARG B 454 4.80 22.03 -11.92
N ILE B 455 5.02 20.85 -11.33
CA ILE B 455 6.37 20.40 -11.04
C ILE B 455 7.19 20.34 -12.32
N TRP B 456 6.66 19.66 -13.35
CA TRP B 456 7.39 19.55 -14.60
C TRP B 456 7.64 20.93 -15.20
N VAL B 457 6.63 21.80 -15.16
CA VAL B 457 6.80 23.12 -15.76
C VAL B 457 7.96 23.85 -15.12
N MET B 458 7.94 23.96 -13.78
CA MET B 458 8.98 24.75 -13.14
C MET B 458 10.35 24.13 -13.36
N HIS B 459 10.48 22.82 -13.14
CA HIS B 459 11.79 22.19 -13.24
C HIS B 459 12.34 22.30 -14.66
N ILE B 460 11.57 21.88 -15.65
CA ILE B 460 12.06 21.84 -17.01
C ILE B 460 12.33 23.24 -17.53
N SER B 461 11.42 24.20 -17.29
CA SER B 461 11.64 25.54 -17.80
C SER B 461 12.90 26.16 -17.20
N ILE B 462 13.08 26.04 -15.88
CA ILE B 462 14.28 26.62 -15.28
C ILE B 462 15.52 25.91 -15.78
N PHE B 463 15.45 24.60 -16.00
CA PHE B 463 16.62 23.90 -16.52
C PHE B 463 16.98 24.39 -17.91
N TRP B 464 15.97 24.59 -18.77
CA TRP B 464 16.26 25.13 -20.09
C TRP B 464 16.90 26.51 -19.98
N MET B 465 16.37 27.37 -19.12
CA MET B 465 16.93 28.70 -19.00
C MET B 465 18.38 28.67 -18.52
N TYR B 466 18.68 27.82 -17.53
CA TYR B 466 20.07 27.66 -17.09
C TYR B 466 20.95 27.16 -18.23
N PHE B 467 20.47 26.15 -18.96
CA PHE B 467 21.26 25.55 -20.03
C PHE B 467 21.46 26.53 -21.18
N ALA B 468 20.45 27.33 -21.49
CA ALA B 468 20.59 28.33 -22.56
C ALA B 468 21.61 29.39 -22.19
N TYR B 469 21.59 29.86 -20.94
CA TYR B 469 22.47 30.93 -20.51
C TYR B 469 23.94 30.53 -20.54
N ASN B 470 24.24 29.24 -20.53
CA ASN B 470 25.59 28.75 -20.28
C ASN B 470 26.19 28.02 -21.49
N SER B 471 25.63 28.19 -22.68
CA SER B 471 26.11 27.49 -23.88
C SER B 471 26.36 28.48 -25.01
N PRO B 472 27.42 29.27 -24.91
CA PRO B 472 27.69 30.27 -25.98
C PRO B 472 27.85 29.66 -27.36
N THR B 473 28.52 28.51 -27.46
CA THR B 473 28.79 27.93 -28.77
C THR B 473 27.51 27.58 -29.51
N PHE B 474 26.52 27.03 -28.78
CA PHE B 474 25.30 26.57 -29.44
C PHE B 474 24.57 27.71 -30.12
N TYR B 475 24.51 28.88 -29.48
CA TYR B 475 23.79 30.02 -30.02
C TYR B 475 24.70 31.09 -30.62
N THR B 476 26.00 30.84 -30.76
CA THR B 476 26.93 31.80 -31.35
C THR B 476 27.48 31.23 -32.66
N HIS B 477 27.39 32.01 -33.73
CA HIS B 477 27.87 31.56 -35.03
C HIS B 477 29.38 31.39 -35.01
N ASN B 478 29.83 30.25 -35.52
CA ASN B 478 31.27 29.97 -35.64
C ASN B 478 31.95 30.16 -34.29
N LEU B 488 26.89 36.80 -28.83
CA LEU B 488 26.11 38.02 -28.85
C LEU B 488 25.12 38.03 -27.68
N ALA B 489 25.06 39.14 -26.95
CA ALA B 489 24.17 39.22 -25.81
C ALA B 489 22.71 39.07 -26.22
N ALA B 490 22.35 39.62 -27.38
CA ALA B 490 20.97 39.51 -27.84
C ALA B 490 20.57 38.05 -28.02
N TYR B 491 21.44 37.26 -28.65
CA TYR B 491 21.13 35.84 -28.81
C TYR B 491 21.04 35.13 -27.46
N LYS B 492 21.92 35.49 -26.52
CA LYS B 492 21.86 34.88 -25.19
C LYS B 492 20.52 35.14 -24.53
N TRP B 493 20.08 36.40 -24.49
CA TRP B 493 18.81 36.71 -23.86
C TRP B 493 17.65 36.06 -24.59
N ALA B 494 17.66 36.11 -25.93
CA ALA B 494 16.58 35.52 -26.70
C ALA B 494 16.49 34.02 -26.45
N SER B 495 17.62 33.31 -26.49
CA SER B 495 17.59 31.87 -26.30
C SER B 495 17.00 31.50 -24.94
N CYS B 496 17.24 32.32 -23.91
CA CYS B 496 16.68 32.02 -22.59
C CYS B 496 15.16 32.15 -22.60
N ALA B 497 14.62 33.08 -23.40
CA ALA B 497 13.18 33.28 -23.42
C ALA B 497 12.43 32.05 -23.92
N LEU B 498 13.12 31.11 -24.56
CA LEU B 498 12.48 29.86 -24.96
C LEU B 498 11.96 29.09 -23.75
N GLY B 499 12.47 29.38 -22.56
CA GLY B 499 11.96 28.71 -21.37
C GLY B 499 10.46 28.87 -21.23
N GLY B 500 9.96 30.09 -21.46
CA GLY B 500 8.52 30.29 -21.41
C GLY B 500 7.79 29.48 -22.45
N THR B 501 8.35 29.37 -23.65
CA THR B 501 7.76 28.53 -24.68
C THR B 501 7.66 27.08 -24.22
N VAL B 502 8.71 26.59 -23.55
CA VAL B 502 8.67 25.23 -23.03
C VAL B 502 7.56 25.08 -21.99
N ALA B 503 7.39 26.09 -21.14
CA ALA B 503 6.32 26.02 -20.15
C ALA B 503 4.95 25.95 -20.82
N SER B 504 4.74 26.79 -21.84
CA SER B 504 3.47 26.76 -22.56
C SER B 504 3.26 25.40 -23.22
N LEU B 505 4.31 24.81 -23.78
CA LEU B 505 4.21 23.49 -24.37
C LEU B 505 3.80 22.45 -23.34
N ILE B 506 4.42 22.49 -22.15
CA ILE B 506 4.05 21.55 -21.10
C ILE B 506 2.59 21.72 -20.73
N GLN B 507 2.13 22.96 -20.62
CA GLN B 507 0.73 23.20 -20.30
C GLN B 507 -0.20 22.64 -21.36
N ILE B 508 0.14 22.82 -22.64
CA ILE B 508 -0.72 22.32 -23.71
C ILE B 508 -0.77 20.80 -23.69
N VAL B 509 0.38 20.15 -23.47
CA VAL B 509 0.38 18.69 -23.40
C VAL B 509 -0.46 18.20 -22.23
N ALA B 510 -0.32 18.86 -21.08
CA ALA B 510 -1.15 18.51 -19.93
C ALA B 510 -2.63 18.69 -20.24
N THR B 511 -2.98 19.75 -20.95
CA THR B 511 -4.38 19.98 -21.31
C THR B 511 -4.89 18.86 -22.22
N LEU B 512 -4.08 18.41 -23.17
CA LEU B 512 -4.53 17.33 -24.04
C LEU B 512 -4.75 16.04 -23.26
N CYS B 513 -3.83 15.73 -22.34
CA CYS B 513 -4.04 14.54 -21.50
C CYS B 513 -5.32 14.68 -20.67
N GLU B 514 -5.54 15.86 -20.10
CA GLU B 514 -6.76 16.10 -19.35
C GLU B 514 -7.99 15.87 -20.21
N TRP B 515 -7.97 16.39 -21.44
CA TRP B 515 -9.05 16.13 -22.38
C TRP B 515 -9.25 14.63 -22.55
N SER B 516 -8.16 13.87 -22.61
CA SER B 516 -8.28 12.42 -22.76
C SER B 516 -9.02 11.80 -21.57
N PHE B 517 -8.70 12.24 -20.35
CA PHE B 517 -9.23 11.55 -19.17
C PHE B 517 -10.76 11.61 -19.10
N VAL B 518 -11.34 12.80 -19.19
CA VAL B 518 -12.76 12.98 -18.90
C VAL B 518 -13.59 12.87 -20.18
N PRO B 519 -14.79 12.31 -20.13
CA PRO B 519 -15.62 12.22 -21.33
C PRO B 519 -16.10 13.59 -21.80
N ARG B 520 -16.37 13.69 -23.10
CA ARG B 520 -16.69 14.99 -23.69
C ARG B 520 -18.08 15.48 -23.27
N LYS B 521 -19.05 14.56 -23.15
CA LYS B 521 -20.41 14.99 -22.84
C LYS B 521 -20.52 15.55 -21.42
N TRP B 522 -19.77 14.98 -20.48
CA TRP B 522 -19.84 15.41 -19.09
C TRP B 522 -19.38 16.86 -18.97
N ALA B 523 -19.89 17.56 -17.95
CA ALA B 523 -19.59 18.98 -17.78
C ALA B 523 -18.09 19.20 -17.62
N GLY B 524 -17.56 20.16 -18.37
CA GLY B 524 -16.17 20.55 -18.31
C GLY B 524 -15.43 20.50 -19.63
N ALA B 525 -15.91 19.74 -20.61
CA ALA B 525 -15.19 19.60 -21.88
C ALA B 525 -15.05 20.95 -22.59
N GLN B 526 -16.13 21.74 -22.60
CA GLN B 526 -16.07 23.04 -23.27
C GLN B 526 -15.03 23.93 -22.60
N HIS B 527 -14.93 23.86 -21.27
CA HIS B 527 -13.88 24.59 -20.58
C HIS B 527 -12.51 24.12 -21.01
N LEU B 528 -12.33 22.80 -21.20
CA LEU B 528 -11.05 22.30 -21.69
C LEU B 528 -10.72 22.88 -23.05
N SER B 529 -11.70 22.96 -23.95
CA SER B 529 -11.46 23.55 -25.26
C SER B 529 -11.01 25.00 -25.14
N ARG B 530 -11.73 25.78 -24.31
CA ARG B 530 -11.37 27.19 -24.17
C ARG B 530 -10.00 27.36 -23.53
N ARG B 531 -9.69 26.55 -22.53
CA ARG B 531 -8.37 26.61 -21.90
C ARG B 531 -7.27 26.28 -22.89
N PHE B 532 -7.50 25.28 -23.74
CA PHE B 532 -6.53 24.96 -24.79
C PHE B 532 -6.33 26.16 -25.71
N TRP B 533 -7.43 26.82 -26.09
CA TRP B 533 -7.32 27.99 -26.96
C TRP B 533 -6.47 29.08 -26.30
N PHE B 534 -6.75 29.37 -25.03
CA PHE B 534 -5.97 30.39 -24.32
C PHE B 534 -4.49 30.00 -24.26
N LEU B 535 -4.20 28.74 -23.97
CA LEU B 535 -2.81 28.31 -23.87
C LEU B 535 -2.10 28.41 -25.22
N CYS B 536 -2.78 28.06 -26.31
CA CYS B 536 -2.16 28.19 -27.62
C CYS B 536 -1.90 29.65 -27.96
N ILE B 537 -2.81 30.55 -27.56
CA ILE B 537 -2.57 31.97 -27.79
C ILE B 537 -1.33 32.43 -27.02
N ILE B 538 -1.20 32.01 -25.76
CA ILE B 538 -0.01 32.39 -25.00
C ILE B 538 1.24 31.82 -25.65
N PHE B 539 1.17 30.58 -26.14
CA PHE B 539 2.30 30.00 -26.83
C PHE B 539 2.70 30.83 -28.04
N GLY B 540 1.71 31.26 -28.83
CA GLY B 540 2.00 32.11 -29.97
C GLY B 540 2.66 33.42 -29.56
N ILE B 541 2.16 34.04 -28.49
CA ILE B 541 2.74 35.29 -28.02
C ILE B 541 4.20 35.08 -27.63
N ASN B 542 4.49 33.97 -26.95
CA ASN B 542 5.87 33.71 -26.55
C ASN B 542 6.75 33.44 -27.76
N LEU B 543 6.20 32.80 -28.80
CA LEU B 543 7.02 32.44 -29.95
C LEU B 543 7.31 33.63 -30.86
N GLY B 544 6.34 34.51 -31.07
CA GLY B 544 6.45 35.57 -32.06
C GLY B 544 7.75 36.36 -32.00
N PRO B 545 7.95 37.11 -30.91
CA PRO B 545 9.15 37.94 -30.82
C PRO B 545 10.44 37.15 -30.94
N ILE B 546 10.47 35.94 -30.38
CA ILE B 546 11.66 35.12 -30.49
C ILE B 546 11.94 34.77 -31.95
N ILE B 547 10.91 34.42 -32.71
CA ILE B 547 11.11 34.17 -34.14
C ILE B 547 11.61 35.43 -34.82
N PHE B 548 11.11 36.59 -34.40
CA PHE B 548 11.59 37.84 -34.98
C PHE B 548 13.09 38.01 -34.77
N VAL B 549 13.56 37.78 -33.54
CA VAL B 549 14.99 37.91 -33.26
C VAL B 549 15.77 36.85 -34.03
N PHE B 550 15.19 35.65 -34.16
CA PHE B 550 15.89 34.54 -34.81
C PHE B 550 16.19 34.86 -36.28
N ALA B 551 15.32 35.64 -36.93
CA ALA B 551 15.49 35.97 -38.33
C ALA B 551 16.93 36.41 -38.63
N TYR B 552 17.56 35.71 -39.57
CA TYR B 552 18.97 35.97 -39.87
C TYR B 552 19.17 37.31 -40.55
N ASP B 553 18.20 37.75 -41.36
CA ASP B 553 18.33 39.06 -41.99
C ASP B 553 18.31 40.18 -40.96
N LYS B 554 17.51 40.02 -39.89
CA LYS B 554 17.52 41.00 -38.82
C LYS B 554 18.84 41.01 -38.07
N ASP B 555 19.42 39.82 -37.82
CA ASP B 555 20.72 39.74 -37.17
C ASP B 555 21.81 40.37 -38.02
N THR B 556 21.77 40.14 -39.34
CA THR B 556 22.84 40.62 -40.20
C THR B 556 23.05 42.13 -40.02
N VAL B 557 21.96 42.88 -39.98
CA VAL B 557 22.01 44.31 -39.72
C VAL B 557 21.56 44.48 -38.27
N TYR B 558 22.53 44.52 -37.36
CA TYR B 558 22.24 44.62 -35.94
C TYR B 558 21.43 45.87 -35.65
N SER B 559 20.39 45.72 -34.84
CA SER B 559 19.52 46.83 -34.46
C SER B 559 19.30 46.81 -32.95
N THR B 560 19.40 47.99 -32.33
CA THR B 560 19.08 48.10 -30.91
C THR B 560 17.66 47.65 -30.63
N ALA B 561 16.76 47.83 -31.60
CA ALA B 561 15.38 47.37 -31.44
C ALA B 561 15.33 45.88 -31.19
N ALA B 562 16.11 45.10 -31.94
CA ALA B 562 16.15 43.66 -31.73
C ALA B 562 16.66 43.32 -30.33
N HIS B 563 17.68 44.05 -29.85
CA HIS B 563 18.22 43.80 -28.52
C HIS B 563 17.18 44.04 -27.44
N VAL B 564 16.48 45.17 -27.52
CA VAL B 564 15.46 45.47 -26.51
C VAL B 564 14.32 44.47 -26.61
N VAL B 565 13.95 44.06 -27.83
CA VAL B 565 12.91 43.05 -27.98
C VAL B 565 13.33 41.76 -27.29
N ALA B 566 14.59 41.36 -27.46
CA ALA B 566 15.07 40.14 -26.80
C ALA B 566 14.97 40.26 -25.29
N ALA B 567 15.39 41.40 -24.73
CA ALA B 567 15.34 41.56 -23.28
C ALA B 567 13.90 41.51 -22.76
N VAL B 568 13.00 42.26 -23.39
CA VAL B 568 11.62 42.29 -22.92
C VAL B 568 10.98 40.92 -23.08
N MET B 569 11.33 40.20 -24.15
CA MET B 569 10.81 38.85 -24.34
C MET B 569 11.31 37.93 -23.24
N PHE B 570 12.57 38.09 -22.82
CA PHE B 570 13.07 37.28 -21.71
C PHE B 570 12.26 37.53 -20.45
N PHE B 571 11.99 38.80 -20.15
CA PHE B 571 11.22 39.08 -18.93
C PHE B 571 9.79 38.56 -19.05
N VAL B 572 9.17 38.67 -20.23
CA VAL B 572 7.85 38.09 -20.43
C VAL B 572 7.89 36.58 -20.19
N ALA B 573 8.96 35.92 -20.66
CA ALA B 573 9.07 34.48 -20.46
C ALA B 573 9.19 34.13 -18.98
N VAL B 574 9.96 34.92 -18.23
CA VAL B 574 10.07 34.68 -16.79
C VAL B 574 8.71 34.84 -16.13
N ALA B 575 7.96 35.87 -16.53
CA ALA B 575 6.62 36.07 -15.98
C ALA B 575 5.73 34.88 -16.31
N THR B 576 5.81 34.36 -17.54
CA THR B 576 5.00 33.20 -17.91
C THR B 576 5.36 31.98 -17.08
N ILE B 577 6.66 31.74 -16.86
CA ILE B 577 7.07 30.59 -16.06
C ILE B 577 6.52 30.72 -14.64
N ILE B 578 6.63 31.91 -14.06
CA ILE B 578 6.08 32.11 -12.71
C ILE B 578 4.58 31.87 -12.70
N PHE B 579 3.88 32.42 -13.70
CA PHE B 579 2.43 32.33 -13.72
C PHE B 579 1.96 30.89 -13.84
N PHE B 580 2.58 30.11 -14.73
CA PHE B 580 2.18 28.72 -14.89
C PHE B 580 2.70 27.82 -13.77
N SER B 581 3.75 28.23 -13.07
CA SER B 581 4.20 27.48 -11.91
C SER B 581 3.32 27.73 -10.69
N ILE B 582 2.68 28.89 -10.60
CA ILE B 582 1.90 29.24 -9.42
C ILE B 582 0.45 28.81 -9.58
N MET B 583 -0.22 29.29 -10.62
CA MET B 583 -1.65 29.05 -10.75
C MET B 583 -1.94 27.56 -10.88
N PRO B 584 -2.99 27.06 -10.22
CA PRO B 584 -3.41 25.68 -10.47
C PRO B 584 -3.94 25.52 -11.88
N LEU B 585 -3.74 24.32 -12.44
CA LEU B 585 -4.20 24.08 -13.81
C LEU B 585 -5.72 24.17 -13.90
N GLY B 586 -6.42 23.59 -12.94
CA GLY B 586 -7.87 23.66 -12.94
C GLY B 586 -8.37 25.09 -12.85
N GLY B 587 -9.19 25.51 -13.80
CA GLY B 587 -9.69 26.87 -13.79
C GLY B 587 -8.58 27.90 -13.86
N LEU B 588 -7.64 27.69 -14.78
CA LEU B 588 -6.52 28.61 -14.93
C LEU B 588 -7.00 29.97 -15.40
N PHE B 589 -7.79 30.00 -16.47
CA PHE B 589 -8.32 31.23 -17.04
C PHE B 589 -9.80 31.43 -16.73
N THR B 590 -10.34 30.68 -15.75
CA THR B 590 -11.79 30.69 -15.53
C THR B 590 -12.30 32.09 -15.19
N SER B 591 -11.55 32.84 -14.38
CA SER B 591 -12.03 34.15 -13.94
C SER B 591 -12.27 35.07 -15.13
N TYR B 592 -11.39 35.02 -16.14
CA TYR B 592 -11.54 35.89 -17.30
C TYR B 592 -12.79 35.54 -18.11
N MET B 593 -13.12 34.26 -18.23
CA MET B 593 -14.18 33.86 -19.15
C MET B 593 -15.55 34.35 -18.71
N LYS B 594 -15.94 34.08 -17.46
CA LYS B 594 -17.30 34.37 -17.01
C LYS B 594 -18.32 33.70 -17.92
N LYS B 595 -17.99 32.49 -18.38
CA LYS B 595 -18.79 31.82 -19.40
C LYS B 595 -20.16 31.41 -18.87
N SER B 596 -21.12 31.30 -19.80
CA SER B 596 -22.45 30.83 -19.44
C SER B 596 -22.41 29.37 -18.99
N THR B 597 -21.67 28.52 -19.71
CA THR B 597 -21.56 27.12 -19.35
C THR B 597 -20.87 26.98 -18.00
N ARG B 598 -20.72 25.74 -17.54
CA ARG B 598 -20.06 25.50 -16.27
C ARG B 598 -18.59 25.78 -16.53
N ARG B 599 -18.01 26.68 -15.73
CA ARG B 599 -16.62 27.10 -15.94
C ARG B 599 -15.54 26.09 -15.49
N TYR B 600 -15.82 25.41 -14.38
CA TYR B 600 -14.86 24.51 -13.75
C TYR B 600 -15.15 23.10 -14.27
N VAL B 601 -14.08 22.33 -14.45
CA VAL B 601 -14.22 20.96 -14.90
C VAL B 601 -14.87 20.10 -13.81
N ALA B 602 -14.36 20.18 -12.60
CA ALA B 602 -14.82 19.36 -11.48
C ALA B 602 -15.63 20.19 -10.50
N SER B 603 -16.72 19.62 -10.01
CA SER B 603 -17.61 20.31 -9.09
C SER B 603 -16.83 20.87 -7.90
N GLN B 604 -16.84 22.19 -7.76
CA GLN B 604 -16.02 22.83 -6.74
C GLN B 604 -16.50 22.52 -5.33
N THR B 605 -17.81 22.36 -5.13
CA THR B 605 -18.32 22.12 -3.78
C THR B 605 -17.76 20.84 -3.18
N PHE B 606 -17.53 19.82 -4.01
CA PHE B 606 -17.12 18.52 -3.52
C PHE B 606 -15.68 18.14 -3.87
N THR B 607 -15.04 18.86 -4.78
CA THR B 607 -13.65 18.58 -5.15
C THR B 607 -12.68 19.68 -4.77
N ALA B 608 -13.15 20.94 -4.70
CA ALA B 608 -12.30 22.07 -4.33
C ALA B 608 -13.00 22.83 -3.20
N ALA B 609 -12.74 22.41 -1.96
CA ALA B 609 -13.24 23.10 -0.78
C ALA B 609 -12.19 23.09 0.33
N PHE B 610 -10.92 23.04 -0.04
CA PHE B 610 -9.85 22.83 0.92
C PHE B 610 -9.87 23.92 1.99
N ALA B 611 -9.66 23.52 3.23
CA ALA B 611 -9.65 24.47 4.33
C ALA B 611 -8.34 25.26 4.30
N PRO B 612 -8.38 26.57 4.13
CA PRO B 612 -7.14 27.33 4.09
C PRO B 612 -6.42 27.34 5.43
N LEU B 613 -5.10 27.38 5.38
CA LEU B 613 -4.32 27.55 6.60
C LEU B 613 -4.49 28.96 7.14
N HIS B 614 -4.58 29.07 8.46
CA HIS B 614 -4.85 30.34 9.13
C HIS B 614 -3.72 30.69 10.08
N GLY B 615 -3.43 31.99 10.16
CA GLY B 615 -2.46 32.49 11.12
C GLY B 615 -1.03 32.25 10.69
N LEU B 616 -0.15 32.12 11.68
CA LEU B 616 1.27 31.94 11.41
C LEU B 616 1.56 30.64 10.69
N ASP B 617 0.61 29.70 10.67
CA ASP B 617 0.87 28.42 10.02
C ASP B 617 0.99 28.57 8.50
N ARG B 618 0.10 29.36 7.88
CA ARG B 618 0.17 29.54 6.43
C ARG B 618 1.44 30.27 6.04
N TRP B 619 1.82 31.30 6.80
CA TRP B 619 3.07 32.00 6.53
C TRP B 619 4.25 31.05 6.67
N MET B 620 4.21 30.17 7.68
CA MET B 620 5.29 29.22 7.86
C MET B 620 5.42 28.29 6.65
N SER B 621 4.29 27.83 6.11
CA SER B 621 4.33 27.00 4.91
C SER B 621 4.92 27.77 3.73
N TYR B 622 4.47 29.01 3.52
CA TYR B 622 5.04 29.83 2.45
C TYR B 622 6.55 29.91 2.61
N LEU B 623 7.02 30.22 3.83
CA LEU B 623 8.44 30.41 4.05
C LEU B 623 9.22 29.12 3.83
N VAL B 624 8.67 27.98 4.27
CA VAL B 624 9.36 26.72 4.08
C VAL B 624 9.56 26.44 2.59
N TRP B 625 8.50 26.60 1.80
CA TRP B 625 8.64 26.26 0.38
C TRP B 625 9.50 27.28 -0.36
N VAL B 626 9.40 28.56 -0.01
CA VAL B 626 10.29 29.55 -0.60
C VAL B 626 11.74 29.21 -0.27
N THR B 627 12.02 28.83 0.97
CA THR B 627 13.38 28.45 1.34
C THR B 627 13.85 27.26 0.52
N VAL B 628 13.01 26.24 0.39
CA VAL B 628 13.40 25.04 -0.36
C VAL B 628 13.78 25.42 -1.78
N PHE B 629 12.92 26.18 -2.46
CA PHE B 629 13.19 26.47 -3.87
C PHE B 629 14.37 27.42 -4.03
N ALA B 630 14.51 28.41 -3.15
CA ALA B 630 15.67 29.29 -3.24
C ALA B 630 16.97 28.51 -3.11
N ALA B 631 17.06 27.66 -2.09
CA ALA B 631 18.26 26.86 -1.90
C ALA B 631 18.47 25.92 -3.08
N LYS B 632 17.40 25.30 -3.57
CA LYS B 632 17.52 24.35 -4.66
C LYS B 632 18.09 25.03 -5.90
N TYR B 633 17.54 26.17 -6.28
CA TYR B 633 18.00 26.83 -7.49
C TYR B 633 19.41 27.37 -7.34
N SER B 634 19.75 27.92 -6.16
CA SER B 634 21.12 28.39 -5.96
C SER B 634 22.11 27.24 -6.11
N GLU B 635 21.83 26.12 -5.43
CA GLU B 635 22.73 24.97 -5.50
C GLU B 635 22.80 24.43 -6.92
N SER B 636 21.67 24.35 -7.61
CA SER B 636 21.66 23.81 -8.96
C SER B 636 22.49 24.68 -9.89
N TYR B 637 22.39 26.01 -9.78
CA TYR B 637 23.20 26.84 -10.65
C TYR B 637 24.67 26.71 -10.31
N TYR B 638 25.02 26.67 -9.02
CA TYR B 638 26.42 26.44 -8.66
C TYR B 638 26.94 25.18 -9.36
N PHE B 639 26.22 24.07 -9.20
CA PHE B 639 26.70 22.81 -9.76
C PHE B 639 26.71 22.83 -11.28
N LEU B 640 25.66 23.37 -11.91
CA LEU B 640 25.64 23.44 -13.37
C LEU B 640 26.83 24.21 -13.90
N VAL B 641 27.04 25.44 -13.43
CA VAL B 641 28.14 26.23 -13.96
C VAL B 641 29.45 25.50 -13.71
N LEU B 642 29.69 25.05 -12.48
CA LEU B 642 30.97 24.45 -12.15
C LEU B 642 31.25 23.22 -13.00
N SER B 643 30.27 22.30 -13.07
CA SER B 643 30.52 21.02 -13.71
C SER B 643 30.54 21.14 -15.22
N LEU B 644 29.59 21.87 -15.81
CA LEU B 644 29.38 21.82 -17.25
C LEU B 644 29.88 23.05 -18.00
N ARG B 645 30.50 24.03 -17.33
CA ARG B 645 30.98 25.17 -18.11
C ARG B 645 32.10 24.76 -19.05
N ASP B 646 33.02 23.92 -18.61
CA ASP B 646 34.13 23.47 -19.45
C ASP B 646 33.72 22.35 -20.40
N PRO B 647 33.09 21.28 -19.89
CA PRO B 647 32.75 20.16 -20.79
C PRO B 647 31.93 20.58 -21.99
N ILE B 648 30.98 21.51 -21.83
CA ILE B 648 30.21 21.96 -22.98
C ILE B 648 31.12 22.57 -24.02
N ARG B 649 32.03 23.45 -23.59
CA ARG B 649 32.98 24.05 -24.52
C ARG B 649 33.77 22.98 -25.26
N ILE B 650 34.37 22.06 -24.51
CA ILE B 650 35.29 21.10 -25.10
C ILE B 650 34.54 20.21 -26.09
N LEU B 651 33.41 19.63 -25.65
CA LEU B 651 32.71 18.66 -26.48
C LEU B 651 31.97 19.32 -27.63
N SER B 652 31.65 20.62 -27.53
CA SER B 652 31.00 21.29 -28.64
C SER B 652 32.01 21.72 -29.70
N THR B 653 33.24 22.03 -29.33
CA THR B 653 34.20 22.57 -30.28
C THR B 653 35.27 21.59 -30.74
N THR B 654 35.25 20.34 -30.29
CA THR B 654 36.29 19.38 -30.60
C THR B 654 35.82 18.42 -31.70
N ALA B 655 36.68 18.19 -32.69
CA ALA B 655 36.38 17.33 -33.82
C ALA B 655 37.45 16.25 -33.93
N MET B 656 37.01 15.01 -34.21
CA MET B 656 37.88 13.85 -34.17
C MET B 656 38.41 13.37 -35.52
N ARG B 657 39.25 12.33 -35.47
CA ARG B 657 39.81 11.69 -36.65
C ARG B 657 39.70 10.17 -36.75
N CYS B 658 38.78 9.69 -37.58
CA CYS B 658 38.66 8.26 -37.83
C CYS B 658 38.18 7.88 -39.23
N THR B 659 38.54 6.67 -39.64
CA THR B 659 38.08 6.14 -40.91
C THR B 659 36.59 5.83 -40.87
N GLY B 660 36.13 5.13 -39.83
CA GLY B 660 34.71 4.89 -39.63
C GLY B 660 34.19 3.70 -40.41
N GLU B 661 32.89 3.47 -40.27
CA GLU B 661 32.23 2.35 -40.90
C GLU B 661 32.16 2.53 -42.42
N TYR B 662 32.03 1.41 -43.13
CA TYR B 662 31.99 1.46 -44.58
C TYR B 662 30.82 2.30 -45.09
N TRP B 663 29.63 2.06 -44.54
CA TRP B 663 28.44 2.75 -45.07
C TRP B 663 28.51 4.25 -44.82
N TRP B 664 28.87 4.68 -43.62
CA TRP B 664 28.85 6.09 -43.25
C TRP B 664 30.10 6.47 -42.44
N GLY B 665 31.27 6.09 -42.92
CA GLY B 665 32.47 6.18 -42.10
C GLY B 665 32.71 7.57 -41.54
N ALA B 666 32.51 8.60 -42.36
CA ALA B 666 32.89 9.95 -41.94
C ALA B 666 31.94 10.53 -40.91
N VAL B 667 30.64 10.22 -41.03
CA VAL B 667 29.62 11.10 -40.45
C VAL B 667 29.47 10.95 -38.94
N LEU B 668 29.96 9.87 -38.34
CA LEU B 668 29.71 9.64 -36.92
C LEU B 668 30.87 9.94 -35.99
N CYS B 669 32.11 9.93 -36.49
CA CYS B 669 33.23 10.35 -35.64
C CYS B 669 33.20 11.85 -35.39
N LYS B 670 32.84 12.63 -36.41
CA LYS B 670 32.84 14.08 -36.25
C LYS B 670 31.81 14.56 -35.24
N VAL B 671 30.84 13.71 -34.87
CA VAL B 671 29.82 14.07 -33.90
C VAL B 671 29.90 13.24 -32.63
N GLN B 672 30.93 12.43 -32.48
CA GLN B 672 31.05 11.55 -31.31
C GLN B 672 31.09 12.32 -30.00
N PRO B 673 31.93 13.34 -29.83
CA PRO B 673 31.87 14.12 -28.59
C PRO B 673 30.53 14.81 -28.40
N LYS B 674 29.84 15.15 -29.49
CA LYS B 674 28.52 15.76 -29.35
C LYS B 674 27.52 14.78 -28.72
N ILE B 675 27.59 13.51 -29.11
CA ILE B 675 26.74 12.50 -28.49
C ILE B 675 27.09 12.35 -27.01
N VAL B 676 28.38 12.33 -26.68
CA VAL B 676 28.74 12.26 -25.26
C VAL B 676 28.14 13.44 -24.51
N LEU B 677 28.24 14.64 -25.08
CA LEU B 677 27.71 15.83 -24.41
C LEU B 677 26.20 15.75 -24.24
N GLY B 678 25.49 15.28 -25.27
CA GLY B 678 24.05 15.15 -25.14
C GLY B 678 23.68 14.21 -24.00
N LEU B 679 24.37 13.08 -23.90
CA LEU B 679 24.08 12.15 -22.81
C LEU B 679 24.40 12.78 -21.45
N VAL B 680 25.50 13.54 -21.36
CA VAL B 680 25.83 14.20 -20.10
C VAL B 680 24.73 15.17 -19.70
N ILE B 681 24.25 15.96 -20.66
CA ILE B 681 23.19 16.92 -20.35
C ILE B 681 21.93 16.19 -19.91
N ALA B 682 21.58 15.08 -20.56
CA ALA B 682 20.41 14.33 -20.14
C ALA B 682 20.56 13.82 -18.71
N THR B 683 21.74 13.29 -18.36
CA THR B 683 21.95 12.80 -17.01
C THR B 683 21.80 13.91 -15.98
N ASP B 684 22.40 15.07 -16.26
CA ASP B 684 22.26 16.19 -15.33
C ASP B 684 20.81 16.65 -15.25
N PHE B 685 20.09 16.59 -16.37
CA PHE B 685 18.69 16.96 -16.37
C PHE B 685 17.89 16.07 -15.43
N ILE B 686 18.18 14.77 -15.43
CA ILE B 686 17.50 13.87 -14.50
C ILE B 686 17.90 14.20 -13.06
N LEU B 687 19.19 14.43 -12.81
CA LEU B 687 19.66 14.71 -11.46
C LEU B 687 19.02 15.98 -10.90
N PHE B 688 18.67 16.91 -11.80
CA PHE B 688 18.08 18.18 -11.43
C PHE B 688 16.77 17.99 -10.65
N PHE B 689 16.13 16.83 -10.79
CA PHE B 689 14.91 16.56 -10.03
C PHE B 689 15.22 16.04 -8.64
N LEU B 690 16.16 15.11 -8.52
CA LEU B 690 16.51 14.56 -7.22
C LEU B 690 17.00 15.65 -6.27
N ASP B 691 17.65 16.68 -6.83
CA ASP B 691 18.10 17.79 -5.99
C ASP B 691 16.95 18.34 -5.14
N THR B 692 15.76 18.49 -5.73
CA THR B 692 14.66 19.14 -5.02
C THR B 692 14.20 18.31 -3.83
N TYR B 693 14.06 17.00 -3.99
CA TYR B 693 13.64 16.17 -2.87
C TYR B 693 14.70 16.19 -1.77
N LEU B 694 15.97 16.14 -2.15
CA LEU B 694 17.03 16.28 -1.16
C LEU B 694 16.85 17.56 -0.34
N TRP B 695 16.68 18.69 -1.02
CA TRP B 695 16.54 19.96 -0.31
C TRP B 695 15.26 19.99 0.52
N TYR B 696 14.19 19.38 0.03
CA TYR B 696 12.94 19.35 0.77
C TYR B 696 13.13 18.64 2.11
N ILE B 697 13.79 17.48 2.09
CA ILE B 697 14.05 16.77 3.33
C ILE B 697 14.90 17.61 4.26
N ILE B 698 15.96 18.23 3.74
CA ILE B 698 16.85 19.01 4.60
C ILE B 698 16.09 20.15 5.27
N VAL B 699 15.32 20.90 4.47
CA VAL B 699 14.62 22.07 5.01
C VAL B 699 13.56 21.66 6.01
N ASN B 700 12.85 20.55 5.75
CA ASN B 700 11.86 20.10 6.73
C ASN B 700 12.53 19.69 8.03
N THR B 701 13.71 19.06 7.97
CA THR B 701 14.43 18.75 9.20
C THR B 701 14.78 20.01 9.96
N ILE B 702 15.28 21.02 9.26
CA ILE B 702 15.67 22.27 9.93
C ILE B 702 14.44 22.92 10.58
N PHE B 703 13.32 22.96 9.85
CA PHE B 703 12.11 23.56 10.40
C PHE B 703 11.61 22.78 11.61
N SER B 704 11.72 21.45 11.57
CA SER B 704 11.31 20.66 12.73
C SER B 704 12.17 20.98 13.95
N VAL B 705 13.49 21.11 13.74
CA VAL B 705 14.35 21.50 14.86
C VAL B 705 13.96 22.86 15.39
N GLY B 706 13.63 23.79 14.48
CA GLY B 706 13.19 25.10 14.92
C GLY B 706 11.92 25.05 15.75
N LYS B 707 10.95 24.24 15.32
CA LYS B 707 9.73 24.07 16.10
C LYS B 707 10.04 23.46 17.46
N SER B 708 10.96 22.50 17.51
CA SER B 708 11.34 21.92 18.79
C SER B 708 11.93 22.97 19.71
N PHE B 709 12.79 23.85 19.18
CA PHE B 709 13.33 24.94 19.99
C PHE B 709 12.23 25.88 20.47
N TYR B 710 11.29 26.22 19.59
CA TYR B 710 10.19 27.10 19.99
C TYR B 710 9.35 26.49 21.09
N LEU B 711 9.05 25.19 20.98
CA LEU B 711 8.30 24.51 22.03
C LEU B 711 9.08 24.47 23.33
N GLY B 712 10.40 24.34 23.24
CA GLY B 712 11.26 24.32 24.41
C GLY B 712 11.59 22.96 24.97
N ILE B 713 10.92 21.90 24.49
CA ILE B 713 11.23 20.55 24.95
C ILE B 713 12.61 20.16 24.47
N SER B 714 13.52 19.91 25.42
CA SER B 714 14.91 19.57 25.13
C SER B 714 15.30 18.29 25.85
N ILE B 715 16.01 17.41 25.13
CA ILE B 715 16.50 16.18 25.74
C ILE B 715 17.52 16.50 26.83
N LEU B 716 18.30 17.58 26.65
CA LEU B 716 19.26 17.97 27.67
C LEU B 716 18.59 18.30 28.99
N THR B 717 17.31 18.64 28.99
CA THR B 717 16.62 18.92 30.24
C THR B 717 16.59 17.65 31.09
N PRO B 718 17.02 17.72 32.35
CA PRO B 718 17.07 16.49 33.16
C PRO B 718 15.71 15.83 33.28
N TRP B 719 15.71 14.50 33.18
CA TRP B 719 14.47 13.75 33.41
C TRP B 719 14.03 13.90 34.86
N ARG B 720 14.97 14.11 35.77
CA ARG B 720 14.60 14.35 37.17
C ARG B 720 13.67 15.54 37.29
N ASN B 721 13.95 16.61 36.55
CA ASN B 721 13.07 17.79 36.61
C ASN B 721 11.67 17.47 36.08
N ILE B 722 11.60 16.74 34.96
CA ILE B 722 10.29 16.42 34.39
C ILE B 722 9.48 15.57 35.36
N PHE B 723 10.11 14.57 35.98
CA PHE B 723 9.41 13.76 36.96
C PHE B 723 9.00 14.59 38.17
N THR B 724 9.87 15.51 38.61
CA THR B 724 9.55 16.36 39.73
C THR B 724 8.32 17.20 39.45
N ARG B 725 8.21 17.72 38.21
CA ARG B 725 7.06 18.54 37.83
C ARG B 725 5.83 17.72 37.50
N LEU B 726 5.98 16.41 37.27
CA LEU B 726 4.85 15.60 36.81
C LEU B 726 3.61 15.71 37.69
N PRO B 727 3.69 15.61 39.02
CA PRO B 727 2.45 15.69 39.82
C PRO B 727 1.65 16.95 39.58
N LYS B 728 2.31 18.12 39.53
CA LYS B 728 1.59 19.36 39.29
C LYS B 728 1.00 19.39 37.89
N ARG B 729 1.72 18.86 36.91
CA ARG B 729 1.18 18.79 35.56
C ARG B 729 -0.07 17.92 35.51
N ILE B 730 -0.05 16.79 36.22
CA ILE B 730 -1.25 15.95 36.30
C ILE B 730 -2.40 16.73 36.92
N TYR B 731 -2.14 17.38 38.06
CA TYR B 731 -3.17 18.20 38.70
C TYR B 731 -3.76 19.21 37.72
N SER B 732 -2.90 19.83 36.90
CA SER B 732 -3.37 20.89 36.02
C SER B 732 -4.15 20.33 34.82
N LYS B 733 -3.70 19.23 34.24
CA LYS B 733 -4.19 18.78 32.94
C LYS B 733 -5.06 17.55 32.99
N ILE B 734 -4.68 16.50 33.73
CA ILE B 734 -5.44 15.27 33.70
C ILE B 734 -6.77 15.40 34.46
N LEU B 735 -6.90 16.41 35.30
CA LEU B 735 -8.10 16.60 36.10
C LEU B 735 -8.73 17.96 35.79
N ALA B 736 -10.05 17.98 35.69
CA ALA B 736 -10.81 19.22 35.48
C ALA B 736 -11.14 19.79 36.86
N THR B 737 -10.15 20.47 37.44
CA THR B 737 -10.27 20.99 38.80
C THR B 737 -10.81 22.42 38.84
N THR B 738 -10.54 23.24 37.82
CA THR B 738 -11.10 24.58 37.79
C THR B 738 -12.62 24.55 37.73
N ASP B 739 -13.18 23.61 36.96
CA ASP B 739 -14.64 23.52 36.85
C ASP B 739 -15.28 23.22 38.20
N MET B 740 -14.71 22.27 38.95
CA MET B 740 -15.27 21.88 40.24
C MET B 740 -14.81 22.85 41.33
N GLU B 741 -15.61 22.94 42.38
CA GLU B 741 -15.26 23.77 43.53
C GLU B 741 -13.97 23.24 44.17
N ILE B 742 -13.10 24.16 44.57
CA ILE B 742 -11.84 23.81 45.21
C ILE B 742 -12.07 23.68 46.71
N LYS B 743 -12.49 22.50 47.15
CA LYS B 743 -12.74 22.22 48.56
C LYS B 743 -11.73 21.25 49.16
N TYR B 744 -10.89 20.61 48.35
CA TYR B 744 -9.90 19.65 48.82
C TYR B 744 -8.55 19.95 48.20
N LYS B 745 -7.49 19.56 48.89
CA LYS B 745 -6.14 19.81 48.42
C LYS B 745 -5.87 19.04 47.13
N PRO B 746 -5.07 19.60 46.22
CA PRO B 746 -4.74 18.85 44.99
C PRO B 746 -3.98 17.57 45.28
N LYS B 747 -3.20 17.53 46.35
CA LYS B 747 -2.34 16.40 46.65
C LYS B 747 -3.14 15.10 46.65
N VAL B 748 -4.33 15.11 47.26
CA VAL B 748 -5.09 13.88 47.40
C VAL B 748 -5.56 13.38 46.03
N LEU B 749 -6.06 14.30 45.18
CA LEU B 749 -6.60 13.87 43.89
C LEU B 749 -5.52 13.24 43.02
N ILE B 750 -4.36 13.91 42.91
CA ILE B 750 -3.27 13.38 42.10
C ILE B 750 -2.76 12.08 42.71
N SER B 751 -2.78 11.97 44.04
CA SER B 751 -2.37 10.72 44.67
C SER B 751 -3.26 9.57 44.24
N GLN B 752 -4.57 9.80 44.20
CA GLN B 752 -5.50 8.76 43.76
C GLN B 752 -5.25 8.39 42.30
N VAL B 753 -5.05 9.40 41.44
CA VAL B 753 -4.79 9.11 40.03
C VAL B 753 -3.53 8.27 39.88
N TRP B 754 -2.45 8.67 40.55
CA TRP B 754 -1.19 7.95 40.44
C TRP B 754 -1.31 6.56 41.02
N ASN B 755 -2.07 6.40 42.12
CA ASN B 755 -2.25 5.08 42.69
C ASN B 755 -3.00 4.17 41.73
N ALA B 756 -4.03 4.69 41.06
CA ALA B 756 -4.71 3.88 40.05
C ALA B 756 -3.75 3.47 38.93
N ILE B 757 -2.92 4.41 38.47
CA ILE B 757 -1.97 4.10 37.40
C ILE B 757 -1.02 2.99 37.85
N ILE B 758 -0.45 3.14 39.04
CA ILE B 758 0.55 2.19 39.51
C ILE B 758 -0.07 0.83 39.78
N ILE B 759 -1.30 0.80 40.29
CA ILE B 759 -1.98 -0.48 40.48
C ILE B 759 -2.23 -1.16 39.14
N SER B 760 -2.54 -0.38 38.11
CA SER B 760 -2.62 -0.94 36.76
C SER B 760 -1.30 -1.57 36.37
N MET B 761 -0.20 -0.84 36.59
CA MET B 761 1.12 -1.38 36.26
C MET B 761 1.38 -2.69 37.00
N TYR B 762 1.08 -2.72 38.29
CA TYR B 762 1.32 -3.91 39.10
C TYR B 762 0.46 -5.07 38.61
N ARG B 763 -0.81 -4.81 38.30
CA ARG B 763 -1.67 -5.84 37.74
C ARG B 763 -1.11 -6.37 36.43
N GLU B 764 -0.44 -5.52 35.66
CA GLU B 764 0.26 -6.00 34.47
C GLU B 764 1.49 -6.84 34.81
N HIS B 765 1.92 -6.84 36.07
CA HIS B 765 3.08 -7.58 36.55
C HIS B 765 4.40 -7.03 36.02
N LEU B 766 4.38 -5.88 35.35
CA LEU B 766 5.62 -5.31 34.82
C LEU B 766 6.51 -4.73 35.91
N LEU B 767 5.99 -4.54 37.12
CA LEU B 767 6.74 -3.96 38.23
C LEU B 767 6.79 -4.93 39.40
N ALA B 768 7.90 -4.89 40.14
CA ALA B 768 8.03 -5.68 41.34
C ALA B 768 7.24 -5.06 42.48
N ILE B 769 6.89 -5.90 43.46
CA ILE B 769 6.09 -5.45 44.60
C ILE B 769 6.82 -4.33 45.34
N ASP B 770 8.11 -4.51 45.62
CA ASP B 770 8.87 -3.47 46.29
C ASP B 770 8.95 -2.21 45.44
N HIS B 771 9.23 -2.37 44.14
CA HIS B 771 9.25 -1.22 43.24
C HIS B 771 7.91 -0.51 43.24
N VAL B 772 6.81 -1.27 43.13
CA VAL B 772 5.49 -0.68 43.17
C VAL B 772 5.31 0.10 44.48
N GLN B 773 5.79 -0.46 45.59
CA GLN B 773 5.66 0.24 46.86
C GLN B 773 6.42 1.56 46.83
N LYS B 774 7.61 1.58 46.21
CA LYS B 774 8.37 2.82 46.14
C LYS B 774 7.68 3.85 45.24
N LEU B 775 6.93 3.39 44.24
CA LEU B 775 6.25 4.27 43.30
C LEU B 775 4.87 4.70 43.75
N LEU B 776 4.44 4.28 44.94
CA LEU B 776 3.09 4.52 45.43
C LEU B 776 3.07 5.62 46.48
N TYR B 777 2.13 6.55 46.35
CA TYR B 777 1.87 7.49 47.44
C TYR B 777 1.52 6.71 48.70
N HIS B 778 2.39 6.78 49.70
CA HIS B 778 2.30 5.87 50.84
C HIS B 778 1.29 6.41 51.85
N GLN B 779 0.33 5.56 52.22
CA GLN B 779 -0.61 5.85 53.30
C GLN B 779 -0.31 5.05 54.55
N VAL B 780 0.82 4.33 54.58
CA VAL B 780 1.13 3.49 55.73
C VAL B 780 1.09 4.27 57.04
N PRO B 781 1.69 5.46 57.15
CA PRO B 781 1.64 6.18 58.44
C PRO B 781 0.20 6.53 58.81
N SER B 782 0.01 6.80 60.09
CA SER B 782 -1.32 7.00 60.64
C SER B 782 -2.10 8.06 59.87
N GLU B 783 -3.35 7.76 59.56
CA GLU B 783 -4.23 8.69 58.86
C GLU B 783 -4.75 9.80 59.76
N ILE B 784 -4.59 9.69 61.07
CA ILE B 784 -5.05 10.73 61.98
C ILE B 784 -4.33 12.04 61.70
N GLU B 785 -3.01 11.98 61.52
CA GLU B 785 -2.23 13.15 61.13
C GLU B 785 -2.25 13.29 59.62
N GLY B 786 -2.60 14.48 59.14
CA GLY B 786 -2.70 14.71 57.70
C GLY B 786 -1.39 14.43 56.99
N LYS B 787 -0.28 14.88 57.56
CA LYS B 787 1.02 14.63 56.92
C LYS B 787 1.32 13.14 56.85
N ARG B 788 1.01 12.40 57.92
CA ARG B 788 1.22 10.96 57.90
C ARG B 788 0.22 10.25 57.00
N THR B 789 -0.94 10.87 56.75
CA THR B 789 -1.94 10.23 55.90
C THR B 789 -1.44 10.06 54.48
N LEU B 790 -0.77 11.08 53.95
CA LEU B 790 -0.29 11.09 52.57
C LEU B 790 1.21 11.36 52.58
N ARG B 791 1.97 10.49 51.94
CA ARG B 791 3.42 10.63 51.79
C ARG B 791 3.77 10.57 50.31
N ALA B 792 4.57 11.53 49.85
CA ALA B 792 4.94 11.57 48.46
C ALA B 792 5.77 10.33 48.09
N PRO B 793 5.67 9.86 46.85
CA PRO B 793 6.45 8.66 46.47
C PRO B 793 7.94 8.89 46.62
N THR B 794 8.64 7.83 47.04
CA THR B 794 10.10 7.88 47.03
C THR B 794 10.62 8.20 45.63
N PHE B 795 9.92 7.72 44.60
CA PHE B 795 10.40 7.86 43.23
C PHE B 795 10.44 9.33 42.81
N PHE B 796 9.44 10.12 43.22
CA PHE B 796 9.44 11.53 42.86
C PHE B 796 10.43 12.33 43.71
N VAL B 797 10.46 12.08 45.02
CA VAL B 797 11.28 12.89 45.91
C VAL B 797 12.78 12.63 45.69
N SER B 798 13.15 11.36 45.51
CA SER B 798 14.57 11.01 45.49
C SER B 798 15.32 11.71 44.36
N GLN B 799 14.76 11.68 43.16
CA GLN B 799 15.43 12.22 41.98
C GLN B 799 15.30 13.74 41.91
N GLU B 805 20.07 8.40 43.32
CA GLU B 805 19.67 7.54 42.21
C GLU B 805 19.52 6.08 42.67
N THR B 806 18.34 5.52 42.40
CA THR B 806 18.04 4.14 42.76
C THR B 806 17.20 3.51 41.65
N GLU B 807 17.28 2.19 41.53
CA GLU B 807 16.55 1.44 40.50
C GLU B 807 15.08 1.37 40.89
N PHE B 808 14.38 2.50 40.67
CA PHE B 808 12.95 2.52 40.91
C PHE B 808 12.22 1.59 39.96
N PHE B 809 12.58 1.64 38.67
CA PHE B 809 11.96 0.80 37.65
C PHE B 809 12.86 -0.38 37.31
N PRO B 810 12.31 -1.57 37.09
CA PRO B 810 13.14 -2.66 36.55
C PRO B 810 13.70 -2.28 35.19
N ARG B 811 14.96 -2.67 34.95
CA ARG B 811 15.59 -2.33 33.69
C ARG B 811 14.92 -3.06 32.54
N ASP B 812 14.72 -2.33 31.44
CA ASP B 812 14.11 -2.88 30.22
C ASP B 812 12.70 -3.42 30.52
N SER B 813 11.90 -2.59 31.16
CA SER B 813 10.50 -2.90 31.45
C SER B 813 9.59 -1.97 30.67
N GLU B 814 8.55 -2.53 30.07
CA GLU B 814 7.59 -1.71 29.34
C GLU B 814 6.97 -0.63 30.23
N ALA B 815 6.79 -0.94 31.52
CA ALA B 815 6.18 0.04 32.42
C ALA B 815 7.04 1.29 32.56
N GLU B 816 8.37 1.13 32.63
CA GLU B 816 9.22 2.30 32.78
C GLU B 816 9.16 3.19 31.54
N ARG B 817 9.18 2.58 30.35
CA ARG B 817 9.06 3.36 29.13
C ARG B 817 7.71 4.05 29.06
N ARG B 818 6.65 3.35 29.45
CA ARG B 818 5.32 3.95 29.41
C ARG B 818 5.22 5.13 30.37
N ILE B 819 5.77 5.00 31.58
CA ILE B 819 5.74 6.11 32.53
C ILE B 819 6.54 7.30 32.00
N SER B 820 7.73 7.03 31.44
CA SER B 820 8.53 8.11 30.90
C SER B 820 7.80 8.83 29.78
N PHE B 821 7.16 8.07 28.88
CA PHE B 821 6.39 8.70 27.82
C PHE B 821 5.23 9.50 28.37
N PHE B 822 4.59 9.00 29.43
CA PHE B 822 3.48 9.75 30.04
C PHE B 822 3.97 11.10 30.55
N ALA B 823 5.10 11.10 31.25
CA ALA B 823 5.66 12.37 31.72
C ALA B 823 5.99 13.29 30.55
N GLN B 824 6.63 12.75 29.52
CA GLN B 824 6.99 13.57 28.36
C GLN B 824 5.76 14.19 27.73
N SER B 825 4.69 13.40 27.57
CA SER B 825 3.45 13.92 27.01
C SER B 825 2.87 15.01 27.90
N LEU B 826 2.84 14.80 29.22
CA LEU B 826 2.33 15.84 30.10
C LEU B 826 3.13 17.12 29.98
N SER B 827 4.41 17.02 29.64
CA SER B 827 5.21 18.24 29.49
C SER B 827 4.64 19.14 28.41
N THR B 828 4.20 18.56 27.29
CA THR B 828 3.74 19.36 26.16
C THR B 828 2.42 20.05 26.48
N PRO B 829 2.10 21.13 25.78
CA PRO B 829 0.81 21.81 26.01
C PRO B 829 -0.34 21.02 25.40
N ILE B 830 -1.38 20.82 26.18
CA ILE B 830 -2.55 20.05 25.75
C ILE B 830 -3.82 20.76 26.21
N PRO B 831 -4.94 20.60 25.50
CA PRO B 831 -6.14 21.36 25.85
C PRO B 831 -6.68 20.98 27.22
N GLU B 832 -7.36 21.94 27.85
CA GLU B 832 -7.94 21.73 29.16
C GLU B 832 -9.06 20.69 29.09
N PRO B 833 -9.18 19.81 30.08
CA PRO B 833 -10.31 18.86 30.09
C PRO B 833 -11.61 19.51 30.53
N LEU B 834 -12.70 18.74 30.51
CA LEU B 834 -13.99 19.18 31.01
C LEU B 834 -14.61 18.06 31.82
N PRO B 835 -15.57 18.39 32.69
CA PRO B 835 -16.11 17.37 33.60
C PRO B 835 -16.67 16.18 32.83
N VAL B 836 -16.52 14.99 33.44
CA VAL B 836 -16.91 13.76 32.78
C VAL B 836 -18.37 13.82 32.34
N ASP B 837 -19.26 14.24 33.24
CA ASP B 837 -20.68 14.31 32.87
C ASP B 837 -20.90 15.27 31.71
N ASN B 838 -19.99 16.22 31.49
CA ASN B 838 -20.09 17.13 30.36
C ASN B 838 -19.37 16.60 29.12
N MET B 839 -18.63 15.50 29.24
CA MET B 839 -17.87 14.98 28.11
C MET B 839 -18.80 14.39 27.05
N PRO B 840 -18.43 14.49 25.78
CA PRO B 840 -19.24 13.87 24.72
C PRO B 840 -19.10 12.35 24.72
N THR B 841 -20.10 11.71 24.12
CA THR B 841 -20.11 10.26 23.99
C THR B 841 -19.40 9.85 22.71
N PHE B 842 -18.55 8.84 22.82
CA PHE B 842 -17.78 8.34 21.69
C PHE B 842 -17.81 6.82 21.70
N THR B 843 -17.42 6.22 20.57
CA THR B 843 -17.46 4.78 20.41
C THR B 843 -16.18 4.30 19.74
N VAL B 844 -15.82 3.04 20.04
CA VAL B 844 -14.59 2.44 19.55
C VAL B 844 -14.97 1.26 18.66
N LEU B 845 -14.49 1.27 17.43
CA LEU B 845 -14.89 0.31 16.41
C LEU B 845 -13.73 -0.60 16.05
N THR B 846 -13.96 -1.90 16.09
CA THR B 846 -12.92 -2.91 15.84
C THR B 846 -13.45 -4.01 14.93
N PRO B 847 -12.96 -4.14 13.69
CA PRO B 847 -13.31 -5.30 12.88
C PRO B 847 -12.27 -6.41 13.01
N HIS B 848 -12.66 -7.66 12.75
CA HIS B 848 -11.69 -8.74 12.66
C HIS B 848 -12.26 -9.87 11.81
N TYR B 849 -11.36 -10.69 11.27
CA TYR B 849 -11.73 -11.78 10.37
C TYR B 849 -10.67 -12.86 10.52
N ALA B 850 -11.01 -13.92 11.26
CA ALA B 850 -10.18 -15.09 11.51
C ALA B 850 -9.13 -14.84 12.59
N GLU B 851 -9.14 -13.69 13.26
CA GLU B 851 -8.17 -13.46 14.32
C GLU B 851 -8.44 -14.35 15.52
N ARG B 852 -7.39 -14.62 16.29
CA ARG B 852 -7.46 -15.55 17.41
C ARG B 852 -7.97 -14.82 18.64
N ILE B 853 -9.16 -15.23 19.12
CA ILE B 853 -9.82 -14.50 20.20
C ILE B 853 -9.04 -14.66 21.50
N LEU B 854 -8.69 -15.89 21.84
CA LEU B 854 -7.99 -16.18 23.09
C LEU B 854 -7.09 -17.37 22.86
N LEU B 855 -6.00 -17.44 23.61
CA LEU B 855 -5.03 -18.51 23.43
C LEU B 855 -5.59 -19.85 23.88
N SER B 856 -5.49 -20.86 23.01
CA SER B 856 -5.99 -22.18 23.33
C SER B 856 -5.04 -22.88 24.28
N LEU B 857 -5.61 -23.66 25.22
CA LEU B 857 -4.80 -24.43 26.13
C LEU B 857 -3.90 -25.41 25.37
N ARG B 858 -4.36 -25.88 24.20
CA ARG B 858 -3.54 -26.75 23.38
C ARG B 858 -2.29 -26.01 22.90
N GLU B 859 -2.44 -24.74 22.52
CA GLU B 859 -1.31 -23.95 22.10
C GLU B 859 -0.30 -23.78 23.23
N ILE B 860 -0.77 -23.58 24.45
CA ILE B 860 0.12 -23.30 25.58
C ILE B 860 0.93 -24.55 25.94
N ILE B 861 0.28 -25.70 26.00
CA ILE B 861 0.90 -26.94 26.46
C ILE B 861 0.61 -28.03 25.44
N ARG B 862 1.62 -28.84 25.14
CA ARG B 862 1.57 -29.84 24.08
C ARG B 862 1.85 -31.22 24.65
N GLU B 863 1.73 -32.23 23.78
CA GLU B 863 1.96 -33.62 24.21
C GLU B 863 3.45 -33.80 24.55
N ASP B 864 3.74 -34.75 25.43
CA ASP B 864 5.11 -35.03 25.83
C ASP B 864 5.89 -35.76 24.74
N ASP B 865 5.25 -36.75 24.10
CA ASP B 865 5.95 -37.64 23.16
C ASP B 865 6.05 -37.01 21.77
N GLN B 866 6.68 -35.85 21.72
CA GLN B 866 6.92 -35.16 20.46
C GLN B 866 8.06 -34.17 20.66
N PHE B 867 8.64 -33.73 19.55
CA PHE B 867 9.79 -32.84 19.59
C PHE B 867 9.70 -31.91 18.37
N SER B 868 9.48 -30.62 18.63
CA SER B 868 9.42 -29.64 17.56
C SER B 868 9.66 -28.26 18.14
N ARG B 869 10.71 -27.58 17.66
CA ARG B 869 11.03 -26.23 18.12
C ARG B 869 11.15 -26.21 19.65
N VAL B 870 10.63 -25.16 20.28
CA VAL B 870 10.53 -25.08 21.73
C VAL B 870 9.09 -24.76 22.08
N THR B 871 8.59 -25.35 23.16
CA THR B 871 7.20 -25.16 23.56
C THR B 871 6.89 -23.67 23.69
N LEU B 872 5.76 -23.26 23.11
CA LEU B 872 5.44 -21.84 22.98
C LEU B 872 5.33 -21.16 24.34
N LEU B 873 4.81 -21.86 25.34
CA LEU B 873 4.76 -21.31 26.69
C LEU B 873 6.16 -20.96 27.17
N GLU B 874 7.12 -21.87 26.99
CA GLU B 874 8.49 -21.59 27.40
C GLU B 874 9.10 -20.50 26.53
N TYR B 875 8.73 -20.42 25.25
CA TYR B 875 9.23 -19.34 24.40
C TYR B 875 8.79 -17.98 24.95
N LEU B 876 7.50 -17.85 25.27
CA LEU B 876 7.03 -16.61 25.87
C LEU B 876 7.71 -16.35 27.20
N LYS B 877 7.91 -17.39 28.00
CA LYS B 877 8.63 -17.22 29.27
C LYS B 877 10.02 -16.64 29.03
N GLN B 878 10.76 -17.18 28.06
CA GLN B 878 12.05 -16.61 27.72
C GLN B 878 11.92 -15.16 27.29
N LEU B 879 10.82 -14.83 26.61
CA LEU B 879 10.61 -13.43 26.19
C LEU B 879 10.54 -12.51 27.41
N HIS B 880 9.76 -12.87 28.42
CA HIS B 880 9.58 -12.07 29.62
C HIS B 880 9.74 -12.97 30.84
N PRO B 881 10.98 -13.35 31.18
CA PRO B 881 11.16 -14.33 32.25
C PRO B 881 10.90 -13.77 33.64
N VAL B 882 11.39 -12.57 33.95
CA VAL B 882 11.19 -12.00 35.27
C VAL B 882 9.71 -11.77 35.54
N GLU B 883 9.01 -11.23 34.54
CA GLU B 883 7.58 -10.95 34.71
C GLU B 883 6.80 -12.23 34.95
N TRP B 884 7.13 -13.30 34.23
CA TRP B 884 6.46 -14.58 34.47
C TRP B 884 6.78 -15.11 35.86
N GLU B 885 8.06 -15.07 36.25
CA GLU B 885 8.49 -15.71 37.49
C GLU B 885 7.91 -15.01 38.72
N CYS B 886 7.83 -13.68 38.70
CA CYS B 886 7.48 -12.97 39.93
C CYS B 886 6.10 -13.35 40.45
N PHE B 887 5.10 -13.40 39.55
CA PHE B 887 3.73 -13.58 40.03
C PHE B 887 3.45 -15.03 40.43
N VAL B 888 4.08 -16.00 39.76
CA VAL B 888 3.92 -17.39 40.20
C VAL B 888 4.66 -17.63 41.50
N LYS B 889 5.90 -17.15 41.61
CA LYS B 889 6.71 -17.47 42.78
C LYS B 889 6.19 -16.76 44.04
N ASP B 890 5.92 -15.46 43.95
CA ASP B 890 5.50 -14.67 45.09
C ASP B 890 3.98 -14.59 45.23
N THR B 891 3.23 -15.29 44.38
CA THR B 891 1.77 -15.17 44.37
C THR B 891 1.37 -13.70 44.25
N LYS B 892 2.05 -12.98 43.36
CA LYS B 892 1.84 -11.55 43.22
C LYS B 892 0.41 -11.22 42.79
N ILE B 893 -0.33 -12.19 42.27
CA ILE B 893 -1.70 -11.92 41.85
C ILE B 893 -2.56 -11.55 43.05
N LEU B 894 -2.57 -12.41 44.07
CA LEU B 894 -3.38 -12.14 45.25
C LEU B 894 -2.80 -10.97 46.04
N ALA B 895 -1.47 -10.88 46.11
CA ALA B 895 -0.85 -9.77 46.82
C ALA B 895 -1.23 -8.44 46.17
N GLU B 896 -1.25 -8.39 44.84
CA GLU B 896 -1.69 -7.17 44.16
C GLU B 896 -3.19 -6.96 44.31
N GLU B 897 -3.98 -8.04 44.35
CA GLU B 897 -5.40 -7.89 44.62
C GLU B 897 -5.63 -7.20 45.97
N THR B 898 -4.84 -7.56 46.97
CA THR B 898 -4.92 -6.89 48.27
C THR B 898 -4.33 -5.48 48.21
N ALA B 899 -3.22 -5.30 47.50
CA ALA B 899 -2.54 -4.01 47.45
C ALA B 899 -3.38 -2.95 46.73
N ALA B 900 -4.22 -3.36 45.78
CA ALA B 900 -5.05 -2.39 45.07
C ALA B 900 -5.86 -1.55 46.03
N TYR B 901 -6.42 -2.17 47.08
CA TYR B 901 -7.12 -1.41 48.10
C TYR B 901 -6.17 -0.51 48.87
N GLU B 902 -5.00 -1.01 49.25
CA GLU B 902 -4.03 -0.24 50.02
C GLU B 902 -4.67 0.36 51.26
N GLY B 903 -5.54 -0.41 51.91
CA GLY B 903 -6.27 0.05 53.06
C GLY B 903 -7.49 0.89 52.74
N ASN B 904 -7.82 1.06 51.47
CA ASN B 904 -8.96 1.83 50.96
C ASN B 904 -8.69 3.34 51.02
N GLU B 905 -7.52 3.77 51.50
CA GLU B 905 -7.22 5.20 51.52
C GLU B 905 -6.99 5.75 50.12
N ASN B 906 -6.45 4.95 49.22
CA ASN B 906 -6.20 5.40 47.85
C ASN B 906 -7.48 5.89 47.19
N CYS B 925 -6.25 -33.76 32.05
CA CYS B 925 -5.08 -34.53 31.63
C CYS B 925 -4.32 -33.82 30.50
N ILE B 926 -4.80 -32.64 30.11
CA ILE B 926 -4.15 -31.90 29.03
C ILE B 926 -2.76 -31.47 29.45
N GLY B 927 -2.62 -30.94 30.66
CA GLY B 927 -1.33 -30.45 31.15
C GLY B 927 -0.70 -31.44 32.11
N PHE B 928 0.60 -31.70 31.89
CA PHE B 928 1.32 -32.64 32.74
C PHE B 928 1.72 -32.03 34.07
N LYS B 929 2.08 -30.74 34.07
CA LYS B 929 2.54 -30.11 35.31
C LYS B 929 1.38 -29.75 36.25
N SER B 930 0.22 -29.38 35.70
CA SER B 930 -0.92 -29.02 36.53
C SER B 930 -2.21 -29.43 35.84
N ALA B 931 -3.24 -29.71 36.64
CA ALA B 931 -4.54 -30.14 36.15
C ALA B 931 -5.66 -29.45 36.92
N ALA B 932 -5.49 -28.16 37.21
CA ALA B 932 -6.51 -27.38 37.91
C ALA B 932 -7.19 -26.42 36.95
N PRO B 933 -8.51 -26.50 36.76
CA PRO B 933 -9.16 -25.63 35.75
C PRO B 933 -8.84 -24.14 35.90
N GLU B 934 -8.97 -23.59 37.11
CA GLU B 934 -8.68 -22.19 37.32
C GLU B 934 -7.27 -21.85 36.86
N TYR B 935 -6.32 -22.76 37.11
CA TYR B 935 -4.95 -22.54 36.65
C TYR B 935 -4.90 -22.48 35.12
N THR B 936 -5.67 -23.35 34.46
CA THR B 936 -5.72 -23.31 33.00
C THR B 936 -6.24 -21.96 32.50
N LEU B 937 -7.29 -21.46 33.14
CA LEU B 937 -7.82 -20.15 32.77
C LEU B 937 -6.76 -19.07 32.95
N ARG B 938 -6.02 -19.13 34.06
CA ARG B 938 -4.98 -18.15 34.33
C ARG B 938 -3.89 -18.19 33.26
N THR B 939 -3.45 -19.40 32.89
CA THR B 939 -2.43 -19.52 31.86
C THR B 939 -2.91 -18.98 30.53
N ARG B 940 -4.15 -19.30 30.15
CA ARG B 940 -4.69 -18.79 28.90
C ARG B 940 -4.75 -17.27 28.90
N ILE B 941 -5.21 -16.68 30.01
CA ILE B 941 -5.29 -15.22 30.09
C ILE B 941 -3.92 -14.60 29.96
N TRP B 942 -2.93 -15.15 30.69
CA TRP B 942 -1.58 -14.59 30.62
C TRP B 942 -1.02 -14.68 29.21
N ALA B 943 -1.18 -15.85 28.56
CA ALA B 943 -0.65 -16.02 27.21
C ALA B 943 -1.32 -15.06 26.23
N SER B 944 -2.64 -14.90 26.35
CA SER B 944 -3.34 -13.95 25.47
C SER B 944 -2.84 -12.53 25.71
N LEU B 945 -2.59 -12.17 26.96
CA LEU B 945 -2.11 -10.83 27.26
C LEU B 945 -0.74 -10.57 26.66
N ARG B 946 0.18 -11.54 26.77
CA ARG B 946 1.54 -11.33 26.31
C ARG B 946 1.76 -11.71 24.85
N SER B 947 0.71 -12.12 24.14
CA SER B 947 0.82 -12.49 22.74
C SER B 947 -0.26 -11.79 21.94
N GLN B 948 0.02 -11.57 20.65
CA GLN B 948 -0.94 -10.91 19.78
C GLN B 948 -2.28 -11.63 19.83
N THR B 949 -3.31 -10.91 20.29
CA THR B 949 -4.62 -11.51 20.49
C THR B 949 -5.67 -10.42 20.47
N LEU B 950 -6.88 -10.78 20.03
CA LEU B 950 -7.99 -9.85 20.07
C LEU B 950 -8.37 -9.51 21.50
N TYR B 951 -8.28 -10.49 22.41
CA TYR B 951 -8.62 -10.26 23.79
C TYR B 951 -7.73 -9.19 24.42
N ARG B 952 -6.47 -9.13 24.02
CA ARG B 952 -5.58 -8.09 24.54
C ARG B 952 -6.09 -6.72 24.15
N THR B 953 -6.50 -6.54 22.89
CA THR B 953 -7.04 -5.26 22.46
C THR B 953 -8.32 -4.94 23.22
N ILE B 954 -9.19 -5.95 23.40
CA ILE B 954 -10.44 -5.72 24.10
C ILE B 954 -10.17 -5.20 25.51
N SER B 955 -9.22 -5.82 26.21
CA SER B 955 -8.87 -5.33 27.55
C SER B 955 -8.28 -3.93 27.50
N GLY B 956 -7.33 -3.70 26.59
CA GLY B 956 -6.69 -2.41 26.51
C GLY B 956 -7.68 -1.29 26.26
N PHE B 957 -8.76 -1.58 25.54
CA PHE B 957 -9.75 -0.54 25.27
C PHE B 957 -10.88 -0.51 26.29
N MET B 958 -11.12 -1.59 27.05
CA MET B 958 -11.94 -1.46 28.24
C MET B 958 -11.24 -0.59 29.28
N ASN B 959 -9.91 -0.44 29.15
CA ASN B 959 -9.24 0.54 29.99
C ASN B 959 -9.83 1.94 29.81
N TYR B 960 -10.46 2.21 28.66
CA TYR B 960 -11.18 3.48 28.51
C TYR B 960 -12.29 3.60 29.55
N SER B 961 -13.12 2.57 29.67
CA SER B 961 -14.19 2.60 30.66
C SER B 961 -13.63 2.68 32.07
N ARG B 962 -12.54 1.96 32.32
CA ARG B 962 -11.92 2.04 33.64
C ARG B 962 -11.45 3.46 33.94
N ALA B 963 -10.84 4.12 32.96
CA ALA B 963 -10.36 5.49 33.15
C ALA B 963 -11.52 6.45 33.38
N ILE B 964 -12.61 6.30 32.63
CA ILE B 964 -13.76 7.19 32.82
C ILE B 964 -14.35 6.99 34.22
N LYS B 965 -14.46 5.74 34.65
CA LYS B 965 -14.94 5.48 36.00
C LYS B 965 -14.03 6.12 37.04
N LEU B 966 -12.72 5.99 36.85
CA LEU B 966 -11.77 6.57 37.79
C LEU B 966 -11.91 8.09 37.85
N LEU B 967 -12.00 8.74 36.68
CA LEU B 967 -12.13 10.19 36.67
C LEU B 967 -13.42 10.64 37.34
N TYR B 968 -14.53 9.95 37.05
CA TYR B 968 -15.79 10.33 37.66
C TYR B 968 -15.73 10.18 39.18
N ARG B 969 -15.08 9.11 39.65
CA ARG B 969 -14.93 8.95 41.09
C ARG B 969 -14.07 10.04 41.69
N VAL B 970 -12.96 10.39 41.03
CA VAL B 970 -12.03 11.35 41.60
C VAL B 970 -12.63 12.75 41.65
N GLU B 971 -13.22 13.20 40.55
CA GLU B 971 -13.63 14.60 40.47
C GLU B 971 -14.80 14.90 41.39
N ASN B 972 -15.74 13.96 41.53
CA ASN B 972 -16.97 14.18 42.30
C ASN B 972 -16.92 13.40 43.59
N PRO B 973 -16.37 13.96 44.68
CA PRO B 973 -16.48 13.29 45.99
C PRO B 973 -17.88 13.36 46.56
N GLU B 974 -18.72 14.27 46.07
CA GLU B 974 -20.07 14.41 46.61
C GLU B 974 -20.87 13.13 46.44
N ILE B 975 -20.73 12.47 45.28
CA ILE B 975 -21.40 11.19 45.08
C ILE B 975 -20.93 10.18 46.12
N VAL B 976 -19.62 10.14 46.38
CA VAL B 976 -19.09 9.18 47.36
C VAL B 976 -19.69 9.46 48.74
N GLN B 977 -19.74 10.73 49.13
CA GLN B 977 -20.36 11.07 50.41
C GLN B 977 -21.82 10.65 50.43
N MET B 978 -22.54 10.87 49.32
CA MET B 978 -23.96 10.52 49.27
C MET B 978 -24.15 9.03 49.47
N PHE B 979 -23.32 8.21 48.82
CA PHE B 979 -23.45 6.77 48.98
C PHE B 979 -23.09 6.33 50.40
N GLY B 980 -22.13 7.00 51.02
CA GLY B 980 -21.85 6.80 52.43
C GLY B 980 -21.45 5.38 52.80
N GLY B 981 -20.48 4.83 52.08
CA GLY B 981 -19.98 3.50 52.35
C GLY B 981 -20.64 2.39 51.57
N ASN B 982 -21.72 2.69 50.83
CA ASN B 982 -22.40 1.69 50.00
C ASN B 982 -21.56 1.45 48.76
N ALA B 983 -20.51 0.64 48.93
CA ALA B 983 -19.54 0.44 47.84
C ALA B 983 -20.20 -0.13 46.59
N GLU B 984 -21.10 -1.11 46.76
CA GLU B 984 -21.73 -1.73 45.60
C GLU B 984 -22.58 -0.73 44.83
N GLY B 985 -23.36 0.09 45.53
CA GLY B 985 -24.15 1.10 44.86
C GLY B 985 -23.29 2.15 44.16
N LEU B 986 -22.18 2.54 44.79
CA LEU B 986 -21.25 3.46 44.16
C LEU B 986 -20.68 2.86 42.87
N GLU B 987 -20.29 1.59 42.92
CA GLU B 987 -19.80 0.92 41.72
C GLU B 987 -20.87 0.90 40.64
N ARG B 988 -22.11 0.62 41.02
CA ARG B 988 -23.19 0.60 40.05
C ARG B 988 -23.37 1.96 39.40
N GLU B 989 -23.33 3.04 40.19
CA GLU B 989 -23.54 4.37 39.63
C GLU B 989 -22.39 4.76 38.70
N LEU B 990 -21.14 4.52 39.13
CA LEU B 990 -20.02 4.82 38.27
C LEU B 990 -20.09 4.01 36.98
N GLU B 991 -20.54 2.75 37.08
CA GLU B 991 -20.68 1.93 35.89
C GLU B 991 -21.78 2.48 34.98
N LYS B 992 -22.85 3.02 35.57
CA LYS B 992 -23.88 3.68 34.76
C LYS B 992 -23.25 4.81 33.96
N MET B 993 -22.45 5.64 34.61
CA MET B 993 -21.82 6.75 33.90
C MET B 993 -20.92 6.23 32.79
N ALA B 994 -20.09 5.23 33.09
CA ALA B 994 -19.17 4.70 32.10
C ALA B 994 -19.92 4.13 30.90
N ARG B 995 -20.97 3.36 31.14
CA ARG B 995 -21.77 2.82 30.03
C ARG B 995 -22.41 3.95 29.23
N ARG B 996 -22.85 5.01 29.91
CA ARG B 996 -23.48 6.11 29.21
C ARG B 996 -22.51 6.82 28.28
N LYS B 997 -21.27 7.02 28.74
CA LYS B 997 -20.34 7.88 28.00
C LYS B 997 -19.52 7.13 26.95
N PHE B 998 -19.18 5.87 27.18
CA PHE B 998 -18.27 5.14 26.31
C PHE B 998 -18.91 3.84 25.83
N LYS B 999 -18.79 3.57 24.53
CA LYS B 999 -19.36 2.38 23.91
C LYS B 999 -18.29 1.69 23.09
N PHE B 1000 -18.14 0.38 23.27
CA PHE B 1000 -17.19 -0.41 22.49
C PHE B 1000 -17.95 -1.32 21.55
N LEU B 1001 -17.57 -1.29 20.28
CA LEU B 1001 -18.23 -2.06 19.24
C LEU B 1001 -17.18 -2.80 18.42
N VAL B 1002 -17.32 -4.11 18.33
CA VAL B 1002 -16.41 -4.96 17.57
C VAL B 1002 -17.22 -5.70 16.51
N SER B 1003 -16.77 -5.63 15.26
CA SER B 1003 -17.48 -6.22 14.14
C SER B 1003 -16.95 -7.61 13.86
N MET B 1004 -17.86 -8.57 13.69
CA MET B 1004 -17.51 -9.96 13.38
C MET B 1004 -18.45 -10.46 12.29
N GLN B 1005 -17.99 -10.44 11.04
CA GLN B 1005 -18.79 -11.03 9.97
C GLN B 1005 -18.77 -12.55 10.00
N ARG B 1006 -17.97 -13.15 10.87
CA ARG B 1006 -17.78 -14.60 10.92
C ARG B 1006 -18.69 -15.31 11.93
N LEU B 1007 -19.37 -14.58 12.81
CA LEU B 1007 -20.02 -15.23 13.94
C LEU B 1007 -20.99 -16.32 13.49
N ALA B 1008 -21.65 -16.14 12.35
CA ALA B 1008 -22.56 -17.17 11.86
C ALA B 1008 -21.82 -18.46 11.53
N LYS B 1009 -20.55 -18.36 11.14
CA LYS B 1009 -19.75 -19.52 10.75
C LYS B 1009 -18.66 -19.84 11.76
N PHE B 1010 -18.85 -19.49 13.02
CA PHE B 1010 -17.83 -19.73 14.04
C PHE B 1010 -17.75 -21.21 14.38
N LYS B 1011 -16.54 -21.64 14.75
CA LYS B 1011 -16.33 -22.98 15.28
C LYS B 1011 -16.81 -23.07 16.72
N PRO B 1012 -16.99 -24.28 17.23
CA PRO B 1012 -17.38 -24.41 18.64
C PRO B 1012 -16.42 -23.74 19.60
N HIS B 1013 -15.10 -23.88 19.38
CA HIS B 1013 -14.13 -23.26 20.28
C HIS B 1013 -14.13 -21.75 20.11
N GLU B 1014 -14.28 -21.26 18.88
CA GLU B 1014 -14.39 -19.82 18.68
C GLU B 1014 -15.66 -19.27 19.32
N LEU B 1015 -16.77 -19.99 19.21
CA LEU B 1015 -18.00 -19.55 19.87
C LEU B 1015 -17.81 -19.53 21.39
N GLU B 1016 -17.12 -20.53 21.93
CA GLU B 1016 -16.82 -20.52 23.36
C GLU B 1016 -15.97 -19.32 23.74
N ASN B 1017 -14.96 -19.00 22.93
CA ASN B 1017 -14.12 -17.84 23.21
C ASN B 1017 -14.93 -16.55 23.16
N ALA B 1018 -15.82 -16.41 22.18
CA ALA B 1018 -16.66 -15.22 22.10
C ALA B 1018 -17.59 -15.12 23.30
N GLU B 1019 -18.17 -16.25 23.72
CA GLU B 1019 -19.02 -16.23 24.90
C GLU B 1019 -18.22 -15.83 26.14
N PHE B 1020 -16.98 -16.33 26.25
CA PHE B 1020 -16.13 -15.90 27.37
C PHE B 1020 -15.86 -14.41 27.31
N LEU B 1021 -15.59 -13.88 26.11
CA LEU B 1021 -15.35 -12.44 25.98
C LEU B 1021 -16.55 -11.65 26.46
N LEU B 1022 -17.74 -12.04 26.01
CA LEU B 1022 -18.95 -11.33 26.45
C LEU B 1022 -19.15 -11.46 27.96
N ARG B 1023 -18.84 -12.63 28.51
CA ARG B 1023 -19.00 -12.83 29.96
C ARG B 1023 -18.03 -11.96 30.75
N ALA B 1024 -16.81 -11.80 30.25
CA ALA B 1024 -15.82 -11.00 30.97
C ALA B 1024 -16.27 -9.53 31.04
N TYR B 1025 -16.75 -8.98 29.93
CA TYR B 1025 -17.13 -7.57 29.83
C TYR B 1025 -18.58 -7.47 29.38
N PRO B 1026 -19.54 -7.49 30.30
CA PRO B 1026 -20.94 -7.38 29.88
C PRO B 1026 -21.23 -6.12 29.07
N ASP B 1027 -20.48 -5.04 29.29
CA ASP B 1027 -20.69 -3.80 28.55
C ASP B 1027 -20.49 -4.01 27.06
N LEU B 1028 -19.49 -4.81 26.69
CA LEU B 1028 -19.07 -4.91 25.30
C LEU B 1028 -20.24 -5.14 24.36
N GLN B 1029 -20.07 -4.71 23.11
CA GLN B 1029 -21.06 -4.89 22.05
C GLN B 1029 -20.41 -5.56 20.86
N ILE B 1030 -21.16 -6.42 20.18
CA ILE B 1030 -20.69 -7.13 18.99
C ILE B 1030 -21.71 -6.93 17.88
N ALA B 1031 -21.22 -6.84 16.65
CA ALA B 1031 -22.07 -6.75 15.47
C ALA B 1031 -21.64 -7.83 14.49
N TYR B 1032 -22.61 -8.60 14.00
CA TYR B 1032 -22.33 -9.72 13.10
C TYR B 1032 -23.47 -9.85 12.10
N LEU B 1033 -23.31 -10.77 11.15
CA LEU B 1033 -24.27 -11.03 10.09
C LEU B 1033 -24.83 -12.43 10.23
N ASP B 1034 -26.13 -12.58 9.96
CA ASP B 1034 -26.77 -13.89 9.92
C ASP B 1034 -27.64 -13.97 8.67
N GLU B 1035 -27.92 -15.20 8.24
CA GLU B 1035 -28.56 -15.46 6.96
C GLU B 1035 -29.75 -16.39 7.15
N GLU B 1036 -30.76 -16.24 6.29
CA GLU B 1036 -31.94 -17.08 6.29
C GLU B 1036 -32.38 -17.36 4.86
N PRO B 1037 -33.08 -18.46 4.62
CA PRO B 1037 -33.57 -18.77 3.28
C PRO B 1037 -34.76 -17.90 2.91
N PRO B 1038 -35.04 -17.74 1.62
CA PRO B 1038 -36.16 -16.90 1.21
C PRO B 1038 -37.51 -17.59 1.39
N LEU B 1039 -38.57 -16.76 1.37
CA LEU B 1039 -39.92 -17.29 1.50
C LEU B 1039 -40.33 -18.07 0.25
N THR B 1040 -40.01 -17.54 -0.92
CA THR B 1040 -40.30 -18.21 -2.18
C THR B 1040 -39.10 -19.05 -2.61
N GLU B 1041 -39.39 -20.20 -3.23
CA GLU B 1041 -38.31 -21.03 -3.75
C GLU B 1041 -37.72 -20.38 -5.00
N GLY B 1042 -36.48 -20.73 -5.30
CA GLY B 1042 -35.78 -20.11 -6.41
C GLY B 1042 -35.51 -18.64 -6.19
N GLU B 1043 -35.07 -18.26 -4.99
CA GLU B 1043 -34.81 -16.87 -4.65
C GLU B 1043 -33.50 -16.79 -3.88
N GLU B 1044 -32.88 -15.61 -3.90
CA GLU B 1044 -31.64 -15.41 -3.20
C GLU B 1044 -31.86 -15.44 -1.68
N PRO B 1045 -30.87 -15.89 -0.91
CA PRO B 1045 -31.02 -15.88 0.56
C PRO B 1045 -31.11 -14.46 1.10
N ARG B 1046 -31.77 -14.33 2.25
CA ARG B 1046 -31.92 -13.05 2.94
C ARG B 1046 -30.84 -12.93 4.00
N ILE B 1047 -30.18 -11.77 4.04
CA ILE B 1047 -29.06 -11.52 4.94
C ILE B 1047 -29.39 -10.34 5.82
N TYR B 1048 -29.22 -10.51 7.13
CA TYR B 1048 -29.47 -9.46 8.10
C TYR B 1048 -28.17 -9.11 8.82
N SER B 1049 -28.17 -7.96 9.47
CA SER B 1049 -27.09 -7.55 10.36
C SER B 1049 -27.65 -7.42 11.77
N ALA B 1050 -26.91 -7.95 12.74
CA ALA B 1050 -27.41 -8.05 14.11
C ALA B 1050 -26.37 -7.56 15.09
N LEU B 1051 -26.83 -7.17 16.28
CA LEU B 1051 -25.97 -6.69 17.34
C LEU B 1051 -26.32 -7.40 18.65
N ILE B 1052 -25.29 -7.78 19.40
CA ILE B 1052 -25.44 -8.41 20.70
C ILE B 1052 -24.46 -7.80 21.68
N ASP B 1053 -24.87 -7.69 22.93
CA ASP B 1053 -24.01 -7.29 24.03
C ASP B 1053 -24.29 -8.21 25.22
N GLY B 1054 -23.43 -8.12 26.23
CA GLY B 1054 -23.51 -9.07 27.33
C GLY B 1054 -24.85 -9.09 28.03
N HIS B 1055 -25.59 -7.99 27.97
CA HIS B 1055 -26.87 -7.92 28.67
C HIS B 1055 -27.92 -8.83 28.04
N CYS B 1056 -27.79 -9.12 26.75
CA CYS B 1056 -28.77 -9.95 26.07
C CYS B 1056 -28.85 -11.34 26.71
N GLU B 1057 -30.06 -11.80 26.96
CA GLU B 1057 -30.29 -13.10 27.57
C GLU B 1057 -29.90 -14.21 26.61
N ILE B 1058 -29.44 -15.32 27.19
CA ILE B 1058 -28.91 -16.44 26.42
C ILE B 1058 -30.02 -17.43 26.13
N LEU B 1059 -30.16 -17.80 24.85
CA LEU B 1059 -31.22 -18.70 24.43
C LEU B 1059 -30.94 -20.14 24.90
N ASP B 1060 -31.95 -20.99 24.74
CA ASP B 1060 -31.80 -22.39 25.12
C ASP B 1060 -30.72 -23.07 24.28
N ASN B 1061 -30.70 -22.79 22.98
CA ASN B 1061 -29.70 -23.39 22.10
C ASN B 1061 -28.30 -22.86 22.37
N GLY B 1062 -28.15 -21.81 23.17
CA GLY B 1062 -26.86 -21.27 23.54
C GLY B 1062 -26.48 -20.00 22.83
N ARG B 1063 -27.13 -19.68 21.71
CA ARG B 1063 -26.85 -18.45 21.00
C ARG B 1063 -27.51 -17.27 21.70
N ARG B 1064 -26.81 -16.14 21.71
CA ARG B 1064 -27.31 -14.95 22.39
C ARG B 1064 -28.39 -14.26 21.55
N ARG B 1065 -29.40 -13.75 22.23
CA ARG B 1065 -30.50 -13.06 21.55
C ARG B 1065 -30.00 -11.77 20.91
N PRO B 1066 -30.37 -11.48 19.66
CA PRO B 1066 -29.94 -10.20 19.05
C PRO B 1066 -30.82 -9.06 19.51
N LYS B 1067 -30.18 -7.95 19.89
CA LYS B 1067 -30.93 -6.78 20.32
C LYS B 1067 -31.54 -6.04 19.13
N PHE B 1068 -30.80 -5.96 18.03
CA PHE B 1068 -31.28 -5.33 16.80
C PHE B 1068 -31.03 -6.25 15.61
N ARG B 1069 -32.02 -6.34 14.72
CA ARG B 1069 -31.87 -6.98 13.43
C ARG B 1069 -32.18 -5.97 12.34
N VAL B 1070 -31.26 -5.84 11.38
CA VAL B 1070 -31.45 -4.96 10.23
C VAL B 1070 -31.24 -5.80 8.98
N GLN B 1071 -32.19 -5.71 8.04
CA GLN B 1071 -32.14 -6.51 6.83
C GLN B 1071 -31.41 -5.72 5.74
N LEU B 1072 -30.50 -6.40 5.05
CA LEU B 1072 -29.76 -5.82 3.94
C LEU B 1072 -30.22 -6.48 2.64
N SER B 1073 -30.33 -5.68 1.57
CA SER B 1073 -30.83 -6.21 0.31
C SER B 1073 -29.96 -7.35 -0.19
N GLY B 1074 -28.67 -7.32 0.11
CA GLY B 1074 -27.78 -8.40 -0.27
C GLY B 1074 -26.61 -8.48 0.68
N ASN B 1075 -25.69 -9.37 0.35
CA ASN B 1075 -24.53 -9.59 1.21
C ASN B 1075 -23.70 -8.30 1.30
N PRO B 1076 -23.40 -7.80 2.51
CA PRO B 1076 -22.69 -6.52 2.61
C PRO B 1076 -21.29 -6.56 2.03
N ILE B 1077 -20.67 -7.73 1.94
CA ILE B 1077 -19.28 -7.82 1.46
C ILE B 1077 -19.39 -7.95 -0.05
N LEU B 1078 -19.54 -6.81 -0.71
CA LEU B 1078 -19.58 -6.80 -2.16
C LEU B 1078 -18.17 -6.94 -2.76
N GLY B 1079 -17.20 -6.28 -2.14
CA GLY B 1079 -15.81 -6.40 -2.56
C GLY B 1079 -14.95 -6.80 -1.38
N ASP B 1080 -13.87 -7.53 -1.67
CA ASP B 1080 -12.98 -8.03 -0.64
C ASP B 1080 -12.20 -6.86 -0.04
N GLY B 1081 -12.63 -6.41 1.15
CA GLY B 1081 -11.96 -5.32 1.82
C GLY B 1081 -12.54 -5.11 3.20
N LYS B 1082 -11.73 -4.47 4.05
CA LYS B 1082 -12.14 -4.15 5.41
C LYS B 1082 -13.21 -3.07 5.46
N SER B 1083 -13.30 -2.23 4.42
CA SER B 1083 -14.25 -1.12 4.43
C SER B 1083 -15.69 -1.59 4.53
N ASP B 1084 -16.05 -2.62 3.75
CA ASP B 1084 -17.41 -3.14 3.82
C ASP B 1084 -17.68 -3.81 5.17
N ASN B 1085 -16.67 -4.46 5.74
CA ASN B 1085 -16.83 -5.05 7.07
C ASN B 1085 -17.19 -3.97 8.08
N GLN B 1086 -16.51 -2.82 8.01
CA GLN B 1086 -16.88 -1.72 8.89
C GLN B 1086 -18.26 -1.16 8.55
N ASN B 1087 -18.56 -1.00 7.25
CA ASN B 1087 -19.81 -0.35 6.86
C ASN B 1087 -21.02 -1.12 7.34
N HIS B 1088 -21.00 -2.45 7.22
CA HIS B 1088 -22.18 -3.20 7.62
C HIS B 1088 -22.44 -3.11 9.11
N ALA B 1089 -21.47 -2.65 9.90
CA ALA B 1089 -21.57 -2.63 11.35
C ALA B 1089 -21.71 -1.23 11.94
N LEU B 1090 -21.24 -0.18 11.27
CA LEU B 1090 -21.19 1.13 11.89
C LEU B 1090 -22.58 1.70 12.19
N ILE B 1091 -23.63 1.20 11.53
CA ILE B 1091 -24.97 1.71 11.77
C ILE B 1091 -25.30 1.61 13.24
N PHE B 1092 -24.61 0.71 13.94
CA PHE B 1092 -24.80 0.53 15.38
C PHE B 1092 -23.90 1.44 16.22
N TYR B 1093 -23.06 2.26 15.61
CA TYR B 1093 -22.22 3.16 16.39
C TYR B 1093 -23.11 4.17 17.10
N ARG B 1094 -22.57 4.70 18.21
CA ARG B 1094 -23.27 5.72 18.98
C ARG B 1094 -22.27 6.80 19.37
N GLY B 1095 -22.79 7.99 19.60
CA GLY B 1095 -21.96 9.11 20.01
C GLY B 1095 -21.58 10.01 18.85
N GLU B 1096 -20.82 11.05 19.19
CA GLU B 1096 -20.41 12.04 18.22
C GLU B 1096 -19.02 11.78 17.63
N TYR B 1097 -18.22 10.93 18.25
CA TYR B 1097 -16.86 10.69 17.81
C TYR B 1097 -16.60 9.20 17.73
N ILE B 1098 -15.76 8.80 16.78
CA ILE B 1098 -15.45 7.40 16.55
C ILE B 1098 -13.93 7.24 16.55
N GLN B 1099 -13.46 6.18 17.18
CA GLN B 1099 -12.05 5.78 17.11
C GLN B 1099 -11.95 4.49 16.34
N LEU B 1100 -11.10 4.48 15.31
CA LEU B 1100 -10.88 3.29 14.50
C LEU B 1100 -9.60 2.61 14.92
N ILE B 1101 -9.64 1.28 15.01
CA ILE B 1101 -8.45 0.48 15.22
C ILE B 1101 -8.57 -0.80 14.42
N ASP B 1102 -7.43 -1.31 13.96
CA ASP B 1102 -7.40 -2.59 13.27
C ASP B 1102 -7.53 -3.73 14.28
N ALA B 1103 -7.41 -4.96 13.79
CA ALA B 1103 -7.68 -6.12 14.64
C ALA B 1103 -6.84 -6.12 15.90
N ASN B 1104 -5.56 -5.72 15.80
CA ASN B 1104 -4.63 -5.81 16.91
C ASN B 1104 -4.07 -4.42 17.23
N GLN B 1105 -4.27 -3.99 18.47
CA GLN B 1105 -3.69 -2.76 18.99
C GLN B 1105 -3.61 -2.88 20.51
N ASP B 1106 -2.81 -2.01 21.11
CA ASP B 1106 -2.61 -2.03 22.55
C ASP B 1106 -2.85 -0.63 23.11
N ASN B 1107 -3.47 -0.59 24.29
CA ASN B 1107 -3.79 0.68 24.94
C ASN B 1107 -3.57 0.53 26.45
N TYR B 1108 -3.37 1.66 27.11
CA TYR B 1108 -2.99 1.67 28.52
C TYR B 1108 -3.77 2.75 29.26
N LEU B 1109 -3.84 2.60 30.59
CA LEU B 1109 -4.68 3.48 31.38
C LEU B 1109 -4.24 4.93 31.25
N GLU B 1110 -2.92 5.19 31.24
CA GLU B 1110 -2.45 6.56 31.12
C GLU B 1110 -2.91 7.19 29.81
N GLU B 1111 -2.83 6.45 28.71
CA GLU B 1111 -3.33 6.97 27.43
C GLU B 1111 -4.84 7.21 27.49
N CYS B 1112 -5.57 6.43 28.29
CA CYS B 1112 -7.02 6.63 28.39
C CYS B 1112 -7.36 7.88 29.17
N LEU B 1113 -6.59 8.20 30.22
CA LEU B 1113 -6.89 9.37 31.03
C LEU B 1113 -6.97 10.64 30.18
N LYS B 1114 -6.15 10.72 29.14
CA LYS B 1114 -6.10 11.89 28.28
C LYS B 1114 -7.17 11.87 27.20
N ILE B 1115 -8.17 10.99 27.29
CA ILE B 1115 -9.17 10.90 26.25
C ILE B 1115 -9.98 12.18 26.15
N ARG B 1116 -10.27 12.80 27.30
CA ARG B 1116 -11.03 14.05 27.28
C ARG B 1116 -10.29 15.12 26.49
N SER B 1117 -8.97 15.20 26.66
CA SER B 1117 -8.18 16.15 25.88
C SER B 1117 -8.23 15.83 24.39
N VAL B 1118 -8.11 14.54 24.04
CA VAL B 1118 -8.08 14.16 22.63
C VAL B 1118 -9.37 14.57 21.94
N LEU B 1119 -10.51 14.30 22.58
CA LEU B 1119 -11.77 14.71 21.99
C LEU B 1119 -11.90 16.23 21.91
N ALA B 1120 -11.29 16.95 22.85
CA ALA B 1120 -11.43 18.40 22.87
C ALA B 1120 -10.81 19.05 21.64
N GLU B 1121 -9.79 18.43 21.06
CA GLU B 1121 -9.09 19.04 19.94
C GLU B 1121 -9.90 19.01 18.64
N PHE B 1122 -11.06 18.34 18.63
CA PHE B 1122 -11.96 18.48 17.51
C PHE B 1122 -12.58 19.88 17.43
N GLU B 1123 -12.40 20.70 18.47
CA GLU B 1123 -12.77 22.10 18.48
C GLU B 1123 -14.27 22.32 18.57
N GLU B 1124 -15.01 21.34 19.10
CA GLU B 1124 -16.45 21.47 19.31
C GLU B 1124 -16.82 21.72 20.77
N LEU B 1125 -16.02 21.20 21.71
CA LEU B 1125 -16.41 21.20 23.11
C LEU B 1125 -16.28 22.57 23.77
N ASN B 1126 -15.18 23.27 23.51
CA ASN B 1126 -14.85 24.49 24.25
C ASN B 1126 -15.27 25.77 23.55
N VAL B 1127 -15.97 25.68 22.43
CA VAL B 1127 -16.36 26.86 21.67
C VAL B 1127 -17.74 27.33 22.12
N GLU B 1128 -17.99 28.63 22.00
CA GLU B 1128 -19.31 29.16 22.30
C GLU B 1128 -20.26 28.87 21.15
N GLN B 1129 -21.55 28.92 21.46
CA GLN B 1129 -22.61 28.56 20.52
C GLN B 1129 -23.37 29.81 20.08
N VAL B 1130 -23.65 29.88 18.78
CA VAL B 1130 -24.42 30.97 18.20
C VAL B 1130 -25.44 30.39 17.22
N ASN B 1131 -26.45 31.19 16.90
CA ASN B 1131 -27.47 30.77 15.94
C ASN B 1131 -26.86 30.74 14.54
N PRO B 1132 -26.90 29.61 13.85
CA PRO B 1132 -26.33 29.55 12.49
C PRO B 1132 -27.24 30.10 11.41
N TYR B 1133 -28.44 30.55 11.75
CA TYR B 1133 -29.40 31.06 10.78
C TYR B 1133 -29.72 32.54 10.96
N ALA B 1134 -28.91 33.27 11.73
CA ALA B 1134 -29.20 34.68 11.97
C ALA B 1134 -29.22 35.43 10.64
N PRO B 1135 -30.22 36.31 10.42
CA PRO B 1135 -30.26 37.02 9.12
C PRO B 1135 -29.02 37.83 8.82
N GLY B 1136 -28.44 38.48 9.83
CA GLY B 1136 -27.31 39.36 9.58
C GLY B 1136 -26.05 38.62 9.14
N LEU B 1137 -25.80 37.46 9.75
CA LEU B 1137 -24.52 36.78 9.54
C LEU B 1137 -24.33 36.39 8.09
N ARG B 1138 -23.07 36.41 7.65
CA ARG B 1138 -22.70 36.12 6.27
C ARG B 1138 -21.61 35.05 6.25
N TYR B 1139 -21.57 34.29 5.15
CA TYR B 1139 -20.64 33.17 5.03
C TYR B 1139 -19.21 33.61 5.37
N GLU B 1140 -18.76 34.72 4.80
CA GLU B 1140 -17.38 35.17 5.01
C GLU B 1140 -17.08 35.39 6.49
N GLU B 1141 -18.06 35.81 7.28
CA GLU B 1141 -17.83 36.12 8.68
C GLU B 1141 -17.81 34.87 9.56
N GLN B 1142 -18.42 33.77 9.10
CA GLN B 1142 -18.56 32.59 9.95
C GLN B 1142 -17.20 31.95 10.22
N THR B 1143 -17.06 31.37 11.42
CA THR B 1143 -15.84 30.69 11.83
C THR B 1143 -15.98 29.17 11.88
N THR B 1144 -17.14 28.63 11.50
CA THR B 1144 -17.38 27.19 11.55
C THR B 1144 -17.42 26.56 10.17
N ASN B 1145 -16.84 27.22 9.16
CA ASN B 1145 -16.95 26.74 7.79
C ASN B 1145 -16.24 25.40 7.61
N HIS B 1146 -15.09 25.22 8.25
CA HIS B 1146 -14.25 24.03 8.03
C HIS B 1146 -14.12 23.22 9.32
N PRO B 1147 -14.89 22.15 9.48
CA PRO B 1147 -14.79 21.35 10.70
C PRO B 1147 -13.49 20.55 10.76
N VAL B 1148 -13.26 19.93 11.91
CA VAL B 1148 -12.12 19.03 12.10
C VAL B 1148 -12.63 17.63 11.78
N ALA B 1149 -12.41 17.20 10.54
CA ALA B 1149 -12.97 15.93 10.10
C ALA B 1149 -12.27 14.75 10.76
N ILE B 1150 -10.94 14.77 10.80
CA ILE B 1150 -10.17 13.62 11.26
C ILE B 1150 -9.09 14.09 12.23
N VAL B 1151 -8.66 13.19 13.11
CA VAL B 1151 -7.57 13.43 14.03
C VAL B 1151 -6.66 12.21 14.03
N GLY B 1152 -5.36 12.44 13.98
CA GLY B 1152 -4.37 11.37 13.99
C GLY B 1152 -3.53 11.45 15.25
N ALA B 1153 -3.13 10.29 15.76
CA ALA B 1153 -2.35 10.18 16.99
C ALA B 1153 -0.96 9.68 16.67
N ARG B 1154 0.06 10.36 17.19
CA ARG B 1154 1.45 10.02 16.96
C ARG B 1154 2.21 10.08 18.28
N GLU B 1155 3.46 9.61 18.24
CA GLU B 1155 4.32 9.66 19.41
C GLU B 1155 4.45 11.10 19.91
N PHE B 1176 24.05 13.20 20.31
CA PHE B 1176 23.60 11.98 19.64
C PHE B 1176 22.10 11.81 19.72
N GLY B 1177 21.56 11.95 20.94
CA GLY B 1177 20.12 11.76 21.12
C GLY B 1177 19.30 12.73 20.28
N THR B 1178 19.75 13.98 20.18
CA THR B 1178 19.05 14.96 19.37
C THR B 1178 19.03 14.55 17.90
N LEU B 1179 20.15 14.01 17.40
CA LEU B 1179 20.20 13.57 16.01
C LEU B 1179 19.23 12.42 15.77
N PHE B 1180 19.18 11.47 16.70
CA PHE B 1180 18.24 10.36 16.56
C PHE B 1180 16.80 10.85 16.62
N ALA B 1181 16.52 11.84 17.46
CA ALA B 1181 15.19 12.44 17.46
C ALA B 1181 14.87 13.09 16.11
N ARG B 1182 15.86 13.77 15.52
CA ARG B 1182 15.68 14.34 14.19
C ARG B 1182 15.30 13.25 13.18
N THR B 1183 16.04 12.15 13.18
CA THR B 1183 15.79 11.10 12.20
C THR B 1183 14.44 10.42 12.46
N LEU B 1184 14.09 10.24 13.74
CA LEU B 1184 12.78 9.70 14.09
C LEU B 1184 11.66 10.58 13.56
N SER B 1185 11.82 11.91 13.71
CA SER B 1185 10.85 12.82 13.13
C SER B 1185 10.81 12.68 11.62
N GLN B 1186 11.98 12.56 10.99
CA GLN B 1186 12.04 12.41 9.54
C GLN B 1186 11.20 11.22 9.08
N ILE B 1187 11.41 10.05 9.69
CA ILE B 1187 10.65 8.87 9.28
C ILE B 1187 9.17 9.04 9.65
N GLY B 1188 8.89 9.74 10.75
CA GLY B 1188 7.50 9.92 11.17
C GLY B 1188 6.69 10.76 10.20
N GLY B 1189 7.29 11.81 9.65
CA GLY B 1189 6.57 12.74 8.79
C GLY B 1189 6.03 12.12 7.51
N LYS B 1190 4.74 12.32 7.26
CA LYS B 1190 4.09 11.83 6.04
C LYS B 1190 2.59 12.12 6.08
N HIS B 1195 -2.98 7.33 8.72
CA HIS B 1195 -4.02 6.47 9.27
C HIS B 1195 -4.89 7.23 10.27
N PRO B 1196 -6.16 7.48 9.91
CA PRO B 1196 -7.07 8.14 10.85
C PRO B 1196 -7.34 7.32 12.10
N ASP B 1197 -6.90 7.80 13.26
CA ASP B 1197 -7.11 7.12 14.52
C ASP B 1197 -8.34 7.64 15.27
N PHE B 1198 -8.87 8.78 14.86
CA PHE B 1198 -10.12 9.32 15.40
C PHE B 1198 -10.87 9.95 14.24
N ILE B 1199 -12.19 10.05 14.38
CA ILE B 1199 -13.03 10.58 13.31
C ILE B 1199 -14.16 11.38 13.92
N ASN B 1200 -14.51 12.48 13.25
CA ASN B 1200 -15.70 13.25 13.59
C ASN B 1200 -16.91 12.50 13.05
N ALA B 1201 -17.66 11.86 13.93
CA ALA B 1201 -18.68 10.91 13.50
C ALA B 1201 -19.64 11.54 12.50
N THR B 1202 -20.22 12.69 12.86
CA THR B 1202 -21.21 13.30 11.97
C THR B 1202 -20.61 13.67 10.63
N PHE B 1203 -19.42 14.27 10.64
CA PHE B 1203 -18.83 14.76 9.40
C PHE B 1203 -18.58 13.64 8.42
N MET B 1204 -17.88 12.60 8.85
CA MET B 1204 -17.56 11.49 7.95
C MET B 1204 -18.76 10.60 7.67
N THR B 1205 -19.76 10.60 8.57
CA THR B 1205 -20.96 9.81 8.34
C THR B 1205 -21.83 10.43 7.24
N THR B 1206 -22.00 11.74 7.27
CA THR B 1206 -22.81 12.39 6.25
C THR B 1206 -22.12 12.39 4.89
N ARG B 1207 -20.79 12.49 4.86
CA ARG B 1207 -20.02 12.52 3.62
C ARG B 1207 -19.37 11.16 3.40
N GLY B 1208 -19.77 10.49 2.33
CA GLY B 1208 -19.19 9.19 2.02
C GLY B 1208 -19.35 8.23 3.19
N GLY B 1209 -18.25 7.59 3.56
CA GLY B 1209 -18.24 6.64 4.65
C GLY B 1209 -17.02 6.82 5.51
N VAL B 1210 -16.99 6.06 6.61
CA VAL B 1210 -15.87 6.12 7.53
C VAL B 1210 -14.59 5.68 6.84
N SER B 1211 -14.68 4.66 5.98
CA SER B 1211 -13.55 4.20 5.18
C SER B 1211 -14.05 3.85 3.79
N LYS B 1212 -13.34 4.29 2.77
CA LYS B 1212 -13.82 4.16 1.41
C LYS B 1212 -12.82 3.48 0.48
N ALA B 1213 -12.27 2.34 0.90
CA ALA B 1213 -11.40 1.58 0.01
C ALA B 1213 -12.14 1.18 -1.26
N GLN B 1214 -13.38 0.71 -1.11
CA GLN B 1214 -14.26 0.40 -2.23
C GLN B 1214 -13.59 -0.52 -3.25
N LYS B 1215 -12.96 -1.58 -2.75
CA LYS B 1215 -12.35 -2.58 -3.62
C LYS B 1215 -13.13 -3.89 -3.54
N GLU B 1221 -8.42 2.35 1.04
CA GLU B 1221 -7.51 2.37 2.17
C GLU B 1221 -7.61 3.69 2.94
N ASP B 1222 -6.83 3.81 4.01
CA ASP B 1222 -6.94 4.98 4.88
C ASP B 1222 -6.60 6.27 4.15
N ILE B 1223 -5.56 6.25 3.32
CA ILE B 1223 -5.14 7.47 2.63
C ILE B 1223 -6.28 8.00 1.77
N TYR B 1224 -7.04 7.11 1.14
CA TYR B 1224 -8.16 7.55 0.33
C TYR B 1224 -9.22 8.25 1.19
N ALA B 1225 -9.50 7.71 2.37
CA ALA B 1225 -10.48 8.35 3.25
C ALA B 1225 -9.99 9.73 3.69
N GLY B 1226 -8.71 9.83 4.05
CA GLY B 1226 -8.17 11.12 4.45
C GLY B 1226 -8.23 12.13 3.32
N MET B 1227 -7.90 11.71 2.10
CA MET B 1227 -7.94 12.63 0.97
C MET B 1227 -9.37 13.03 0.63
N ASN B 1228 -10.33 12.11 0.78
CA ASN B 1228 -11.72 12.48 0.60
C ASN B 1228 -12.15 13.52 1.61
N ALA B 1229 -11.74 13.35 2.88
CA ALA B 1229 -12.06 14.35 3.89
C ALA B 1229 -11.44 15.69 3.54
N MET B 1230 -10.19 15.69 3.08
CA MET B 1230 -9.54 16.95 2.71
C MET B 1230 -10.27 17.62 1.56
N LEU B 1231 -10.65 16.86 0.54
CA LEU B 1231 -11.36 17.44 -0.61
C LEU B 1231 -12.71 18.00 -0.20
N ARG B 1232 -13.46 17.26 0.63
CA ARG B 1232 -14.81 17.69 0.97
C ARG B 1232 -14.81 19.04 1.68
N GLY B 1233 -13.79 19.31 2.48
CA GLY B 1233 -13.67 20.60 3.13
C GLY B 1233 -13.22 20.52 4.57
N GLY B 1234 -13.10 19.32 5.12
CA GLY B 1234 -12.69 19.17 6.49
C GLY B 1234 -11.20 19.38 6.68
N ARG B 1235 -10.80 19.44 7.94
CA ARG B 1235 -9.41 19.57 8.34
C ARG B 1235 -8.93 18.28 8.98
N ILE B 1236 -7.62 18.13 9.06
CA ILE B 1236 -6.98 16.99 9.70
C ILE B 1236 -5.95 17.51 10.68
N LYS B 1237 -6.02 17.03 11.93
CA LYS B 1237 -5.12 17.46 12.98
C LYS B 1237 -4.36 16.28 13.55
N HIS B 1238 -3.17 16.55 14.06
CA HIS B 1238 -2.33 15.54 14.68
C HIS B 1238 -1.98 15.99 16.08
N CYS B 1239 -2.02 15.04 17.02
CA CYS B 1239 -1.74 15.29 18.43
C CYS B 1239 -0.60 14.38 18.88
N GLU B 1240 0.31 14.93 19.68
CA GLU B 1240 1.47 14.19 20.16
C GLU B 1240 1.31 13.68 21.58
N TYR B 1241 0.19 13.95 22.24
CA TYR B 1241 -0.02 13.54 23.62
C TYR B 1241 -0.72 12.20 23.75
N TYR B 1242 -1.01 11.52 22.63
CA TYR B 1242 -1.67 10.23 22.63
C TYR B 1242 -1.01 9.34 21.60
N GLN B 1243 -0.56 8.15 22.02
CA GLN B 1243 0.18 7.24 21.17
C GLN B 1243 -0.47 5.86 21.19
N CYS B 1244 -0.63 5.28 20.01
CA CYS B 1244 -1.20 3.95 19.84
C CYS B 1244 -0.24 3.07 19.05
N GLY B 1245 -0.16 1.80 19.42
CA GLY B 1245 0.75 0.85 18.81
C GLY B 1245 0.01 -0.11 17.89
N LYS B 1246 0.57 -0.31 16.70
CA LYS B 1246 0.01 -1.22 15.71
C LYS B 1246 1.10 -2.15 15.20
N GLY B 1247 0.80 -3.45 15.17
CA GLY B 1247 1.78 -4.44 14.74
C GLY B 1247 1.15 -5.64 14.07
N GLY B 1267 1.64 2.81 -6.31
CA GLY B 1267 1.56 2.42 -7.70
C GLY B 1267 0.20 2.68 -8.33
N GLU B 1268 -0.83 2.01 -7.81
CA GLU B 1268 -2.18 2.23 -8.33
C GLU B 1268 -2.69 3.62 -8.00
N GLN B 1269 -2.21 4.23 -6.91
CA GLN B 1269 -2.69 5.54 -6.52
C GLN B 1269 -2.55 6.56 -7.65
N MET B 1270 -1.49 6.44 -8.44
CA MET B 1270 -1.20 7.46 -9.45
C MET B 1270 -2.37 7.63 -10.41
N LEU B 1271 -3.16 6.59 -10.62
CA LEU B 1271 -4.30 6.65 -11.52
C LEU B 1271 -5.58 7.12 -10.83
N SER B 1272 -5.56 7.27 -9.51
CA SER B 1272 -6.79 7.60 -8.78
C SER B 1272 -7.29 8.98 -9.14
N ARG B 1273 -8.62 9.13 -9.15
CA ARG B 1273 -9.21 10.44 -9.41
C ARG B 1273 -8.85 11.45 -8.33
N GLU B 1274 -8.70 10.99 -7.08
CA GLU B 1274 -8.40 11.92 -5.99
C GLU B 1274 -7.06 12.60 -6.20
N TYR B 1275 -6.05 11.83 -6.65
CA TYR B 1275 -4.76 12.43 -6.97
C TYR B 1275 -4.92 13.51 -8.04
N TYR B 1276 -5.72 13.23 -9.06
CA TYR B 1276 -5.93 14.20 -10.14
C TYR B 1276 -6.57 15.47 -9.61
N TYR B 1277 -7.62 15.33 -8.79
CA TYR B 1277 -8.26 16.51 -8.23
C TYR B 1277 -7.30 17.32 -7.37
N LEU B 1278 -6.56 16.65 -6.50
CA LEU B 1278 -5.64 17.35 -5.60
C LEU B 1278 -4.56 18.08 -6.38
N GLY B 1279 -3.93 17.40 -7.35
CA GLY B 1279 -2.88 18.02 -8.11
C GLY B 1279 -3.36 19.12 -9.04
N THR B 1280 -4.59 19.01 -9.53
CA THR B 1280 -5.11 19.99 -10.48
C THR B 1280 -5.74 21.20 -9.81
N GLN B 1281 -6.12 21.12 -8.54
CA GLN B 1281 -6.87 22.19 -7.91
C GLN B 1281 -6.29 22.72 -6.61
N LEU B 1282 -5.22 22.12 -6.09
CA LEU B 1282 -4.65 22.61 -4.85
C LEU B 1282 -3.94 23.95 -5.06
N PRO B 1283 -3.85 24.78 -4.02
CA PRO B 1283 -2.95 25.92 -4.10
C PRO B 1283 -1.50 25.47 -4.22
N VAL B 1284 -0.65 26.36 -4.73
CA VAL B 1284 0.71 25.98 -5.10
C VAL B 1284 1.46 25.43 -3.90
N ASP B 1285 1.41 26.13 -2.76
CA ASP B 1285 2.17 25.67 -1.60
C ASP B 1285 1.57 24.39 -1.03
N ARG B 1286 0.24 24.34 -0.91
CA ARG B 1286 -0.41 23.11 -0.49
C ARG B 1286 -0.11 21.99 -1.46
N PHE B 1287 -0.09 22.30 -2.75
CA PHE B 1287 0.18 21.29 -3.76
C PHE B 1287 1.59 20.73 -3.60
N LEU B 1288 2.58 21.60 -3.39
CA LEU B 1288 3.93 21.10 -3.18
C LEU B 1288 4.01 20.23 -1.93
N THR B 1289 3.38 20.67 -0.85
CA THR B 1289 3.35 19.84 0.36
C THR B 1289 2.80 18.45 0.04
N PHE B 1290 1.66 18.40 -0.62
CA PHE B 1290 1.04 17.11 -0.92
C PHE B 1290 1.91 16.28 -1.84
N TYR B 1291 2.45 16.88 -2.90
CA TYR B 1291 3.21 16.13 -3.88
C TYR B 1291 4.46 15.53 -3.26
N TYR B 1292 5.23 16.34 -2.54
CA TYR B 1292 6.45 15.81 -1.97
C TYR B 1292 6.20 14.95 -0.74
N ALA B 1293 4.99 14.98 -0.18
CA ALA B 1293 4.70 14.00 0.86
C ALA B 1293 4.51 12.60 0.27
N HIS B 1294 3.43 12.40 -0.47
CA HIS B 1294 3.02 11.06 -0.88
C HIS B 1294 3.66 10.57 -2.18
N PRO B 1295 3.48 11.24 -3.33
CA PRO B 1295 4.05 10.70 -4.57
C PRO B 1295 5.50 11.04 -4.80
N GLY B 1296 6.03 12.06 -4.12
CA GLY B 1296 7.41 12.44 -4.33
C GLY B 1296 8.37 11.30 -4.07
N PHE B 1297 8.08 10.49 -3.05
CA PHE B 1297 8.95 9.36 -2.74
C PHE B 1297 9.03 8.36 -3.89
N HIS B 1298 7.87 7.97 -4.42
CA HIS B 1298 7.84 7.00 -5.51
C HIS B 1298 8.55 7.55 -6.74
N LEU B 1299 8.23 8.80 -7.11
CA LEU B 1299 8.85 9.36 -8.30
C LEU B 1299 10.36 9.56 -8.11
N ASN B 1300 10.79 9.88 -6.88
CA ASN B 1300 12.21 10.01 -6.62
C ASN B 1300 12.93 8.68 -6.78
N ASN B 1301 12.33 7.59 -6.29
CA ASN B 1301 12.95 6.29 -6.49
C ASN B 1301 13.03 5.94 -7.97
N LEU B 1302 11.94 6.20 -8.71
CA LEU B 1302 11.95 5.93 -10.14
C LEU B 1302 13.04 6.73 -10.84
N PHE B 1303 13.20 8.00 -10.46
CA PHE B 1303 14.23 8.82 -11.07
C PHE B 1303 15.63 8.36 -10.68
N ILE B 1304 15.81 7.83 -9.47
CA ILE B 1304 17.11 7.28 -9.11
C ILE B 1304 17.46 6.13 -10.04
N GLN B 1305 16.52 5.21 -10.28
CA GLN B 1305 16.79 4.11 -11.18
C GLN B 1305 17.06 4.60 -12.60
N LEU B 1306 16.25 5.56 -13.07
CA LEU B 1306 16.44 6.10 -14.41
C LEU B 1306 17.79 6.76 -14.56
N SER B 1307 18.22 7.53 -13.55
CA SER B 1307 19.51 8.20 -13.62
C SER B 1307 20.64 7.20 -13.56
N LEU B 1308 20.47 6.12 -12.82
CA LEU B 1308 21.47 5.04 -12.84
C LEU B 1308 21.64 4.51 -14.26
N GLN B 1309 20.53 4.16 -14.91
CA GLN B 1309 20.62 3.64 -16.28
C GLN B 1309 21.22 4.66 -17.23
N MET B 1310 20.79 5.92 -17.12
CA MET B 1310 21.30 6.96 -18.00
C MET B 1310 22.80 7.16 -17.79
N PHE B 1311 23.25 7.12 -16.53
CA PHE B 1311 24.67 7.25 -16.27
C PHE B 1311 25.44 6.07 -16.84
N MET B 1312 24.88 4.87 -16.76
CA MET B 1312 25.59 3.73 -17.36
C MET B 1312 25.74 3.91 -18.86
N LEU B 1313 24.69 4.38 -19.53
CA LEU B 1313 24.80 4.62 -20.97
C LEU B 1313 25.85 5.69 -21.27
N THR B 1314 25.81 6.81 -20.53
CA THR B 1314 26.77 7.88 -20.75
C THR B 1314 28.18 7.40 -20.46
N LEU B 1315 28.35 6.59 -19.42
CA LEU B 1315 29.66 6.06 -19.07
C LEU B 1315 30.19 5.13 -20.15
N VAL B 1316 29.31 4.32 -20.75
CA VAL B 1316 29.74 3.47 -21.86
C VAL B 1316 30.26 4.34 -23.00
N ASN B 1317 29.47 5.34 -23.40
CA ASN B 1317 29.89 6.16 -24.54
C ASN B 1317 31.16 6.94 -24.23
N LEU B 1318 31.24 7.50 -23.01
CA LEU B 1318 32.40 8.30 -22.63
C LEU B 1318 33.65 7.45 -22.51
N SER B 1319 33.51 6.23 -21.99
CA SER B 1319 34.65 5.33 -21.92
C SER B 1319 35.12 4.93 -23.31
N SER B 1320 34.20 4.68 -24.23
CA SER B 1320 34.60 4.40 -25.61
C SER B 1320 35.38 5.57 -26.19
N LEU B 1321 34.85 6.79 -25.99
CA LEU B 1321 35.52 7.97 -26.52
C LEU B 1321 36.91 8.14 -25.92
N ALA B 1322 37.06 7.93 -24.61
CA ALA B 1322 38.37 8.05 -23.99
C ALA B 1322 39.32 6.96 -24.47
N HIS B 1323 38.83 5.74 -24.61
CA HIS B 1323 39.69 4.63 -25.02
C HIS B 1323 40.22 4.84 -26.43
N GLU B 1324 39.33 5.13 -27.38
CA GLU B 1324 39.77 5.26 -28.75
C GLU B 1324 40.57 6.54 -28.99
N SER B 1325 40.52 7.50 -28.08
CA SER B 1325 41.18 8.78 -28.25
C SER B 1325 42.47 8.85 -27.44
N ILE B 1326 43.20 9.94 -27.63
CA ILE B 1326 44.43 10.24 -26.90
C ILE B 1326 44.21 11.53 -26.13
N MET B 1327 44.42 11.50 -24.82
CA MET B 1327 44.06 12.58 -23.93
C MET B 1327 45.30 13.22 -23.31
N CYS B 1328 45.10 14.41 -22.75
CA CYS B 1328 46.17 15.22 -22.19
C CYS B 1328 45.69 15.85 -20.88
N ILE B 1329 46.51 15.74 -19.84
CA ILE B 1329 46.14 16.18 -18.49
C ILE B 1329 46.95 17.40 -18.11
N TYR B 1330 46.42 18.17 -17.15
CA TYR B 1330 47.04 19.39 -16.66
C TYR B 1330 46.81 19.54 -15.15
N ASP B 1331 47.82 20.06 -14.46
CA ASP B 1331 47.73 20.29 -13.03
C ASP B 1331 47.08 21.64 -12.73
N ARG B 1332 46.60 21.80 -11.49
CA ARG B 1332 45.94 23.05 -11.11
C ARG B 1332 46.92 24.20 -11.07
N ASN B 1333 48.15 23.95 -10.61
CA ASN B 1333 49.17 25.01 -10.61
C ASN B 1333 49.47 25.46 -12.03
N LYS B 1334 49.53 24.52 -12.96
CA LYS B 1334 49.81 24.87 -14.35
C LYS B 1334 48.72 25.78 -14.89
N PRO B 1335 49.07 26.80 -15.69
CA PRO B 1335 48.05 27.78 -16.12
C PRO B 1335 46.87 27.14 -16.84
N LYS B 1336 45.69 27.73 -16.63
CA LYS B 1336 44.47 27.21 -17.23
C LYS B 1336 44.53 27.23 -18.75
N THR B 1337 44.99 28.33 -19.33
CA THR B 1337 45.15 28.45 -20.78
C THR B 1337 46.63 28.36 -21.11
N ASP B 1338 46.99 27.37 -21.91
CA ASP B 1338 48.39 27.13 -22.24
C ASP B 1338 48.44 26.16 -23.41
N VAL B 1339 49.63 26.07 -24.02
CA VAL B 1339 49.82 25.13 -25.13
C VAL B 1339 49.62 23.70 -24.62
N LEU B 1340 48.92 22.90 -25.43
CA LEU B 1340 48.67 21.52 -25.07
C LEU B 1340 49.99 20.77 -24.94
N VAL B 1341 50.11 19.95 -23.89
CA VAL B 1341 51.35 19.24 -23.66
C VAL B 1341 51.71 18.34 -24.84
N PRO B 1342 50.82 17.46 -25.33
CA PRO B 1342 51.05 16.86 -26.64
C PRO B 1342 50.38 17.68 -27.74
N ILE B 1343 51.07 17.93 -28.84
CA ILE B 1343 50.48 18.73 -29.92
C ILE B 1343 49.36 17.93 -30.56
N GLY B 1344 48.26 18.61 -30.89
CA GLY B 1344 47.14 17.95 -31.52
C GLY B 1344 46.45 16.92 -30.65
N CYS B 1345 46.22 17.23 -29.38
CA CYS B 1345 45.51 16.35 -28.46
C CYS B 1345 44.19 16.99 -28.08
N TYR B 1346 43.18 16.14 -27.87
CA TYR B 1346 41.92 16.55 -27.29
C TYR B 1346 41.92 16.13 -25.83
N ASN B 1347 41.71 17.08 -24.93
CA ASN B 1347 41.70 16.81 -23.50
C ASN B 1347 40.25 16.61 -23.09
N PHE B 1348 39.92 15.38 -22.69
CA PHE B 1348 38.60 15.06 -22.18
C PHE B 1348 38.60 14.87 -20.67
N GLN B 1349 39.70 15.23 -20.00
CA GLN B 1349 39.77 15.02 -18.56
C GLN B 1349 38.61 15.67 -17.83
N PRO B 1350 38.13 16.86 -18.21
CA PRO B 1350 36.94 17.40 -17.55
C PRO B 1350 35.73 16.47 -17.65
N ALA B 1351 35.63 15.66 -18.70
CA ALA B 1351 34.52 14.71 -18.79
C ALA B 1351 34.59 13.66 -17.69
N VAL B 1352 35.76 13.06 -17.49
CA VAL B 1352 35.87 12.08 -16.41
C VAL B 1352 35.73 12.77 -15.06
N ASP B 1353 36.14 14.03 -14.97
CA ASP B 1353 35.86 14.79 -13.76
C ASP B 1353 34.36 14.90 -13.53
N TRP B 1354 33.59 15.11 -14.60
CA TRP B 1354 32.13 15.10 -14.48
C TRP B 1354 31.65 13.74 -13.98
N VAL B 1355 32.26 12.67 -14.47
CA VAL B 1355 31.89 11.34 -13.99
C VAL B 1355 32.07 11.26 -12.48
N ARG B 1356 33.20 11.77 -11.99
CA ARG B 1356 33.46 11.77 -10.54
C ARG B 1356 32.41 12.59 -9.80
N ARG B 1357 32.10 13.79 -10.33
CA ARG B 1357 31.11 14.63 -9.69
C ARG B 1357 29.75 13.95 -9.62
N TYR B 1358 29.36 13.29 -10.71
CA TYR B 1358 28.08 12.60 -10.74
C TYR B 1358 28.05 11.44 -9.74
N THR B 1359 29.15 10.70 -9.64
CA THR B 1359 29.20 9.63 -8.65
C THR B 1359 29.00 10.18 -7.25
N LEU B 1360 29.66 11.29 -6.93
CA LEU B 1360 29.46 11.90 -5.62
C LEU B 1360 28.01 12.32 -5.41
N SER B 1361 27.40 12.92 -6.43
CA SER B 1361 26.01 13.37 -6.29
C SER B 1361 25.08 12.19 -6.02
N ILE B 1362 25.22 11.12 -6.79
CA ILE B 1362 24.34 9.97 -6.61
C ILE B 1362 24.60 9.32 -5.26
N PHE B 1363 25.87 9.28 -4.82
CA PHE B 1363 26.15 8.75 -3.50
C PHE B 1363 25.42 9.55 -2.43
N ILE B 1364 25.43 10.87 -2.54
CA ILE B 1364 24.73 11.69 -1.54
C ILE B 1364 23.25 11.39 -1.56
N VAL B 1365 22.65 11.34 -2.76
CA VAL B 1365 21.22 11.09 -2.84
C VAL B 1365 20.86 9.74 -2.25
N PHE B 1366 21.64 8.70 -2.60
CA PHE B 1366 21.38 7.36 -2.08
C PHE B 1366 21.51 7.33 -0.56
N TRP B 1367 22.54 7.98 -0.02
CA TRP B 1367 22.72 8.02 1.42
C TRP B 1367 21.52 8.67 2.11
N ILE B 1368 21.07 9.81 1.58
CA ILE B 1368 19.93 10.50 2.18
C ILE B 1368 18.68 9.64 2.08
N ALA B 1369 18.51 8.92 0.98
CA ALA B 1369 17.35 8.05 0.86
C ALA B 1369 17.45 6.84 1.78
N PHE B 1370 18.65 6.44 2.18
CA PHE B 1370 18.82 5.27 3.01
C PHE B 1370 18.85 5.57 4.51
N VAL B 1371 19.04 6.84 4.90
CA VAL B 1371 19.00 7.16 6.33
C VAL B 1371 17.71 6.72 6.99
N PRO B 1372 16.51 6.90 6.39
CA PRO B 1372 15.30 6.43 7.09
C PRO B 1372 15.29 4.94 7.36
N ILE B 1373 15.80 4.14 6.43
CA ILE B 1373 15.74 2.68 6.57
C ILE B 1373 16.60 2.22 7.73
N VAL B 1374 17.84 2.74 7.80
CA VAL B 1374 18.71 2.41 8.93
C VAL B 1374 18.13 2.94 10.23
N VAL B 1375 17.52 4.13 10.18
CA VAL B 1375 16.93 4.72 11.38
C VAL B 1375 15.80 3.84 11.91
N GLN B 1376 15.03 3.23 11.00
CA GLN B 1376 13.95 2.35 11.44
C GLN B 1376 14.46 1.23 12.33
N GLU B 1377 15.70 0.78 12.11
CA GLU B 1377 16.28 -0.28 12.92
C GLU B 1377 16.84 0.29 14.22
N LEU B 1378 15.99 1.00 14.96
CA LEU B 1378 16.42 1.65 16.20
C LEU B 1378 16.81 0.61 17.26
N ILE B 1379 16.23 -0.58 17.21
CA ILE B 1379 16.54 -1.61 18.20
C ILE B 1379 18.03 -1.94 18.16
N GLU B 1380 18.63 -1.92 16.96
CA GLU B 1380 20.06 -2.18 16.85
C GLU B 1380 20.88 -1.02 17.39
N ARG B 1381 20.36 0.20 17.31
CA ARG B 1381 21.02 1.39 17.85
C ARG B 1381 22.33 1.70 17.13
N GLY B 1382 23.00 2.78 17.54
CA GLY B 1382 24.23 3.18 16.87
C GLY B 1382 25.37 2.20 17.09
N LEU B 1383 25.35 1.46 18.19
CA LEU B 1383 26.42 0.50 18.46
C LEU B 1383 26.51 -0.54 17.37
N TRP B 1384 25.36 -1.01 16.88
CA TRP B 1384 25.34 -1.97 15.79
C TRP B 1384 24.53 -1.41 14.62
N ILE B 1436 15.15 -22.28 2.67
CA ILE B 1436 14.97 -21.26 1.65
C ILE B 1436 15.23 -21.87 0.27
N PRO B 1437 14.27 -21.74 -0.67
CA PRO B 1437 14.52 -22.23 -2.03
C PRO B 1437 15.28 -21.23 -2.87
N PHE B 1438 16.44 -21.65 -3.38
CA PHE B 1438 17.27 -20.77 -4.20
C PHE B 1438 16.51 -20.30 -5.44
N SER B 1439 15.89 -21.24 -6.16
CA SER B 1439 15.22 -20.88 -7.41
C SER B 1439 14.04 -19.94 -7.16
N ILE B 1440 13.27 -20.21 -6.10
CA ILE B 1440 12.12 -19.35 -5.79
C ILE B 1440 12.60 -17.95 -5.48
N LEU B 1441 13.67 -17.83 -4.69
CA LEU B 1441 14.22 -16.52 -4.36
C LEU B 1441 14.67 -15.78 -5.62
N TYR B 1442 15.43 -16.46 -6.48
CA TYR B 1442 15.92 -15.82 -7.70
C TYR B 1442 14.76 -15.36 -8.58
N SER B 1443 13.73 -16.20 -8.74
CA SER B 1443 12.57 -15.79 -9.51
C SER B 1443 11.85 -14.62 -8.85
N ARG B 1444 11.81 -14.60 -7.52
CA ARG B 1444 11.17 -13.51 -6.81
C ARG B 1444 11.84 -12.18 -7.14
N PHE B 1445 13.16 -12.15 -7.10
CA PHE B 1445 13.87 -10.91 -7.37
C PHE B 1445 14.34 -10.79 -8.82
N ALA B 1446 14.14 -11.81 -9.65
CA ALA B 1446 14.32 -11.64 -11.08
C ALA B 1446 13.27 -10.67 -11.61
N GLY B 1447 13.69 -9.73 -12.45
CA GLY B 1447 12.81 -8.68 -12.90
C GLY B 1447 12.59 -7.58 -11.89
N SER B 1448 13.15 -7.71 -10.69
CA SER B 1448 13.08 -6.68 -9.65
C SER B 1448 14.40 -5.92 -9.54
N ALA B 1449 15.03 -5.71 -10.69
CA ALA B 1449 16.35 -5.10 -10.84
C ALA B 1449 17.48 -6.11 -10.72
N ILE B 1450 17.20 -7.40 -10.88
CA ILE B 1450 18.27 -8.39 -11.00
C ILE B 1450 18.78 -8.45 -12.44
N TYR B 1451 17.86 -8.52 -13.41
CA TYR B 1451 18.27 -8.45 -14.81
C TYR B 1451 18.91 -7.10 -15.12
N MET B 1452 18.25 -6.00 -14.72
CA MET B 1452 18.83 -4.68 -14.91
C MET B 1452 20.15 -4.57 -14.16
N GLY B 1453 20.21 -5.14 -12.96
CA GLY B 1453 21.47 -5.14 -12.23
C GLY B 1453 22.59 -5.81 -13.01
N ALA B 1454 22.30 -6.98 -13.57
CA ALA B 1454 23.33 -7.70 -14.33
C ALA B 1454 23.72 -6.94 -15.60
N ARG B 1455 22.75 -6.38 -16.32
CA ARG B 1455 23.06 -5.62 -17.53
C ARG B 1455 23.93 -4.41 -17.20
N SER B 1456 23.56 -3.68 -16.15
CA SER B 1456 24.36 -2.53 -15.75
C SER B 1456 25.73 -2.96 -15.25
N MET B 1457 25.82 -4.13 -14.60
CA MET B 1457 27.12 -4.64 -14.20
C MET B 1457 27.99 -4.92 -15.41
N LEU B 1458 27.39 -5.46 -16.47
CA LEU B 1458 28.15 -5.71 -17.70
C LEU B 1458 28.65 -4.40 -18.32
N MET B 1459 27.76 -3.40 -18.41
CA MET B 1459 28.19 -2.10 -18.93
C MET B 1459 29.29 -1.49 -18.06
N LEU B 1460 29.15 -1.63 -16.74
CA LEU B 1460 30.15 -1.10 -15.83
C LEU B 1460 31.48 -1.82 -15.99
N LEU B 1461 31.45 -3.13 -16.26
CA LEU B 1461 32.68 -3.86 -16.53
C LEU B 1461 33.33 -3.36 -17.81
N PHE B 1462 32.54 -3.11 -18.86
CA PHE B 1462 33.11 -2.53 -20.06
C PHE B 1462 33.78 -1.20 -19.76
N GLY B 1463 33.09 -0.32 -19.04
CA GLY B 1463 33.68 0.95 -18.68
C GLY B 1463 34.94 0.79 -17.85
N THR B 1464 34.94 -0.17 -16.94
CA THR B 1464 36.08 -0.39 -16.06
C THR B 1464 37.31 -0.81 -16.86
N VAL B 1465 37.14 -1.75 -17.79
CA VAL B 1465 38.29 -2.21 -18.57
C VAL B 1465 38.75 -1.11 -19.52
N ALA B 1466 37.80 -0.39 -20.13
CA ALA B 1466 38.16 0.67 -21.07
C ALA B 1466 38.95 1.77 -20.38
N HIS B 1467 38.43 2.30 -19.28
CA HIS B 1467 39.12 3.29 -18.48
C HIS B 1467 38.89 2.98 -17.00
N TRP B 1468 39.85 3.38 -16.18
CA TRP B 1468 39.77 3.15 -14.74
C TRP B 1468 39.66 4.50 -14.02
N GLN B 1469 38.59 4.66 -13.24
CA GLN B 1469 38.42 5.81 -12.37
C GLN B 1469 37.92 5.32 -11.03
N ALA B 1470 38.42 5.94 -9.96
CA ALA B 1470 38.03 5.53 -8.62
C ALA B 1470 36.52 5.49 -8.42
N PRO B 1471 35.74 6.45 -8.91
CA PRO B 1471 34.30 6.41 -8.66
C PRO B 1471 33.64 5.12 -9.12
N LEU B 1472 34.13 4.51 -10.20
CA LEU B 1472 33.52 3.28 -10.69
C LEU B 1472 33.60 2.17 -9.66
N LEU B 1473 34.58 2.23 -8.76
CA LEU B 1473 34.65 1.25 -7.69
C LEU B 1473 33.43 1.33 -6.79
N TRP B 1474 32.99 2.55 -6.48
CA TRP B 1474 31.78 2.73 -5.68
C TRP B 1474 30.57 2.14 -6.40
N PHE B 1475 30.47 2.39 -7.70
CA PHE B 1475 29.38 1.80 -8.49
C PHE B 1475 29.48 0.28 -8.50
N TRP B 1476 30.69 -0.26 -8.60
CA TRP B 1476 30.87 -1.70 -8.54
C TRP B 1476 30.33 -2.25 -7.22
N ALA B 1477 30.68 -1.61 -6.10
CA ALA B 1477 30.19 -2.06 -4.81
C ALA B 1477 28.67 -1.99 -4.74
N SER B 1478 28.08 -0.89 -5.23
CA SER B 1478 26.64 -0.74 -5.17
C SER B 1478 25.94 -1.83 -5.97
N LEU B 1479 26.41 -2.08 -7.19
CA LEU B 1479 25.77 -3.10 -8.04
C LEU B 1479 25.95 -4.49 -7.46
N SER B 1480 27.14 -4.80 -6.92
CA SER B 1480 27.34 -6.11 -6.31
C SER B 1480 26.41 -6.29 -5.13
N SER B 1481 26.26 -5.25 -4.29
CA SER B 1481 25.32 -5.32 -3.19
C SER B 1481 23.89 -5.56 -3.69
N LEU B 1482 23.49 -4.82 -4.72
CA LEU B 1482 22.15 -4.98 -5.27
C LEU B 1482 21.92 -6.41 -5.71
N ILE B 1483 22.89 -7.00 -6.40
CA ILE B 1483 22.70 -8.34 -6.95
C ILE B 1483 22.71 -9.39 -5.84
N PHE B 1484 23.62 -9.27 -4.87
CA PHE B 1484 23.85 -10.34 -3.90
C PHE B 1484 23.12 -10.15 -2.57
N ALA B 1485 22.38 -9.05 -2.38
CA ALA B 1485 21.69 -8.84 -1.11
C ALA B 1485 20.79 -10.01 -0.71
N PRO B 1486 19.89 -10.49 -1.57
CA PRO B 1486 19.06 -11.64 -1.18
C PRO B 1486 19.88 -12.87 -0.84
N PHE B 1487 21.00 -13.07 -1.53
CA PHE B 1487 21.78 -14.29 -1.35
C PHE B 1487 22.72 -14.21 -0.16
N VAL B 1488 22.86 -13.04 0.45
CA VAL B 1488 23.65 -12.88 1.65
C VAL B 1488 22.76 -12.84 2.89
N PHE B 1489 21.58 -12.21 2.82
CA PHE B 1489 20.76 -12.15 4.03
C PHE B 1489 19.83 -13.35 4.20
N ASN B 1490 19.89 -14.36 3.31
CA ASN B 1490 19.07 -15.54 3.50
C ASN B 1490 19.82 -16.61 4.32
N PRO B 1491 19.08 -17.47 5.02
CA PRO B 1491 19.70 -18.42 5.94
C PRO B 1491 20.19 -19.70 5.24
N HIS B 1492 20.65 -20.65 6.05
CA HIS B 1492 21.10 -21.97 5.62
C HIS B 1492 22.29 -21.90 4.67
N GLN B 1493 23.00 -20.77 4.62
CA GLN B 1493 24.08 -20.62 3.65
C GLN B 1493 25.31 -21.43 4.03
N PHE B 1494 25.52 -21.71 5.32
CA PHE B 1494 26.71 -22.42 5.78
C PHE B 1494 26.48 -23.93 5.69
N ALA B 1495 26.44 -24.42 4.44
CA ALA B 1495 26.43 -25.85 4.20
C ALA B 1495 26.67 -26.16 2.73
N TRP B 1496 27.66 -27.00 2.44
CA TRP B 1496 27.86 -27.46 1.08
C TRP B 1496 26.67 -28.30 0.62
N GLU B 1497 26.18 -29.20 1.48
CA GLU B 1497 25.04 -30.02 1.12
C GLU B 1497 23.81 -29.14 0.87
N ASP B 1498 23.65 -28.07 1.66
CA ASP B 1498 22.53 -27.17 1.42
C ASP B 1498 22.62 -26.54 0.04
N PHE B 1499 23.82 -26.08 -0.35
CA PHE B 1499 23.96 -25.47 -1.66
C PHE B 1499 23.69 -26.48 -2.76
N PHE B 1500 24.17 -27.71 -2.61
CA PHE B 1500 23.93 -28.70 -3.67
C PHE B 1500 22.45 -29.08 -3.75
N LEU B 1501 21.75 -29.15 -2.61
CA LEU B 1501 20.30 -29.35 -2.65
C LEU B 1501 19.62 -28.19 -3.38
N ASP B 1502 20.00 -26.96 -3.06
CA ASP B 1502 19.40 -25.80 -3.72
C ASP B 1502 19.70 -25.81 -5.21
N TYR B 1503 20.92 -26.18 -5.58
CA TYR B 1503 21.28 -26.26 -6.99
C TYR B 1503 20.48 -27.32 -7.72
N ARG B 1504 20.29 -28.47 -7.08
CA ARG B 1504 19.43 -29.50 -7.66
C ARG B 1504 18.01 -28.98 -7.84
N ASP B 1505 17.49 -28.26 -6.84
CA ASP B 1505 16.16 -27.69 -6.97
C ASP B 1505 16.11 -26.70 -8.12
N TYR B 1506 17.16 -25.90 -8.29
CA TYR B 1506 17.21 -24.95 -9.40
C TYR B 1506 17.22 -25.67 -10.74
N ILE B 1507 18.00 -26.74 -10.86
CA ILE B 1507 18.06 -27.48 -12.11
C ILE B 1507 16.71 -28.15 -12.38
N ARG B 1508 16.07 -28.67 -11.35
CA ARG B 1508 14.72 -29.21 -11.52
C ARG B 1508 13.77 -28.12 -12.01
N TRP B 1509 13.85 -26.95 -11.38
CA TRP B 1509 13.01 -25.82 -11.78
C TRP B 1509 13.20 -25.49 -13.25
N LEU B 1510 14.45 -25.52 -13.72
CA LEU B 1510 14.70 -25.33 -15.15
C LEU B 1510 14.11 -26.46 -15.98
N SER B 1511 14.27 -27.70 -15.52
CA SER B 1511 13.83 -28.85 -16.31
C SER B 1511 12.32 -29.05 -16.26
N ARG B 1512 11.68 -28.76 -15.12
CA ARG B 1512 10.25 -28.96 -15.02
C ARG B 1512 9.51 -28.17 -16.08
N GLY B 1513 8.36 -28.69 -16.50
CA GLY B 1513 7.53 -28.02 -17.49
C GLY B 1513 7.90 -28.31 -18.93
N ASN B 1514 9.00 -29.01 -19.20
CA ASN B 1514 9.40 -29.28 -20.57
C ASN B 1514 8.44 -30.25 -21.25
N ASN B 1515 8.14 -31.38 -20.58
CA ASN B 1515 7.20 -32.36 -21.12
C ASN B 1515 5.79 -32.11 -20.59
N GLN B 1516 5.67 -31.92 -19.27
CA GLN B 1516 4.39 -31.75 -18.60
C GLN B 1516 4.43 -30.47 -17.79
N TYR B 1517 3.44 -29.61 -18.00
CA TYR B 1517 3.44 -28.29 -17.37
C TYR B 1517 3.44 -28.40 -15.85
N HIS B 1518 4.29 -27.58 -15.22
CA HIS B 1518 4.38 -27.51 -13.77
C HIS B 1518 4.45 -26.04 -13.35
N ARG B 1519 3.68 -25.69 -12.31
CA ARG B 1519 3.61 -24.30 -11.90
C ARG B 1519 4.96 -23.78 -11.44
N ASN B 1520 5.66 -24.54 -10.59
CA ASN B 1520 6.99 -24.14 -10.13
C ASN B 1520 8.04 -24.63 -11.13
N SER B 1521 8.10 -23.93 -12.26
CA SER B 1521 9.07 -24.23 -13.30
C SER B 1521 9.39 -22.95 -14.06
N TRP B 1522 10.53 -22.95 -14.74
CA TRP B 1522 10.92 -21.77 -15.51
C TRP B 1522 9.88 -21.44 -16.57
N ILE B 1523 9.37 -22.46 -17.26
CA ILE B 1523 8.35 -22.24 -18.29
C ILE B 1523 7.17 -21.50 -17.68
N GLY B 1524 6.71 -21.96 -16.51
CA GLY B 1524 5.59 -21.30 -15.87
C GLY B 1524 5.87 -19.84 -15.54
N TYR B 1525 7.11 -19.53 -15.15
CA TYR B 1525 7.42 -18.16 -14.75
C TYR B 1525 7.54 -17.23 -15.96
N VAL B 1526 8.12 -17.71 -17.06
CA VAL B 1526 8.11 -16.90 -18.28
C VAL B 1526 6.67 -16.74 -18.80
N ARG B 1527 5.85 -17.78 -18.65
CA ARG B 1527 4.43 -17.64 -18.98
C ARG B 1527 3.77 -16.58 -18.12
N MET B 1528 4.08 -16.58 -16.82
CA MET B 1528 3.53 -15.57 -15.91
C MET B 1528 3.95 -14.17 -16.33
N SER B 1529 5.23 -13.99 -16.68
CA SER B 1529 5.70 -12.69 -17.13
C SER B 1529 4.97 -12.26 -18.40
N ARG B 1530 4.81 -13.17 -19.36
CA ARG B 1530 4.10 -12.84 -20.58
C ARG B 1530 2.65 -12.44 -20.29
N ALA B 1531 1.99 -13.19 -19.40
CA ALA B 1531 0.62 -12.85 -19.04
C ALA B 1531 0.53 -11.48 -18.39
N ARG B 1532 1.49 -11.17 -17.49
CA ARG B 1532 1.48 -9.87 -16.83
C ARG B 1532 1.73 -8.74 -17.82
N ILE B 1533 2.58 -8.97 -18.83
CA ILE B 1533 2.73 -8.01 -19.90
C ILE B 1533 1.44 -7.89 -20.69
N THR B 1534 0.76 -9.01 -20.94
CA THR B 1534 -0.45 -9.02 -21.74
C THR B 1534 -1.53 -8.18 -21.09
N ALA B 1555 -5.95 0.45 -30.32
CA ALA B 1555 -5.75 1.55 -31.27
C ALA B 1555 -4.88 2.64 -30.66
N HIS B 1556 -5.52 3.60 -29.97
CA HIS B 1556 -4.75 4.64 -29.29
C HIS B 1556 -3.86 4.04 -28.20
N ARG B 1557 -4.40 3.09 -27.43
CA ARG B 1557 -3.59 2.40 -26.44
C ARG B 1557 -2.39 1.72 -27.09
N THR B 1558 -2.51 1.32 -28.36
CA THR B 1558 -1.36 0.78 -29.08
C THR B 1558 -0.29 1.85 -29.24
N ASN B 1559 -0.69 3.08 -29.53
CA ASN B 1559 0.28 4.17 -29.59
C ASN B 1559 0.94 4.36 -28.23
N LEU B 1560 0.15 4.27 -27.15
CA LEU B 1560 0.74 4.37 -25.82
C LEU B 1560 1.76 3.26 -25.58
N ILE B 1561 1.48 2.06 -26.09
CA ILE B 1561 2.44 0.95 -25.98
C ILE B 1561 3.74 1.29 -26.71
N MET B 1562 3.62 1.78 -27.95
CA MET B 1562 4.81 2.22 -28.66
C MET B 1562 5.58 3.27 -27.88
N ALA B 1563 4.86 4.10 -27.12
CA ALA B 1563 5.51 5.11 -26.30
C ALA B 1563 6.49 4.46 -25.32
N GLU B 1564 6.11 3.33 -24.71
CA GLU B 1564 7.04 2.63 -23.83
C GLU B 1564 8.13 1.92 -24.59
N ILE B 1565 7.86 1.43 -25.81
CA ILE B 1565 8.96 0.74 -26.50
C ILE B 1565 10.05 1.72 -26.91
N ILE B 1566 9.70 3.00 -27.14
CA ILE B 1566 10.69 3.95 -27.66
C ILE B 1566 11.95 4.03 -26.79
N PRO B 1567 11.86 4.19 -25.47
CA PRO B 1567 13.09 4.30 -24.67
C PRO B 1567 14.06 3.12 -24.83
N CYS B 1568 13.53 1.91 -24.99
CA CYS B 1568 14.42 0.77 -25.24
C CYS B 1568 15.16 0.95 -26.56
N ALA B 1569 14.47 1.50 -27.57
CA ALA B 1569 15.15 1.82 -28.82
C ALA B 1569 16.27 2.83 -28.59
N ILE B 1570 16.02 3.84 -27.75
CA ILE B 1570 17.06 4.82 -27.47
C ILE B 1570 18.28 4.16 -26.84
N TYR B 1571 18.06 3.28 -25.86
CA TYR B 1571 19.19 2.63 -25.22
C TYR B 1571 19.95 1.74 -26.19
N ALA B 1572 19.24 1.00 -27.04
CA ALA B 1572 19.91 0.18 -28.04
C ALA B 1572 20.75 1.05 -28.97
N ALA B 1573 20.20 2.18 -29.42
CA ALA B 1573 20.93 3.06 -30.31
C ALA B 1573 22.18 3.62 -29.62
N GLY B 1574 22.08 3.98 -28.35
CA GLY B 1574 23.24 4.51 -27.65
C GLY B 1574 24.35 3.49 -27.51
N CYS B 1575 23.99 2.26 -27.11
CA CYS B 1575 25.01 1.22 -27.01
C CYS B 1575 25.63 0.93 -28.37
N PHE B 1576 24.80 0.91 -29.43
CA PHE B 1576 25.30 0.69 -30.78
C PHE B 1576 26.28 1.80 -31.18
N ILE B 1577 25.97 3.04 -30.82
CA ILE B 1577 26.84 4.16 -31.17
C ILE B 1577 28.18 4.04 -30.44
N ALA B 1578 28.16 3.65 -29.17
CA ALA B 1578 29.43 3.44 -28.47
C ALA B 1578 30.24 2.34 -29.14
N PHE B 1579 29.58 1.24 -29.52
CA PHE B 1579 30.27 0.17 -30.21
C PHE B 1579 30.90 0.67 -31.51
N THR B 1580 30.18 1.48 -32.27
CA THR B 1580 30.72 2.02 -33.50
C THR B 1580 31.90 2.96 -33.23
N PHE B 1581 31.82 3.76 -32.17
CA PHE B 1581 32.98 4.56 -31.77
C PHE B 1581 34.20 3.69 -31.61
N ILE B 1582 34.06 2.56 -30.92
CA ILE B 1582 35.23 1.74 -30.61
C ILE B 1582 35.94 1.30 -31.87
N ASN B 1583 35.19 0.94 -32.90
CA ASN B 1583 35.76 0.36 -34.11
C ASN B 1583 36.11 1.39 -35.18
N ALA B 1584 36.03 2.69 -34.87
CA ALA B 1584 36.18 3.72 -35.89
C ALA B 1584 37.64 3.97 -36.29
N GLN B 1585 38.61 3.42 -35.55
CA GLN B 1585 40.03 3.59 -35.88
C GLN B 1585 40.42 5.07 -35.88
N THR B 1586 40.32 5.67 -34.70
CA THR B 1586 40.60 7.10 -34.55
C THR B 1586 42.03 7.45 -34.92
N GLY B 1587 42.99 6.95 -34.14
CA GLY B 1587 44.36 7.41 -34.26
C GLY B 1587 45.12 6.87 -35.45
N VAL B 1588 44.53 5.95 -36.21
CA VAL B 1588 45.21 5.36 -37.35
C VAL B 1588 45.22 6.34 -38.52
N LYS B 1589 46.30 6.35 -39.29
CA LYS B 1589 46.40 7.21 -40.45
C LYS B 1589 45.25 6.93 -41.41
N THR B 1590 44.60 8.00 -41.86
CA THR B 1590 43.47 7.87 -42.76
C THR B 1590 43.89 7.12 -44.02
N THR B 1591 43.16 6.07 -44.35
CA THR B 1591 43.45 5.25 -45.53
C THR B 1591 42.25 5.33 -46.47
N ASP B 1592 42.50 5.70 -47.71
CA ASP B 1592 41.42 5.88 -48.67
C ASP B 1592 40.72 4.55 -48.92
N ASP B 1593 39.40 4.54 -48.71
CA ASP B 1593 38.55 3.39 -49.05
C ASP B 1593 38.83 2.17 -48.18
N ASP B 1594 39.44 2.36 -47.02
CA ASP B 1594 39.65 1.29 -46.04
C ASP B 1594 38.73 1.56 -44.85
N ARG B 1595 37.77 0.66 -44.64
CA ARG B 1595 36.72 0.88 -43.66
C ARG B 1595 36.28 -0.47 -43.12
N VAL B 1596 35.69 -0.43 -41.92
CA VAL B 1596 35.33 -1.62 -41.18
C VAL B 1596 33.82 -1.66 -41.01
N ASN B 1597 33.21 -2.80 -41.33
CA ASN B 1597 31.75 -2.94 -41.32
C ASN B 1597 31.29 -3.53 -39.98
N SER B 1598 31.41 -2.69 -38.93
CA SER B 1598 31.01 -3.13 -37.60
C SER B 1598 29.50 -3.31 -37.48
N VAL B 1599 28.71 -2.47 -38.14
CA VAL B 1599 27.26 -2.59 -38.06
C VAL B 1599 26.82 -3.94 -38.62
N LEU B 1600 27.49 -4.41 -39.68
CA LEU B 1600 27.21 -5.76 -40.16
C LEU B 1600 27.57 -6.80 -39.11
N ARG B 1601 28.64 -6.54 -38.34
CA ARG B 1601 28.96 -7.41 -37.23
C ARG B 1601 27.79 -7.52 -36.26
N ILE B 1602 27.22 -6.36 -35.87
CA ILE B 1602 26.10 -6.37 -34.94
C ILE B 1602 24.91 -7.11 -35.55
N ILE B 1603 24.62 -6.84 -36.83
CA ILE B 1603 23.48 -7.46 -37.48
C ILE B 1603 23.61 -8.98 -37.47
N ILE B 1604 24.79 -9.48 -37.87
CA ILE B 1604 25.00 -10.92 -37.90
C ILE B 1604 24.89 -11.51 -36.49
N CYS B 1605 25.56 -10.89 -35.52
CA CYS B 1605 25.56 -11.46 -34.18
C CYS B 1605 24.19 -11.38 -33.53
N THR B 1606 23.35 -10.44 -33.94
CA THR B 1606 22.00 -10.34 -33.40
C THR B 1606 21.05 -11.33 -34.05
N LEU B 1607 21.12 -11.47 -35.38
CA LEU B 1607 20.20 -12.35 -36.08
C LEU B 1607 20.54 -13.82 -35.91
N ALA B 1608 21.83 -14.16 -35.82
CA ALA B 1608 22.22 -15.57 -35.84
C ALA B 1608 21.61 -16.38 -34.72
N PRO B 1609 21.62 -15.94 -33.45
CA PRO B 1609 20.99 -16.78 -32.40
C PRO B 1609 19.52 -17.05 -32.66
N ILE B 1610 18.76 -16.00 -32.98
CA ILE B 1610 17.33 -16.15 -33.24
C ILE B 1610 17.10 -17.03 -34.47
N ALA B 1611 17.90 -16.83 -35.52
CA ALA B 1611 17.74 -17.65 -36.72
C ALA B 1611 17.97 -19.12 -36.41
N VAL B 1612 19.01 -19.44 -35.63
CA VAL B 1612 19.26 -20.83 -35.28
C VAL B 1612 18.13 -21.37 -34.41
N ASN B 1613 17.61 -20.55 -33.49
CA ASN B 1613 16.48 -20.99 -32.69
C ASN B 1613 15.30 -21.36 -33.57
N LEU B 1614 14.97 -20.51 -34.54
CA LEU B 1614 13.88 -20.82 -35.46
C LEU B 1614 14.16 -22.10 -36.24
N GLY B 1615 15.40 -22.26 -36.72
CA GLY B 1615 15.73 -23.45 -37.50
C GLY B 1615 15.59 -24.72 -36.70
N VAL B 1616 16.11 -24.74 -35.47
CA VAL B 1616 16.01 -25.93 -34.65
C VAL B 1616 14.57 -26.19 -34.26
N LEU B 1617 13.78 -25.13 -34.02
CA LEU B 1617 12.37 -25.32 -33.72
C LEU B 1617 11.65 -25.98 -34.88
N PHE B 1618 11.90 -25.48 -36.10
CA PHE B 1618 11.27 -26.10 -37.28
C PHE B 1618 11.73 -27.55 -37.44
N PHE B 1619 13.02 -27.81 -37.23
CA PHE B 1619 13.52 -29.17 -37.35
C PHE B 1619 12.82 -30.11 -36.39
N CYS B 1620 12.69 -29.69 -35.13
CA CYS B 1620 11.98 -30.51 -34.14
C CYS B 1620 10.51 -30.69 -34.53
N MET B 1621 9.88 -29.62 -35.01
CA MET B 1621 8.47 -29.67 -35.38
C MET B 1621 8.22 -30.68 -36.49
N GLY B 1622 9.07 -30.69 -37.53
CA GLY B 1622 8.78 -31.45 -38.72
C GLY B 1622 9.69 -32.62 -39.02
N MET B 1623 10.71 -32.85 -38.18
CA MET B 1623 11.71 -33.87 -38.44
C MET B 1623 11.92 -34.74 -37.21
N SER B 1624 12.16 -36.03 -37.44
CA SER B 1624 12.59 -36.99 -36.43
C SER B 1624 11.52 -37.29 -35.39
N CYS B 1625 10.31 -36.74 -35.54
CA CYS B 1625 9.25 -37.01 -34.56
C CYS B 1625 8.87 -38.49 -34.56
N CYS B 1626 9.02 -39.18 -35.69
CA CYS B 1626 8.65 -40.59 -35.75
C CYS B 1626 9.53 -41.44 -34.84
N SER B 1627 10.83 -41.16 -34.81
CA SER B 1627 11.79 -41.95 -34.02
C SER B 1627 11.75 -41.48 -32.56
N GLY B 1628 10.70 -41.92 -31.86
CA GLY B 1628 10.50 -41.54 -30.48
C GLY B 1628 11.60 -41.96 -29.53
N PRO B 1629 12.03 -43.24 -29.59
CA PRO B 1629 13.06 -43.65 -28.63
C PRO B 1629 14.38 -42.94 -28.82
N SER B 1640 10.71 -35.46 -22.74
CA SER B 1640 11.22 -34.32 -21.99
C SER B 1640 12.64 -34.02 -22.40
N VAL B 1641 13.39 -35.07 -22.72
CA VAL B 1641 14.79 -34.90 -23.11
C VAL B 1641 14.91 -34.01 -24.33
N MET B 1642 13.92 -34.08 -25.24
CA MET B 1642 14.00 -33.32 -26.48
C MET B 1642 13.86 -31.82 -26.22
N ALA B 1643 12.91 -31.43 -25.37
CA ALA B 1643 12.74 -30.01 -25.06
C ALA B 1643 13.96 -29.45 -24.34
N GLY B 1644 14.47 -30.19 -23.36
CA GLY B 1644 15.70 -29.78 -22.71
C GLY B 1644 16.87 -29.71 -23.68
N ILE B 1645 16.90 -30.61 -24.66
CA ILE B 1645 17.92 -30.57 -25.70
C ILE B 1645 17.79 -29.28 -26.50
N ALA B 1646 16.55 -28.90 -26.85
CA ALA B 1646 16.37 -27.66 -27.60
C ALA B 1646 16.83 -26.45 -26.78
N HIS B 1647 16.49 -26.43 -25.49
CA HIS B 1647 16.93 -25.33 -24.64
C HIS B 1647 18.45 -25.28 -24.53
N GLY B 1648 19.09 -26.43 -24.34
CA GLY B 1648 20.54 -26.47 -24.28
C GLY B 1648 21.17 -26.04 -25.59
N VAL B 1649 20.57 -26.42 -26.71
CA VAL B 1649 21.08 -26.00 -28.01
C VAL B 1649 21.01 -24.50 -28.17
N ALA B 1650 19.90 -23.89 -27.75
CA ALA B 1650 19.79 -22.43 -27.80
C ALA B 1650 20.86 -21.77 -26.94
N VAL B 1651 21.07 -22.29 -25.72
CA VAL B 1651 22.12 -21.75 -24.85
C VAL B 1651 23.48 -21.87 -25.52
N ILE B 1652 23.76 -23.04 -26.10
CA ILE B 1652 25.05 -23.28 -26.75
C ILE B 1652 25.24 -22.30 -27.91
N VAL B 1653 24.18 -22.04 -28.66
CA VAL B 1653 24.31 -21.13 -29.80
C VAL B 1653 24.56 -19.71 -29.32
N HIS B 1654 23.90 -19.29 -28.24
CA HIS B 1654 24.21 -17.97 -27.69
C HIS B 1654 25.68 -17.87 -27.29
N ILE B 1655 26.18 -18.90 -26.60
CA ILE B 1655 27.59 -18.88 -26.19
C ILE B 1655 28.51 -18.87 -27.42
N ALA B 1656 28.18 -19.67 -28.43
CA ALA B 1656 29.00 -19.73 -29.62
C ALA B 1656 29.05 -18.40 -30.33
N PHE B 1657 27.92 -17.69 -30.40
CA PHE B 1657 27.92 -16.39 -31.06
C PHE B 1657 28.65 -15.33 -30.25
N PHE B 1658 28.59 -15.41 -28.92
CA PHE B 1658 29.46 -14.55 -28.13
C PHE B 1658 30.92 -14.83 -28.45
N ILE B 1659 31.30 -16.11 -28.58
CA ILE B 1659 32.66 -16.46 -28.94
C ILE B 1659 33.00 -15.90 -30.31
N VAL B 1660 32.05 -15.98 -31.26
CA VAL B 1660 32.31 -15.48 -32.61
C VAL B 1660 32.50 -13.98 -32.59
N MET B 1661 31.74 -13.26 -31.76
CA MET B 1661 31.97 -11.83 -31.62
C MET B 1661 33.37 -11.55 -31.10
N TRP B 1662 33.79 -12.29 -30.08
CA TRP B 1662 35.13 -12.13 -29.56
C TRP B 1662 36.17 -12.39 -30.65
N VAL B 1663 35.94 -13.39 -31.48
CA VAL B 1663 36.87 -13.70 -32.57
C VAL B 1663 36.92 -12.52 -33.56
N LEU B 1664 35.75 -11.99 -33.94
CA LEU B 1664 35.72 -10.93 -34.92
C LEU B 1664 36.44 -9.68 -34.41
N GLU B 1665 36.31 -9.38 -33.12
CA GLU B 1665 37.03 -8.23 -32.58
C GLU B 1665 38.54 -8.39 -32.64
N SER B 1666 39.05 -9.51 -33.14
CA SER B 1666 40.48 -9.80 -33.19
C SER B 1666 41.01 -10.16 -31.81
N PHE B 1667 40.12 -10.52 -30.90
CA PHE B 1667 40.40 -11.03 -29.57
C PHE B 1667 40.71 -9.91 -28.58
N ASN B 1668 40.62 -8.64 -29.00
CA ASN B 1668 40.55 -7.55 -28.02
C ASN B 1668 39.29 -7.73 -27.17
N PHE B 1669 39.43 -7.50 -25.88
CA PHE B 1669 38.36 -7.81 -24.94
C PHE B 1669 37.33 -6.70 -24.81
N VAL B 1670 37.75 -5.44 -24.91
CA VAL B 1670 36.88 -4.32 -24.59
C VAL B 1670 35.90 -4.04 -25.72
N ARG B 1671 36.40 -4.02 -26.95
CA ARG B 1671 35.53 -3.87 -28.10
C ARG B 1671 34.49 -4.97 -28.13
N MET B 1672 34.90 -6.20 -27.81
CA MET B 1672 33.96 -7.32 -27.73
C MET B 1672 32.92 -7.08 -26.64
N LEU B 1673 33.35 -6.57 -25.48
CA LEU B 1673 32.39 -6.34 -24.40
C LEU B 1673 31.29 -5.38 -24.83
N ILE B 1674 31.68 -4.24 -25.40
CA ILE B 1674 30.65 -3.30 -25.82
C ILE B 1674 29.80 -3.90 -26.93
N GLY B 1675 30.42 -4.69 -27.83
CA GLY B 1675 29.66 -5.31 -28.88
C GLY B 1675 28.59 -6.25 -28.35
N VAL B 1676 28.93 -7.06 -27.35
CA VAL B 1676 27.96 -7.99 -26.80
C VAL B 1676 26.86 -7.26 -26.04
N VAL B 1677 27.22 -6.18 -25.34
CA VAL B 1677 26.17 -5.38 -24.69
C VAL B 1677 25.18 -4.87 -25.73
N THR B 1678 25.70 -4.34 -26.84
CA THR B 1678 24.82 -3.85 -27.90
C THR B 1678 23.97 -4.98 -28.47
N CYS B 1679 24.55 -6.16 -28.64
CA CYS B 1679 23.80 -7.29 -29.18
C CYS B 1679 22.65 -7.66 -28.25
N ILE B 1680 22.90 -7.70 -26.95
CA ILE B 1680 21.84 -8.00 -25.99
C ILE B 1680 20.75 -6.95 -26.08
N GLN B 1681 21.13 -5.68 -26.16
CA GLN B 1681 20.13 -4.62 -26.26
C GLN B 1681 19.27 -4.78 -27.52
N CYS B 1682 19.90 -5.11 -28.65
CA CYS B 1682 19.14 -5.30 -29.88
C CYS B 1682 18.17 -6.47 -29.77
N GLN B 1683 18.60 -7.57 -29.15
CA GLN B 1683 17.70 -8.70 -28.96
C GLN B 1683 16.52 -8.32 -28.08
N ARG B 1684 16.77 -7.57 -27.01
CA ARG B 1684 15.66 -7.12 -26.16
C ARG B 1684 14.70 -6.24 -26.94
N LEU B 1685 15.23 -5.33 -27.76
CA LEU B 1685 14.36 -4.46 -28.56
C LEU B 1685 13.51 -5.28 -29.52
N ILE B 1686 14.10 -6.29 -30.16
CA ILE B 1686 13.35 -7.14 -31.08
C ILE B 1686 12.22 -7.85 -30.34
N PHE B 1687 12.53 -8.40 -29.16
CA PHE B 1687 11.50 -9.11 -28.39
C PHE B 1687 10.37 -8.16 -28.00
N HIS B 1688 10.70 -6.95 -27.59
CA HIS B 1688 9.66 -5.99 -27.23
C HIS B 1688 8.80 -5.61 -28.44
N CYS B 1689 9.42 -5.45 -29.61
CA CYS B 1689 8.64 -5.18 -30.81
C CYS B 1689 7.69 -6.34 -31.12
N MET B 1690 8.18 -7.58 -31.03
CA MET B 1690 7.31 -8.73 -31.26
C MET B 1690 6.14 -8.75 -30.29
N THR B 1691 6.41 -8.50 -29.00
CA THR B 1691 5.33 -8.48 -28.02
C THR B 1691 4.31 -7.41 -28.35
N ALA B 1692 4.79 -6.21 -28.72
CA ALA B 1692 3.87 -5.13 -29.05
C ALA B 1692 2.98 -5.51 -30.23
N LEU B 1693 3.55 -6.15 -31.25
CA LEU B 1693 2.75 -6.62 -32.37
C LEU B 1693 1.75 -7.69 -31.92
N MET B 1694 2.16 -8.58 -31.02
CA MET B 1694 1.24 -9.62 -30.54
C MET B 1694 0.04 -9.00 -29.82
N LEU B 1695 0.27 -7.95 -29.05
CA LEU B 1695 -0.83 -7.31 -28.33
C LEU B 1695 -1.87 -6.69 -29.26
N THR B 1696 -1.54 -6.50 -30.54
CA THR B 1696 -2.49 -5.95 -31.50
C THR B 1696 -2.96 -7.04 -32.45
N THR B 1724 -2.94 -17.23 -38.36
CA THR B 1724 -2.17 -16.20 -37.67
C THR B 1724 -1.80 -16.64 -36.26
N GLN B 1725 -2.69 -17.41 -35.63
CA GLN B 1725 -2.42 -17.91 -34.28
C GLN B 1725 -1.14 -18.73 -34.22
N PRO B 1726 -0.88 -19.68 -35.12
CA PRO B 1726 0.38 -20.43 -35.04
C PRO B 1726 1.61 -19.54 -35.09
N SER B 1727 1.58 -18.49 -35.89
CA SER B 1727 2.71 -17.57 -35.93
C SER B 1727 2.90 -16.88 -34.59
N ARG B 1728 1.80 -16.46 -33.96
CA ARG B 1728 1.91 -15.82 -32.65
C ARG B 1728 2.51 -16.76 -31.63
N GLU B 1729 2.04 -18.01 -31.61
CA GLU B 1729 2.60 -18.98 -30.66
C GLU B 1729 4.08 -19.23 -30.95
N LEU B 1730 4.45 -19.27 -32.24
CA LEU B 1730 5.85 -19.45 -32.60
C LEU B 1730 6.71 -18.32 -32.06
N THR B 1731 6.25 -17.07 -32.24
CA THR B 1731 7.01 -15.94 -31.71
C THR B 1731 7.15 -16.03 -30.20
N ALA B 1732 6.06 -16.38 -29.51
CA ALA B 1732 6.14 -16.52 -28.06
C ALA B 1732 7.17 -17.59 -27.66
N LYS B 1733 7.14 -18.73 -28.34
CA LYS B 1733 8.09 -19.80 -28.03
C LYS B 1733 9.53 -19.33 -28.24
N VAL B 1734 9.79 -18.61 -29.35
CA VAL B 1734 11.14 -18.16 -29.63
C VAL B 1734 11.63 -17.20 -28.55
N ILE B 1735 10.79 -16.24 -28.19
CA ILE B 1735 11.17 -15.31 -27.11
C ILE B 1735 11.47 -16.09 -25.84
N GLU B 1736 10.66 -17.11 -25.55
CA GLU B 1736 10.87 -17.91 -24.36
C GLU B 1736 12.20 -18.67 -24.41
N LEU B 1737 12.58 -19.17 -25.59
CA LEU B 1737 13.88 -19.85 -25.70
C LEU B 1737 15.01 -18.88 -25.38
N SER B 1738 14.96 -17.67 -25.93
CA SER B 1738 16.00 -16.70 -25.63
C SER B 1738 16.03 -16.38 -24.13
N GLU B 1739 14.84 -16.26 -23.53
CA GLU B 1739 14.77 -15.99 -22.10
C GLU B 1739 15.38 -17.13 -21.30
N PHE B 1740 15.17 -18.39 -21.73
CA PHE B 1740 15.81 -19.51 -21.05
C PHE B 1740 17.32 -19.38 -21.11
N ALA B 1741 17.84 -19.04 -22.28
CA ALA B 1741 19.30 -18.88 -22.40
C ALA B 1741 19.80 -17.84 -21.41
N ALA B 1742 19.13 -16.68 -21.37
CA ALA B 1742 19.56 -15.61 -20.49
C ALA B 1742 19.49 -16.03 -19.01
N ASP B 1743 18.37 -16.66 -18.62
CA ASP B 1743 18.20 -17.06 -17.23
C ASP B 1743 19.24 -18.11 -16.84
N PHE B 1744 19.49 -19.07 -17.72
CA PHE B 1744 20.46 -20.12 -17.41
C PHE B 1744 21.84 -19.52 -17.21
N VAL B 1745 22.27 -18.63 -18.12
CA VAL B 1745 23.62 -18.07 -17.98
C VAL B 1745 23.70 -17.22 -16.71
N LEU B 1746 22.65 -16.44 -16.43
CA LEU B 1746 22.66 -15.60 -15.23
C LEU B 1746 22.77 -16.46 -13.97
N GLY B 1747 21.96 -17.51 -13.87
CA GLY B 1747 22.06 -18.39 -12.73
C GLY B 1747 23.40 -19.08 -12.63
N HIS B 1748 23.98 -19.44 -13.78
CA HIS B 1748 25.30 -20.07 -13.78
C HIS B 1748 26.36 -19.16 -13.19
N VAL B 1749 26.39 -17.90 -13.63
CA VAL B 1749 27.36 -16.95 -13.07
C VAL B 1749 27.08 -16.72 -11.59
N ILE B 1750 25.80 -16.70 -11.21
CA ILE B 1750 25.45 -16.57 -9.80
C ILE B 1750 26.09 -17.70 -9.00
N LEU B 1751 25.94 -18.94 -9.47
CA LEU B 1751 26.53 -20.06 -8.74
C LEU B 1751 28.05 -20.03 -8.77
N ILE B 1752 28.66 -19.53 -9.84
CA ILE B 1752 30.11 -19.33 -9.83
C ILE B 1752 30.49 -18.42 -8.68
N CYS B 1753 29.80 -17.28 -8.56
CA CYS B 1753 30.07 -16.38 -7.44
C CYS B 1753 29.78 -17.04 -6.11
N GLN B 1754 28.85 -18.00 -6.07
CA GLN B 1754 28.59 -18.73 -4.83
C GLN B 1754 29.75 -19.65 -4.45
N LEU B 1755 30.45 -20.21 -5.44
CA LEU B 1755 31.50 -21.19 -5.17
C LEU B 1755 32.48 -20.77 -4.09
N PRO B 1756 33.07 -19.56 -4.11
CA PRO B 1756 34.08 -19.23 -3.08
C PRO B 1756 33.58 -19.38 -1.66
N LEU B 1757 32.32 -19.03 -1.39
CA LEU B 1757 31.78 -19.21 -0.05
C LEU B 1757 31.81 -20.69 0.35
N ILE B 1758 31.42 -21.57 -0.57
CA ILE B 1758 31.46 -23.01 -0.29
C ILE B 1758 32.89 -23.48 -0.08
N ILE B 1759 33.85 -22.88 -0.80
CA ILE B 1759 35.24 -23.33 -0.69
C ILE B 1759 35.76 -23.16 0.73
N ILE B 1760 35.21 -22.21 1.49
CA ILE B 1760 35.71 -21.97 2.84
C ILE B 1760 35.37 -23.16 3.73
N PRO B 1761 36.34 -23.73 4.46
CA PRO B 1761 36.00 -24.88 5.32
C PRO B 1761 34.89 -24.58 6.33
N LYS B 1762 34.89 -23.40 6.93
CA LYS B 1762 33.92 -23.08 7.97
C LYS B 1762 33.61 -21.59 7.95
N ILE B 1763 32.40 -21.25 7.52
CA ILE B 1763 31.89 -19.89 7.67
C ILE B 1763 30.92 -19.80 8.85
N ASP B 1764 31.05 -20.68 9.84
CA ASP B 1764 30.11 -20.70 10.95
C ASP B 1764 30.08 -19.35 11.67
N LYS B 1765 31.21 -18.67 11.75
CA LYS B 1765 31.25 -17.37 12.41
C LYS B 1765 30.36 -16.36 11.69
N PHE B 1766 30.45 -16.31 10.36
CA PHE B 1766 29.60 -15.39 9.60
C PHE B 1766 28.13 -15.73 9.77
N HIS B 1767 27.79 -17.03 9.73
CA HIS B 1767 26.41 -17.43 9.92
C HIS B 1767 25.91 -17.05 11.31
N SER B 1768 26.75 -17.20 12.33
CA SER B 1768 26.37 -16.83 13.68
C SER B 1768 26.13 -15.32 13.79
N ILE B 1769 27.00 -14.52 13.19
CA ILE B 1769 26.81 -13.07 13.19
C ILE B 1769 25.50 -12.71 12.50
N MET B 1770 25.23 -13.35 11.36
CA MET B 1770 23.98 -13.11 10.65
C MET B 1770 22.77 -13.50 11.50
N LEU B 1771 22.87 -14.63 12.21
CA LEU B 1771 21.80 -15.05 13.10
C LEU B 1771 21.56 -14.00 14.17
N PHE B 1772 22.64 -13.45 14.75
CA PHE B 1772 22.48 -12.38 15.72
C PHE B 1772 21.77 -11.18 15.11
N TRP B 1773 22.15 -10.81 13.88
CA TRP B 1773 21.47 -9.70 13.21
C TRP B 1773 19.99 -9.99 13.01
N LEU B 1774 19.66 -11.21 12.60
CA LEU B 1774 18.28 -11.55 12.30
C LEU B 1774 17.43 -11.50 13.56
N LYS B 1775 16.29 -10.81 13.47
CA LYS B 1775 15.38 -10.73 14.61
C LYS B 1775 14.82 -12.08 15.04
N PRO B 1776 14.28 -12.92 14.15
CA PRO B 1776 13.58 -14.13 14.64
C PRO B 1776 14.43 -15.02 15.51
N SER B 1777 15.69 -15.21 15.16
CA SER B 1777 16.63 -15.99 15.98
C SER B 1777 16.03 -17.35 16.35
N ARG B 1778 15.84 -18.19 15.32
CA ARG B 1778 15.21 -19.49 15.47
C ARG B 1778 16.13 -20.59 14.99
N GLN B 1779 16.05 -21.74 15.66
CA GLN B 1779 16.86 -22.91 15.35
C GLN B 1779 15.98 -24.04 14.85
N ILE B 1780 16.45 -24.77 13.85
CA ILE B 1780 15.71 -25.89 13.26
C ILE B 1780 16.68 -27.04 13.03
N ARG B 1781 16.22 -28.26 13.28
CA ARG B 1781 17.02 -29.46 13.08
C ARG B 1781 16.30 -30.45 12.19
N PRO B 1782 17.02 -31.22 11.39
CA PRO B 1782 16.37 -32.17 10.48
C PRO B 1782 16.04 -33.48 11.18
N PRO B 1783 15.02 -34.21 10.71
CA PRO B 1783 14.72 -35.53 11.28
C PRO B 1783 15.76 -36.57 10.90
N ILE B 1784 15.71 -37.70 11.61
CA ILE B 1784 16.61 -38.81 11.33
C ILE B 1784 16.26 -39.43 9.97
N TYR B 1785 17.25 -40.11 9.37
CA TYR B 1785 17.08 -40.72 8.06
C TYR B 1785 17.68 -42.12 8.06
N SER B 1786 17.11 -42.99 7.23
CA SER B 1786 17.62 -44.35 7.07
C SER B 1786 18.96 -44.34 6.36
N LEU B 1787 19.76 -45.39 6.62
CA LEU B 1787 21.10 -45.45 6.05
C LEU B 1787 21.05 -45.53 4.53
N LYS B 1788 20.13 -46.32 3.98
CA LYS B 1788 20.02 -46.41 2.52
C LYS B 1788 19.60 -45.07 1.92
N GLN B 1789 18.61 -44.42 2.53
CA GLN B 1789 18.20 -43.10 2.07
C GLN B 1789 19.34 -42.09 2.21
N THR B 1790 20.10 -42.18 3.31
CA THR B 1790 21.24 -41.29 3.48
C THR B 1790 22.28 -41.51 2.39
N ARG B 1791 22.53 -42.77 2.04
CA ARG B 1791 23.47 -43.07 0.96
C ARG B 1791 22.95 -42.55 -0.38
N LEU B 1792 21.64 -42.65 -0.61
CA LEU B 1792 21.08 -42.06 -1.83
C LEU B 1792 21.29 -40.56 -1.85
N ARG B 1793 21.08 -39.89 -0.71
CA ARG B 1793 21.31 -38.46 -0.65
C ARG B 1793 22.77 -38.11 -0.93
N LYS B 1794 23.69 -38.88 -0.34
CA LYS B 1794 25.12 -38.64 -0.59
C LYS B 1794 25.45 -38.85 -2.06
N ARG B 1795 24.88 -39.89 -2.67
CA ARG B 1795 25.10 -40.13 -4.09
C ARG B 1795 24.59 -38.96 -4.92
N MET B 1796 23.41 -38.44 -4.57
CA MET B 1796 22.88 -37.27 -5.28
C MET B 1796 23.80 -36.07 -5.13
N VAL B 1797 24.32 -35.84 -3.92
CA VAL B 1797 25.24 -34.74 -3.70
C VAL B 1797 26.47 -34.89 -4.60
N LYS B 1798 27.05 -36.09 -4.61
CA LYS B 1798 28.22 -36.32 -5.46
C LYS B 1798 27.88 -36.05 -6.92
N LYS B 1799 26.78 -36.61 -7.40
CA LYS B 1799 26.38 -36.44 -8.79
C LYS B 1799 26.24 -34.96 -9.14
N TYR B 1800 25.47 -34.23 -8.33
CA TYR B 1800 25.12 -32.86 -8.72
C TYR B 1800 26.28 -31.90 -8.51
N CYS B 1801 27.11 -32.12 -7.49
CA CYS B 1801 28.32 -31.30 -7.38
C CYS B 1801 29.26 -31.56 -8.55
N SER B 1802 29.37 -32.83 -8.99
CA SER B 1802 30.20 -33.12 -10.15
C SER B 1802 29.66 -32.43 -11.39
N LEU B 1803 28.34 -32.47 -11.60
CA LEU B 1803 27.75 -31.81 -12.75
C LEU B 1803 27.91 -30.30 -12.69
N TYR B 1804 27.76 -29.73 -11.48
CA TYR B 1804 27.93 -28.30 -11.30
C TYR B 1804 29.35 -27.87 -11.62
N PHE B 1805 30.34 -28.62 -11.12
CA PHE B 1805 31.73 -28.32 -11.45
C PHE B 1805 32.00 -28.53 -12.93
N LEU B 1806 31.36 -29.52 -13.55
CA LEU B 1806 31.52 -29.74 -14.98
C LEU B 1806 31.04 -28.52 -15.77
N VAL B 1807 29.86 -28.01 -15.44
CA VAL B 1807 29.35 -26.82 -16.12
C VAL B 1807 30.26 -25.63 -15.87
N LEU B 1808 30.70 -25.45 -14.63
CA LEU B 1808 31.58 -24.35 -14.29
C LEU B 1808 32.87 -24.43 -15.10
N ALA B 1809 33.45 -25.62 -15.21
CA ALA B 1809 34.67 -25.79 -15.98
C ALA B 1809 34.43 -25.54 -17.46
N ILE B 1810 33.27 -25.97 -17.99
CA ILE B 1810 32.97 -25.73 -19.39
C ILE B 1810 32.95 -24.23 -19.66
N PHE B 1811 32.27 -23.47 -18.79
CA PHE B 1811 32.21 -22.01 -18.98
C PHE B 1811 33.58 -21.38 -18.81
N ALA B 1812 34.34 -21.80 -17.79
CA ALA B 1812 35.65 -21.21 -17.55
C ALA B 1812 36.59 -21.46 -18.71
N GLY B 1813 36.55 -22.67 -19.28
CA GLY B 1813 37.29 -22.93 -20.50
C GLY B 1813 36.79 -22.09 -21.66
N CYS B 1814 35.48 -21.99 -21.83
CA CYS B 1814 34.93 -21.18 -22.92
C CYS B 1814 35.44 -19.76 -22.84
N ILE B 1815 35.69 -19.25 -21.64
CA ILE B 1815 36.16 -17.88 -21.50
C ILE B 1815 37.67 -17.78 -21.68
N ILE B 1816 38.44 -18.63 -21.00
CA ILE B 1816 39.90 -18.48 -20.98
C ILE B 1816 40.53 -19.09 -22.22
N GLY B 1817 40.15 -20.33 -22.56
CA GLY B 1817 40.74 -21.04 -23.67
C GLY B 1817 40.84 -20.23 -24.95
N PRO B 1818 39.77 -19.53 -25.36
CA PRO B 1818 39.91 -18.70 -26.58
C PRO B 1818 40.98 -17.64 -26.45
N ALA B 1819 41.14 -17.04 -25.27
CA ALA B 1819 42.21 -16.09 -25.06
C ALA B 1819 43.57 -16.76 -25.22
N VAL B 1820 43.73 -17.96 -24.67
CA VAL B 1820 44.99 -18.69 -24.80
C VAL B 1820 45.27 -19.02 -26.26
N ALA B 1821 44.25 -19.48 -26.98
CA ALA B 1821 44.42 -19.79 -28.40
C ALA B 1821 44.82 -18.56 -29.19
N SER B 1822 44.18 -17.42 -28.92
CA SER B 1822 44.50 -16.19 -29.61
C SER B 1822 45.93 -15.75 -29.31
N ALA B 1823 46.37 -15.89 -28.06
CA ALA B 1823 47.75 -15.59 -27.73
C ALA B 1823 48.69 -16.51 -28.48
N LYS B 1824 48.34 -17.80 -28.57
CA LYS B 1824 49.19 -18.76 -29.27
C LYS B 1824 49.28 -18.47 -30.76
N ILE B 1825 48.16 -18.13 -31.39
CA ILE B 1825 48.08 -17.97 -32.84
C ILE B 1825 48.01 -16.48 -33.16
N HIS B 1826 48.98 -16.00 -33.93
CA HIS B 1826 49.04 -14.58 -34.29
C HIS B 1826 47.86 -14.18 -35.17
N LYS B 1827 47.42 -12.94 -34.99
CA LYS B 1827 46.28 -12.43 -35.74
C LYS B 1827 46.63 -12.23 -37.21
N HIS B 1828 45.65 -12.46 -38.08
CA HIS B 1828 45.81 -12.25 -39.52
C HIS B 1828 44.45 -11.97 -40.14
N ILE B 1829 44.45 -11.11 -41.16
CA ILE B 1829 43.25 -10.76 -41.90
C ILE B 1829 43.57 -10.84 -43.39
N GLY B 1830 42.61 -11.32 -44.18
CA GLY B 1830 42.83 -11.41 -45.61
C GLY B 1830 41.56 -11.67 -46.38
N ASP B 1831 41.63 -11.42 -47.68
CA ASP B 1831 40.59 -11.81 -48.64
C ASP B 1831 39.20 -11.40 -48.15
N SER B 1832 38.97 -10.09 -48.13
CA SER B 1832 37.65 -9.51 -47.88
C SER B 1832 37.25 -8.71 -49.11
N LEU B 1833 36.11 -9.06 -49.71
CA LEU B 1833 35.68 -8.46 -50.97
C LEU B 1833 34.17 -8.29 -50.95
N ASP B 1834 33.60 -8.01 -52.11
CA ASP B 1834 32.16 -7.95 -52.30
C ASP B 1834 31.49 -6.99 -51.33
N GLY B 1835 32.11 -5.83 -51.13
CA GLY B 1835 31.55 -4.80 -50.27
C GLY B 1835 31.79 -5.04 -48.79
N VAL B 1836 31.82 -6.31 -48.40
CA VAL B 1836 32.14 -6.68 -47.02
C VAL B 1836 33.65 -6.67 -46.86
N VAL B 1837 34.19 -5.54 -46.42
CA VAL B 1837 35.62 -5.36 -46.27
C VAL B 1837 35.98 -5.45 -44.79
N HIS B 1838 37.01 -6.22 -44.49
CA HIS B 1838 37.55 -6.32 -43.15
C HIS B 1838 36.46 -6.62 -42.11
N ASN B 1839 35.58 -7.57 -42.46
CA ASN B 1839 34.58 -8.01 -41.49
C ASN B 1839 35.24 -8.30 -40.16
N LEU B 1840 36.20 -9.22 -40.14
CA LEU B 1840 37.09 -9.33 -38.99
C LEU B 1840 37.81 -8.01 -38.81
N PHE B 1841 37.92 -7.55 -37.57
CA PHE B 1841 38.44 -6.21 -37.33
C PHE B 1841 39.79 -6.05 -38.01
N GLN B 1842 39.92 -4.96 -38.76
CA GLN B 1842 40.93 -4.82 -39.80
C GLN B 1842 42.35 -5.05 -39.32
N PRO B 1843 42.87 -4.24 -38.40
CA PRO B 1843 44.32 -4.24 -38.16
C PRO B 1843 44.77 -5.23 -37.10
N ILE B 1844 45.89 -5.91 -37.35
CA ILE B 1844 46.55 -6.64 -36.29
C ILE B 1844 47.40 -5.70 -35.44
N ASN B 1845 48.01 -4.71 -36.08
CA ASN B 1845 48.83 -3.72 -35.41
C ASN B 1845 48.32 -2.33 -35.77
N THR B 1846 48.48 -1.40 -34.83
CA THR B 1846 47.94 -0.05 -34.99
C THR B 1846 48.71 0.90 -34.09
N THR B 1847 49.13 2.03 -34.65
CA THR B 1847 49.86 3.02 -33.87
C THR B 1847 48.91 3.78 -32.94
N ASN B 1848 47.90 4.44 -33.50
CA ASN B 1848 46.88 5.13 -32.71
C ASN B 1848 47.48 6.22 -31.82
N ASN B 1849 48.44 6.97 -32.38
CA ASN B 1849 49.08 8.05 -31.63
C ASN B 1849 49.52 9.11 -32.63
N ASP B 1850 48.73 10.17 -32.76
CA ASP B 1850 49.04 11.32 -33.61
C ASP B 1850 49.33 12.51 -32.69
N THR B 1851 50.60 12.87 -32.58
CA THR B 1851 51.00 14.03 -31.77
C THR B 1851 52.37 14.49 -32.27
N GLY B 1852 52.79 15.64 -31.76
CA GLY B 1852 54.01 16.26 -32.25
C GLY B 1852 53.85 16.73 -33.67
N SER B 1853 54.67 16.21 -34.59
CA SER B 1853 54.56 16.53 -36.01
C SER B 1853 54.72 18.03 -36.27
N GLN B 1854 55.49 18.70 -35.43
CA GLN B 1854 55.76 20.14 -35.59
C GLN B 1854 54.42 20.87 -35.64
N MET B 1855 54.26 21.85 -36.54
CA MET B 1855 53.01 22.60 -36.61
C MET B 1855 51.85 21.72 -37.06
N SER B 1856 52.07 20.85 -38.04
CA SER B 1856 50.99 20.06 -38.59
C SER B 1856 50.48 19.04 -37.58
N THR B 1857 49.20 18.69 -37.72
CA THR B 1857 48.56 17.70 -36.89
C THR B 1857 47.89 16.66 -37.80
N TYR B 1858 48.06 15.39 -37.47
CA TYR B 1858 47.58 14.28 -38.28
C TYR B 1858 48.26 14.23 -39.64
#